data_9DM0
#
_entry.id   9DM0
#
loop_
_entity.id
_entity.type
_entity.pdbx_description
1 polymer 'Fab light chain'
2 polymer 'Fab heavy chain'
3 polymer Hemagglutinin
4 polymer Hemagglutinin
5 branched 2-acetamido-2-deoxy-beta-D-glucopyranose-(1-4)-2-acetamido-2-deoxy-beta-D-glucopyranose
6 non-polymer 2-acetamido-2-deoxy-beta-D-glucopyranose
#
loop_
_entity_poly.entity_id
_entity_poly.type
_entity_poly.pdbx_seq_one_letter_code
_entity_poly.pdbx_strand_id
1 'polypeptide(L)'
;EIVLTQSPGTLSLSPGERATLSCRASESVSTYLAWYQKKPGQAPRLLIYDASHRATGIPARFSGSGSGTDFTLTISSLES
EDFGVYYCQQRSNWPPITFGQGTRLEIK
;
D
2 'polypeptide(L)'
;QVQLVESGGGVVQPGRSLRLSCAASGFTFRIYAMHWVRQAPGKGLEWVAVISNEGTNKYYADSVKGRFTISRDNSKNTLY
LQMNSLRPEDAAVYYCARDPSNPPHWGNFDSWGQGTLVTVSS
;
C
3 'polypeptide(L)'
;GDTLCIGYHANNSTDTVDTVLEKNVTVTHSVNLLEDKHNGKLCKLRGVAPLHLGKCNIAGWILGNPECESLSTASSWSYI
VETPSSDNGTCYPGDFIDYEELREQLSSVSSFERFEIFPKTSSWPNHDSNKGVTAACPHAGAKSFYKNLIWLVKKGNSYP
KLSKSYINDKGKEVLVLWGIHHPSTSADQQSLYQNADTYVFVGSSRYSKKFKPEIAIRPKVRDQEGRMNYYWTLVEPGDK
ITFEATGNLVVPRYAFAMERNAGSGIIISDTPVHDCNTTCQTPKGAINTSLPFQNIHPITIGKCPKYVKSTKLRLATGLR
NIPS
;
A,E,F
4 'polypeptide(L)'
;IQSRGLFGAIAGFIEGGWTGMVDGWYGYHHQNEQGSGYAADLKSTQNAIDKITNKVNSVIEKMNTQFTAVGKEFNHLEKR
IENLNKKVDDGFLDIWTYNAELLVLLENERTLDYHDSNVKNLYEKVRSQLKNNAKEIGNGCFEFYHKCDNTCMESVKNGT
YDYPKYSEEAKLNREEIDGSGYIPEAPRDGQAYVRKDGEWVLLSTFLGSGLNDIFEAQKIEWHEGHHHHHH
;
B,G,I
#
# COMPACT_ATOMS: atom_id res chain seq x y z
N GLU A 1 -15.70 -57.10 5.58
CA GLU A 1 -14.35 -56.68 5.18
C GLU A 1 -14.34 -56.27 3.71
N ILE A 2 -13.33 -55.49 3.32
CA ILE A 2 -13.18 -55.06 1.93
C ILE A 2 -12.56 -56.22 1.17
N VAL A 3 -13.38 -56.96 0.42
CA VAL A 3 -12.88 -58.06 -0.39
C VAL A 3 -12.10 -57.51 -1.58
N LEU A 4 -11.14 -58.29 -2.05
CA LEU A 4 -10.22 -57.86 -3.10
C LEU A 4 -10.17 -58.95 -4.16
N THR A 5 -10.74 -58.66 -5.33
CA THR A 5 -10.82 -59.61 -6.43
C THR A 5 -9.82 -59.22 -7.51
N GLN A 6 -8.91 -60.14 -7.84
CA GLN A 6 -7.87 -59.89 -8.82
C GLN A 6 -8.28 -60.46 -10.16
N SER A 7 -8.15 -59.64 -11.22
CA SER A 7 -8.47 -60.05 -12.58
C SER A 7 -7.32 -59.64 -13.49
N PRO A 8 -6.83 -60.54 -14.35
CA PRO A 8 -7.25 -61.92 -14.58
C PRO A 8 -6.64 -62.89 -13.55
N GLY A 9 -7.12 -64.14 -13.50
CA GLY A 9 -6.57 -65.11 -12.58
C GLY A 9 -5.19 -65.61 -12.95
N THR A 10 -4.82 -65.51 -14.23
CA THR A 10 -3.50 -65.93 -14.68
C THR A 10 -3.11 -65.07 -15.87
N LEU A 11 -1.96 -64.41 -15.79
CA LEU A 11 -1.44 -63.58 -16.86
C LEU A 11 -0.21 -64.28 -17.45
N SER A 12 -0.32 -64.70 -18.71
CA SER A 12 0.75 -65.41 -19.41
C SER A 12 1.35 -64.46 -20.44
N LEU A 13 2.60 -64.04 -20.21
CA LEU A 13 3.26 -63.09 -21.08
C LEU A 13 4.71 -63.48 -21.27
N SER A 14 5.26 -63.10 -22.43
CA SER A 14 6.68 -63.25 -22.71
C SER A 14 7.46 -62.13 -22.02
N PRO A 15 8.73 -62.37 -21.68
CA PRO A 15 9.55 -61.28 -21.13
C PRO A 15 9.84 -60.20 -22.16
N GLY A 16 9.97 -58.97 -21.68
CA GLY A 16 10.33 -57.84 -22.51
C GLY A 16 9.18 -56.94 -22.93
N GLU A 17 7.97 -57.18 -22.44
CA GLU A 17 6.81 -56.39 -22.82
C GLU A 17 6.11 -55.83 -21.59
N ARG A 18 4.96 -55.19 -21.82
CA ARG A 18 4.19 -54.58 -20.75
C ARG A 18 3.26 -55.59 -20.08
N ALA A 19 3.10 -55.46 -18.78
CA ALA A 19 2.21 -56.32 -18.00
C ALA A 19 1.28 -55.46 -17.16
N THR A 20 0.01 -55.85 -17.10
CA THR A 20 -0.97 -55.16 -16.26
C THR A 20 -1.67 -56.18 -15.35
N LEU A 21 -1.98 -55.73 -14.14
CA LEU A 21 -2.57 -56.58 -13.12
C LEU A 21 -3.57 -55.74 -12.33
N SER A 22 -4.83 -56.19 -12.29
CA SER A 22 -5.90 -55.44 -11.64
C SER A 22 -6.33 -56.12 -10.35
N CYS A 23 -6.86 -55.32 -9.42
CA CYS A 23 -7.40 -55.82 -8.16
C CYS A 23 -8.52 -54.88 -7.74
N ARG A 24 -9.76 -55.29 -7.96
CA ARG A 24 -10.92 -54.48 -7.64
C ARG A 24 -11.22 -54.55 -6.14
N ALA A 25 -11.91 -53.53 -5.63
CA ALA A 25 -12.26 -53.42 -4.23
C ALA A 25 -13.76 -53.21 -4.08
N SER A 26 -14.35 -53.81 -3.06
CA SER A 26 -15.77 -53.59 -2.79
C SER A 26 -16.04 -52.23 -2.17
N GLU A 27 -15.10 -51.72 -1.37
CA GLU A 27 -15.21 -50.43 -0.74
C GLU A 27 -14.06 -49.55 -1.23
N SER A 28 -14.33 -48.25 -1.39
CA SER A 28 -13.29 -47.29 -1.76
C SER A 28 -12.25 -47.19 -0.65
N VAL A 29 -11.01 -47.56 -0.97
CA VAL A 29 -9.93 -47.57 0.00
C VAL A 29 -9.10 -46.29 -0.07
N SER A 30 -9.67 -45.22 -0.64
CA SER A 30 -9.02 -43.94 -0.94
C SER A 30 -7.77 -44.16 -1.78
N THR A 31 -6.61 -44.18 -1.14
CA THR A 31 -5.36 -44.50 -1.83
C THR A 31 -4.54 -45.54 -1.10
N TYR A 32 -5.04 -46.08 0.02
CA TYR A 32 -4.27 -46.96 0.89
C TYR A 32 -4.29 -48.39 0.33
N LEU A 33 -3.58 -48.58 -0.78
CA LEU A 33 -3.47 -49.88 -1.39
C LEU A 33 -2.04 -50.15 -1.83
N ALA A 34 -1.61 -51.39 -1.64
CA ALA A 34 -0.25 -51.81 -1.92
C ALA A 34 -0.26 -53.13 -2.68
N TRP A 35 0.91 -53.51 -3.19
CA TRP A 35 1.07 -54.73 -3.98
C TRP A 35 2.28 -55.53 -3.50
N TYR A 36 2.20 -56.85 -3.66
CA TYR A 36 3.24 -57.74 -3.17
C TYR A 36 3.59 -58.78 -4.23
N GLN A 37 4.78 -59.36 -4.08
CA GLN A 37 5.33 -60.33 -5.01
C GLN A 37 5.66 -61.60 -4.23
N LYS A 38 5.64 -62.74 -4.91
CA LYS A 38 5.87 -64.01 -4.21
C LYS A 38 6.52 -65.00 -5.17
N LYS A 39 7.84 -65.15 -5.05
CA LYS A 39 8.53 -66.24 -5.73
C LYS A 39 8.19 -67.56 -5.05
N PRO A 40 8.24 -68.67 -5.78
CA PRO A 40 8.06 -69.98 -5.13
C PRO A 40 9.26 -70.35 -4.28
N GLY A 41 9.10 -70.29 -2.95
CA GLY A 41 10.15 -70.62 -2.01
C GLY A 41 10.81 -69.42 -1.36
N GLN A 42 10.57 -68.22 -1.85
CA GLN A 42 11.16 -67.01 -1.28
C GLN A 42 10.15 -66.25 -0.44
N ALA A 43 10.65 -65.24 0.27
CA ALA A 43 9.84 -64.37 1.10
C ALA A 43 9.11 -63.35 0.22
N PRO A 44 7.96 -62.85 0.67
CA PRO A 44 7.29 -61.76 -0.03
C PRO A 44 8.08 -60.45 0.04
N ARG A 45 7.77 -59.56 -0.90
CA ARG A 45 8.52 -58.31 -1.07
C ARG A 45 7.53 -57.18 -1.30
N LEU A 46 7.75 -56.05 -0.62
CA LEU A 46 6.90 -54.87 -0.78
C LEU A 46 7.48 -53.99 -1.89
N LEU A 47 6.73 -53.85 -2.97
CA LEU A 47 7.19 -53.08 -4.13
C LEU A 47 6.67 -51.65 -4.09
N ILE A 48 5.35 -51.49 -4.09
CA ILE A 48 4.71 -50.19 -4.03
C ILE A 48 3.76 -50.17 -2.86
N TYR A 49 3.70 -49.03 -2.16
CA TYR A 49 2.77 -48.82 -1.06
C TYR A 49 2.02 -47.52 -1.30
N ASP A 50 0.76 -47.49 -0.85
CA ASP A 50 -0.19 -46.39 -1.05
C ASP A 50 -0.44 -46.10 -2.53
N ALA A 51 -0.28 -47.12 -3.38
CA ALA A 51 -0.59 -47.18 -4.80
C ALA A 51 0.24 -46.24 -5.68
N SER A 52 1.13 -45.45 -5.09
CA SER A 52 1.97 -44.53 -5.86
C SER A 52 3.42 -44.48 -5.41
N HIS A 53 3.74 -44.85 -4.19
CA HIS A 53 5.09 -44.72 -3.65
C HIS A 53 5.80 -46.07 -3.72
N ARG A 54 6.94 -46.11 -4.40
CA ARG A 54 7.74 -47.31 -4.48
C ARG A 54 8.70 -47.38 -3.30
N ALA A 55 8.98 -48.59 -2.83
CA ALA A 55 9.85 -48.76 -1.68
C ALA A 55 11.31 -48.66 -2.08
N THR A 56 12.17 -48.50 -1.08
CA THR A 56 13.60 -48.42 -1.31
C THR A 56 14.15 -49.80 -1.68
N GLY A 57 14.99 -49.86 -2.71
CA GLY A 57 15.49 -51.11 -3.23
C GLY A 57 14.63 -51.75 -4.29
N ILE A 58 13.49 -51.15 -4.62
CA ILE A 58 12.59 -51.65 -5.66
C ILE A 58 12.99 -51.02 -6.98
N PRO A 59 13.09 -51.80 -8.07
CA PRO A 59 13.36 -51.21 -9.38
C PRO A 59 12.20 -50.32 -9.85
N ALA A 60 12.54 -49.35 -10.69
CA ALA A 60 11.60 -48.34 -11.14
C ALA A 60 10.64 -48.86 -12.21
N ARG A 61 10.80 -50.10 -12.67
CA ARG A 61 9.93 -50.66 -13.70
C ARG A 61 8.54 -51.01 -13.18
N PHE A 62 8.33 -51.04 -11.87
CA PHE A 62 7.03 -51.33 -11.29
C PHE A 62 6.34 -50.02 -10.91
N SER A 63 5.08 -49.89 -11.32
CA SER A 63 4.32 -48.68 -11.05
C SER A 63 2.84 -49.03 -10.91
N GLY A 64 2.18 -48.39 -9.96
CA GLY A 64 0.77 -48.66 -9.73
C GLY A 64 -0.11 -47.45 -9.93
N SER A 65 -1.41 -47.68 -10.07
CA SER A 65 -2.37 -46.60 -10.28
C SER A 65 -3.71 -47.02 -9.68
N GLY A 66 -4.56 -46.03 -9.46
CA GLY A 66 -5.89 -46.27 -8.93
C GLY A 66 -6.17 -45.45 -7.70
N SER A 67 -7.44 -45.13 -7.49
CA SER A 67 -7.86 -44.38 -6.30
C SER A 67 -9.33 -44.69 -6.06
N GLY A 68 -9.62 -45.41 -4.98
CA GLY A 68 -10.99 -45.78 -4.67
C GLY A 68 -11.31 -47.23 -4.91
N THR A 69 -11.98 -47.53 -6.02
CA THR A 69 -12.45 -48.88 -6.30
C THR A 69 -11.47 -49.67 -7.18
N ASP A 70 -11.17 -49.16 -8.37
CA ASP A 70 -10.35 -49.88 -9.34
C ASP A 70 -8.88 -49.54 -9.13
N PHE A 71 -8.05 -50.58 -9.04
CA PHE A 71 -6.61 -50.42 -8.87
C PHE A 71 -5.87 -51.33 -9.83
N THR A 72 -4.85 -50.79 -10.49
CA THR A 72 -4.06 -51.53 -11.47
C THR A 72 -2.59 -51.39 -11.16
N LEU A 73 -1.84 -52.46 -11.42
CA LEU A 73 -0.38 -52.47 -11.31
C LEU A 73 0.21 -52.67 -12.69
N THR A 74 1.17 -51.83 -13.06
CA THR A 74 1.78 -51.85 -14.38
C THR A 74 3.28 -52.08 -14.26
N ILE A 75 3.79 -53.07 -14.97
CA ILE A 75 5.22 -53.34 -15.07
C ILE A 75 5.68 -52.88 -16.44
N SER A 76 6.64 -51.94 -16.47
CA SER A 76 7.07 -51.37 -17.74
C SER A 76 7.93 -52.33 -18.55
N SER A 77 8.77 -53.12 -17.88
CA SER A 77 9.64 -54.08 -18.56
C SER A 77 9.60 -55.40 -17.80
N LEU A 78 9.21 -56.47 -18.49
CA LEU A 78 9.16 -57.80 -17.89
C LEU A 78 10.53 -58.44 -18.04
N GLU A 79 11.30 -58.44 -16.97
CA GLU A 79 12.59 -59.13 -16.96
C GLU A 79 12.39 -60.58 -16.52
N SER A 80 13.50 -61.31 -16.42
CA SER A 80 13.42 -62.73 -16.09
C SER A 80 13.11 -62.98 -14.62
N GLU A 81 13.37 -62.01 -13.75
CA GLU A 81 13.13 -62.16 -12.32
C GLU A 81 11.77 -61.66 -11.89
N ASP A 82 10.96 -61.12 -12.81
CA ASP A 82 9.67 -60.55 -12.47
C ASP A 82 8.54 -61.57 -12.46
N PHE A 83 8.81 -62.82 -12.79
CA PHE A 83 7.76 -63.83 -12.87
C PHE A 83 7.46 -64.40 -11.48
N GLY A 84 6.17 -64.52 -11.17
CA GLY A 84 5.76 -65.03 -9.87
C GLY A 84 4.27 -64.86 -9.68
N VAL A 85 3.85 -64.93 -8.42
CA VAL A 85 2.45 -64.76 -8.04
C VAL A 85 2.32 -63.45 -7.28
N TYR A 86 1.41 -62.59 -7.73
CA TYR A 86 1.31 -61.23 -7.22
C TYR A 86 0.02 -61.05 -6.42
N TYR A 87 0.10 -60.24 -5.37
CA TYR A 87 -1.02 -60.04 -4.45
C TYR A 87 -1.24 -58.55 -4.21
N CYS A 88 -2.49 -58.20 -3.89
CA CYS A 88 -2.86 -56.82 -3.60
C CYS A 88 -3.23 -56.67 -2.12
N GLN A 89 -2.97 -55.49 -1.59
CA GLN A 89 -3.00 -55.18 -0.17
C GLN A 89 -3.97 -54.04 0.13
N GLN A 90 -4.89 -54.26 1.05
CA GLN A 90 -5.73 -53.18 1.54
C GLN A 90 -5.41 -52.91 3.00
N ARG A 91 -5.50 -51.63 3.39
CA ARG A 91 -5.31 -51.28 4.79
C ARG A 91 -6.25 -50.17 5.25
N SER A 92 -7.33 -49.91 4.51
CA SER A 92 -8.22 -48.80 4.85
C SER A 92 -9.15 -49.17 6.00
N ASN A 93 -10.02 -50.16 5.79
CA ASN A 93 -10.94 -50.65 6.81
C ASN A 93 -10.47 -52.07 7.13
N TRP A 94 -9.56 -52.19 8.10
CA TRP A 94 -9.06 -53.49 8.52
C TRP A 94 -9.17 -53.61 10.04
N PRO A 95 -10.13 -54.40 10.52
CA PRO A 95 -9.83 -55.32 11.61
C PRO A 95 -9.30 -56.66 11.08
N PRO A 96 -9.78 -57.19 9.94
CA PRO A 96 -8.90 -58.10 9.18
C PRO A 96 -8.23 -57.42 8.00
N ILE A 97 -6.95 -57.73 7.83
CA ILE A 97 -6.25 -57.40 6.61
C ILE A 97 -6.61 -58.43 5.54
N THR A 98 -7.10 -57.95 4.39
CA THR A 98 -7.60 -58.81 3.33
C THR A 98 -6.65 -58.72 2.14
N PHE A 99 -6.19 -59.88 1.68
CA PHE A 99 -5.38 -59.98 0.47
C PHE A 99 -6.26 -60.29 -0.73
N GLY A 100 -5.67 -60.16 -1.91
CA GLY A 100 -6.31 -60.67 -3.11
C GLY A 100 -6.09 -62.17 -3.26
N GLN A 101 -6.84 -62.75 -4.20
CA GLN A 101 -6.72 -64.18 -4.46
C GLN A 101 -5.44 -64.53 -5.21
N GLY A 102 -4.80 -63.56 -5.84
CA GLY A 102 -3.52 -63.80 -6.48
C GLY A 102 -3.63 -63.84 -7.99
N THR A 103 -2.58 -63.36 -8.66
CA THR A 103 -2.48 -63.43 -10.11
C THR A 103 -1.14 -64.07 -10.45
N ARG A 104 -1.17 -65.29 -10.98
CA ARG A 104 0.04 -66.03 -11.30
C ARG A 104 0.58 -65.52 -12.64
N LEU A 105 1.72 -64.84 -12.60
CA LEU A 105 2.35 -64.26 -13.77
C LEU A 105 3.49 -65.18 -14.19
N GLU A 106 3.39 -65.76 -15.38
CA GLU A 106 4.24 -66.86 -15.81
C GLU A 106 4.90 -66.53 -17.16
N ILE A 107 5.62 -67.51 -17.69
CA ILE A 107 6.28 -67.41 -18.98
C ILE A 107 5.45 -68.17 -20.00
N LYS A 108 5.11 -67.52 -21.11
CA LYS A 108 4.40 -68.20 -22.19
C LYS A 108 5.36 -68.56 -23.32
N GLN B 1 21.38 -54.31 8.41
CA GLN B 1 20.11 -54.50 7.75
C GLN B 1 19.09 -55.11 8.71
N VAL B 2 17.92 -55.47 8.18
CA VAL B 2 16.86 -56.07 8.97
C VAL B 2 16.87 -57.58 8.74
N GLN B 3 16.77 -58.35 9.83
CA GLN B 3 16.73 -59.80 9.77
C GLN B 3 15.61 -60.31 10.66
N LEU B 4 14.81 -61.23 10.13
CA LEU B 4 13.71 -61.84 10.87
C LEU B 4 13.82 -63.36 10.65
N VAL B 5 14.25 -64.07 11.68
CA VAL B 5 14.46 -65.52 11.60
C VAL B 5 13.38 -66.20 12.41
N GLU B 6 12.63 -67.09 11.76
CA GLU B 6 11.52 -67.79 12.39
C GLU B 6 11.97 -69.15 12.90
N SER B 7 11.22 -69.65 13.88
CA SER B 7 11.46 -70.96 14.47
C SER B 7 10.17 -71.45 15.10
N GLY B 8 10.14 -72.75 15.43
CA GLY B 8 8.99 -73.35 16.08
C GLY B 8 8.09 -74.15 15.17
N GLY B 9 8.35 -74.19 13.87
CA GLY B 9 7.53 -74.98 12.98
C GLY B 9 7.79 -76.46 13.13
N GLY B 10 6.79 -77.25 12.74
CA GLY B 10 6.90 -78.69 12.83
C GLY B 10 5.56 -79.36 12.58
N VAL B 11 5.54 -80.67 12.82
CA VAL B 11 4.36 -81.49 12.63
C VAL B 11 3.66 -81.66 13.97
N VAL B 12 2.38 -81.31 14.02
CA VAL B 12 1.60 -81.38 15.24
C VAL B 12 0.23 -81.96 14.91
N GLN B 13 -0.32 -82.75 15.85
CA GLN B 13 -1.65 -83.29 15.69
C GLN B 13 -2.70 -82.19 15.84
N PRO B 14 -3.88 -82.36 15.24
CA PRO B 14 -4.98 -81.43 15.52
C PRO B 14 -5.45 -81.54 16.95
N GLY B 15 -5.89 -80.39 17.48
CA GLY B 15 -6.37 -80.33 18.85
C GLY B 15 -5.31 -80.08 19.90
N ARG B 16 -4.04 -80.04 19.51
CA ARG B 16 -2.94 -79.82 20.45
C ARG B 16 -2.65 -78.33 20.55
N SER B 17 -1.49 -77.99 21.12
CA SER B 17 -1.03 -76.61 21.22
C SER B 17 0.39 -76.52 20.68
N LEU B 18 0.64 -75.48 19.88
CA LEU B 18 1.92 -75.24 19.24
C LEU B 18 2.29 -73.78 19.45
N ARG B 19 3.58 -73.47 19.48
CA ARG B 19 4.07 -72.11 19.59
C ARG B 19 5.18 -71.87 18.58
N LEU B 20 5.14 -70.73 17.90
CA LEU B 20 6.25 -70.27 17.08
C LEU B 20 6.91 -69.05 17.70
N SER B 21 8.02 -68.65 17.09
CA SER B 21 8.77 -67.48 17.50
C SER B 21 9.41 -66.85 16.27
N CYS B 22 9.73 -65.56 16.38
CA CYS B 22 10.36 -64.81 15.29
C CYS B 22 11.46 -63.94 15.88
N ALA B 23 12.71 -64.33 15.65
CA ALA B 23 13.84 -63.58 16.20
C ALA B 23 14.19 -62.40 15.30
N ALA B 24 14.29 -61.22 15.90
CA ALA B 24 14.58 -59.99 15.18
C ALA B 24 15.96 -59.47 15.54
N SER B 25 16.62 -58.85 14.57
CA SER B 25 17.94 -58.29 14.77
C SER B 25 18.17 -57.16 13.77
N GLY B 26 19.15 -56.32 14.08
CA GLY B 26 19.53 -55.22 13.21
C GLY B 26 18.67 -53.98 13.32
N PHE B 27 17.68 -53.97 14.20
CA PHE B 27 16.78 -52.83 14.35
C PHE B 27 16.18 -52.87 15.74
N THR B 28 15.64 -51.71 16.16
CA THR B 28 14.99 -51.62 17.46
C THR B 28 13.63 -52.28 17.41
N PHE B 29 13.47 -53.34 18.20
CA PHE B 29 12.26 -54.16 18.15
C PHE B 29 11.06 -53.45 18.78
N ARG B 30 11.31 -52.52 19.70
CA ARG B 30 10.26 -51.95 20.53
C ARG B 30 9.59 -50.72 19.93
N ILE B 31 9.99 -50.28 18.74
CA ILE B 31 9.37 -49.12 18.11
C ILE B 31 8.60 -49.47 16.85
N TYR B 32 8.64 -50.73 16.41
CA TYR B 32 7.96 -51.16 15.21
C TYR B 32 6.94 -52.24 15.56
N ALA B 33 5.75 -52.12 14.99
CA ALA B 33 4.70 -53.13 15.22
C ALA B 33 5.02 -54.39 14.45
N MET B 34 4.50 -55.52 14.93
CA MET B 34 4.80 -56.83 14.38
C MET B 34 3.53 -57.53 13.93
N HIS B 35 3.72 -58.44 12.97
CA HIS B 35 2.66 -59.10 12.25
C HIS B 35 2.93 -60.59 12.16
N TRP B 36 1.92 -61.32 11.68
CA TRP B 36 2.10 -62.70 11.24
C TRP B 36 1.26 -62.90 9.99
N VAL B 37 1.86 -63.43 8.93
CA VAL B 37 1.17 -63.67 7.66
C VAL B 37 1.36 -65.14 7.28
N ARG B 38 0.27 -65.82 6.96
CA ARG B 38 0.32 -67.21 6.52
C ARG B 38 -0.13 -67.35 5.07
N GLN B 39 0.24 -68.49 4.48
CA GLN B 39 -0.18 -68.83 3.12
C GLN B 39 -0.49 -70.33 3.09
N ALA B 40 -1.76 -70.67 2.99
CA ALA B 40 -2.16 -72.06 2.93
C ALA B 40 -1.79 -72.66 1.58
N PRO B 41 -1.49 -73.96 1.53
CA PRO B 41 -1.25 -74.61 0.23
C PRO B 41 -2.52 -74.68 -0.60
N GLY B 42 -2.43 -74.21 -1.85
CA GLY B 42 -3.59 -74.09 -2.70
C GLY B 42 -4.39 -72.82 -2.51
N LYS B 43 -3.94 -71.92 -1.65
CA LYS B 43 -4.64 -70.67 -1.36
C LYS B 43 -3.67 -69.50 -1.52
N GLY B 44 -4.17 -68.30 -1.21
CA GLY B 44 -3.35 -67.10 -1.22
C GLY B 44 -2.83 -66.77 0.17
N LEU B 45 -2.20 -65.59 0.26
CA LEU B 45 -1.74 -65.08 1.54
C LEU B 45 -2.91 -64.72 2.42
N GLU B 46 -2.82 -65.07 3.71
CA GLU B 46 -3.86 -64.74 4.68
C GLU B 46 -3.22 -64.12 5.90
N TRP B 47 -3.71 -62.95 6.30
CA TRP B 47 -3.21 -62.27 7.49
C TRP B 47 -3.67 -62.99 8.74
N VAL B 48 -2.77 -63.10 9.73
CA VAL B 48 -3.02 -63.86 10.94
C VAL B 48 -3.26 -62.95 12.14
N ALA B 49 -2.25 -62.14 12.49
CA ALA B 49 -2.34 -61.37 13.74
C ALA B 49 -1.44 -60.15 13.66
N VAL B 50 -1.69 -59.22 14.57
CA VAL B 50 -0.88 -58.01 14.71
C VAL B 50 -0.67 -57.75 16.21
N ILE B 51 0.54 -57.35 16.56
CA ILE B 51 0.84 -56.82 17.87
C ILE B 51 1.50 -55.46 17.68
N SER B 52 1.34 -54.58 18.67
CA SER B 52 1.87 -53.23 18.57
C SER B 52 3.35 -53.21 18.95
N ASN B 53 3.91 -52.01 18.99
CA ASN B 53 5.31 -51.87 19.37
C ASN B 53 5.52 -52.07 20.87
N GLU B 54 4.50 -51.79 21.67
CA GLU B 54 4.55 -52.04 23.11
C GLU B 54 3.69 -53.23 23.53
N GLY B 55 3.03 -53.89 22.59
CA GLY B 55 2.28 -55.11 22.87
C GLY B 55 1.05 -54.95 23.73
N THR B 56 0.23 -53.93 23.47
CA THR B 56 -0.97 -53.69 24.26
C THR B 56 -2.24 -54.14 23.55
N ASN B 57 -2.47 -53.66 22.33
CA ASN B 57 -3.66 -54.02 21.57
C ASN B 57 -3.35 -55.11 20.54
N LYS B 58 -4.28 -56.05 20.42
CA LYS B 58 -4.08 -57.29 19.68
C LYS B 58 -5.29 -57.56 18.81
N TYR B 59 -5.05 -57.92 17.54
CA TYR B 59 -6.12 -58.29 16.63
C TYR B 59 -5.77 -59.59 15.93
N TYR B 60 -6.78 -60.42 15.69
CA TYR B 60 -6.63 -61.69 14.99
C TYR B 60 -7.63 -61.74 13.85
N ALA B 61 -7.41 -62.68 12.93
CA ALA B 61 -8.36 -62.85 11.84
C ALA B 61 -9.63 -63.52 12.34
N ASP B 62 -10.67 -63.49 11.51
CA ASP B 62 -11.98 -64.01 11.90
C ASP B 62 -11.97 -65.52 12.04
N SER B 63 -11.20 -66.22 11.21
CA SER B 63 -11.12 -67.67 11.30
C SER B 63 -10.33 -68.13 12.52
N VAL B 64 -9.30 -67.38 12.91
CA VAL B 64 -8.39 -67.80 13.95
C VAL B 64 -8.68 -67.06 15.26
N LYS B 65 -9.82 -66.41 15.37
CA LYS B 65 -10.16 -65.65 16.57
C LYS B 65 -10.50 -66.59 17.73
N GLY B 66 -9.99 -66.25 18.91
CA GLY B 66 -10.20 -67.03 20.12
C GLY B 66 -9.18 -68.13 20.32
N ARG B 67 -8.85 -68.85 19.25
CA ARG B 67 -7.86 -69.91 19.31
C ARG B 67 -6.43 -69.38 19.37
N PHE B 68 -6.20 -68.15 18.94
CA PHE B 68 -4.86 -67.63 18.71
C PHE B 68 -4.53 -66.59 19.78
N THR B 69 -3.24 -66.45 20.05
CA THR B 69 -2.75 -65.47 21.02
C THR B 69 -1.36 -65.04 20.63
N ILE B 70 -1.20 -63.76 20.29
CA ILE B 70 0.10 -63.18 19.95
C ILE B 70 0.71 -62.57 21.21
N SER B 71 2.04 -62.61 21.28
CA SER B 71 2.78 -62.01 22.38
C SER B 71 4.17 -61.67 21.89
N ARG B 72 4.84 -60.77 22.60
CA ARG B 72 6.19 -60.36 22.23
C ARG B 72 7.00 -60.10 23.49
N ASP B 73 8.32 -60.18 23.34
CA ASP B 73 9.28 -59.90 24.40
C ASP B 73 10.25 -58.85 23.87
N ASN B 74 10.05 -57.59 24.28
CA ASN B 74 10.87 -56.50 23.79
C ASN B 74 12.29 -56.54 24.34
N SER B 75 12.49 -57.15 25.51
CA SER B 75 13.84 -57.26 26.06
C SER B 75 14.65 -58.32 25.31
N LYS B 76 14.02 -59.43 24.96
CA LYS B 76 14.67 -60.51 24.22
C LYS B 76 14.59 -60.34 22.71
N ASN B 77 13.90 -59.28 22.24
CA ASN B 77 13.74 -58.95 20.82
C ASN B 77 13.13 -60.09 20.02
N THR B 78 12.07 -60.68 20.57
CA THR B 78 11.49 -61.91 20.02
C THR B 78 9.97 -61.82 20.02
N LEU B 79 9.37 -62.10 18.86
CA LEU B 79 7.93 -62.22 18.67
C LEU B 79 7.49 -63.66 18.96
N TYR B 80 6.20 -63.83 19.25
CA TYR B 80 5.64 -65.15 19.54
C TYR B 80 4.23 -65.26 18.95
N LEU B 81 3.73 -66.50 18.91
CA LEU B 81 2.35 -66.78 18.55
C LEU B 81 1.99 -68.11 19.19
N GLN B 82 0.80 -68.19 19.78
CA GLN B 82 0.33 -69.41 20.45
C GLN B 82 -1.00 -69.82 19.87
N MET B 83 -1.16 -71.11 19.56
CA MET B 83 -2.42 -71.67 19.11
C MET B 83 -2.95 -72.69 20.12
N ASN B 84 -4.26 -72.77 20.23
CA ASN B 84 -4.94 -73.82 20.95
C ASN B 84 -6.06 -74.37 20.08
N SER B 85 -6.15 -75.71 20.01
CA SER B 85 -7.15 -76.45 19.23
C SER B 85 -7.09 -76.09 17.75
N LEU B 86 -5.98 -76.49 17.12
CA LEU B 86 -5.74 -76.21 15.72
C LEU B 86 -6.72 -76.96 14.82
N ARG B 87 -6.73 -76.57 13.55
CA ARG B 87 -7.67 -77.02 12.54
C ARG B 87 -6.90 -77.56 11.35
N PRO B 88 -7.53 -78.43 10.53
CA PRO B 88 -6.89 -78.84 9.28
C PRO B 88 -6.62 -77.70 8.30
N GLU B 89 -7.44 -76.64 8.33
CA GLU B 89 -7.20 -75.48 7.49
C GLU B 89 -6.11 -74.56 8.03
N ASP B 90 -5.63 -74.82 9.25
CA ASP B 90 -4.62 -73.96 9.87
C ASP B 90 -3.23 -74.24 9.34
N ALA B 91 -3.03 -75.37 8.66
CA ALA B 91 -1.70 -75.76 8.20
C ALA B 91 -1.25 -74.86 7.05
N ALA B 92 -0.17 -74.12 7.28
CA ALA B 92 0.35 -73.17 6.31
C ALA B 92 1.80 -72.88 6.65
N VAL B 93 2.46 -72.11 5.79
CA VAL B 93 3.77 -71.55 6.08
C VAL B 93 3.56 -70.15 6.65
N TYR B 94 4.23 -69.85 7.76
CA TYR B 94 3.95 -68.66 8.56
C TYR B 94 5.13 -67.70 8.47
N TYR B 95 4.85 -66.47 8.04
CA TYR B 95 5.85 -65.42 7.92
C TYR B 95 5.62 -64.36 8.99
N CYS B 96 6.68 -63.95 9.67
CA CYS B 96 6.62 -62.76 10.51
C CYS B 96 7.12 -61.58 9.70
N ALA B 97 6.44 -60.44 9.84
CA ALA B 97 6.76 -59.27 9.04
C ALA B 97 6.67 -58.03 9.89
N ARG B 98 7.38 -56.99 9.47
CA ARG B 98 7.53 -55.76 10.23
C ARG B 98 6.66 -54.66 9.63
N ASP B 99 5.87 -54.02 10.47
CA ASP B 99 5.11 -52.85 10.07
C ASP B 99 6.02 -51.63 10.09
N PRO B 100 6.21 -50.93 8.96
CA PRO B 100 7.11 -49.77 8.96
C PRO B 100 6.56 -48.52 9.62
N SER B 101 5.34 -48.54 10.17
CA SER B 101 4.74 -47.34 10.74
C SER B 101 4.08 -47.72 12.05
N ASN B 102 3.24 -46.82 12.55
CA ASN B 102 2.71 -46.83 13.91
C ASN B 102 1.20 -47.10 13.88
N PRO B 103 0.53 -47.24 15.03
CA PRO B 103 -0.96 -47.34 15.05
C PRO B 103 -1.70 -46.19 14.36
N PRO B 104 -1.11 -45.00 14.14
CA PRO B 104 -1.68 -44.14 13.08
C PRO B 104 -1.74 -44.78 11.71
N HIS B 105 -0.64 -45.34 11.23
CA HIS B 105 -0.51 -45.79 9.85
C HIS B 105 -0.16 -47.27 9.79
N TRP B 106 -0.85 -48.09 10.59
CA TRP B 106 -0.88 -49.54 10.42
C TRP B 106 -1.28 -49.96 9.01
N GLY B 107 -0.86 -51.16 8.62
CA GLY B 107 -0.96 -51.54 7.23
C GLY B 107 0.16 -52.42 6.70
N ASN B 108 0.88 -51.89 5.71
CA ASN B 108 1.75 -52.62 4.82
C ASN B 108 2.96 -53.23 5.55
N PHE B 109 3.78 -53.97 4.79
CA PHE B 109 4.75 -54.90 5.35
C PHE B 109 6.10 -54.58 4.71
N ASP B 110 6.96 -53.83 5.41
CA ASP B 110 8.21 -53.39 4.77
C ASP B 110 9.21 -54.53 4.65
N SER B 111 9.36 -55.34 5.69
CA SER B 111 10.37 -56.38 5.70
C SER B 111 9.71 -57.71 6.11
N TRP B 112 10.35 -58.80 5.72
CA TRP B 112 9.79 -60.13 5.88
C TRP B 112 10.84 -61.07 6.43
N GLY B 113 10.43 -62.32 6.66
CA GLY B 113 11.31 -63.37 7.14
C GLY B 113 11.27 -64.60 6.25
N GLN B 114 12.08 -65.60 6.62
CA GLN B 114 12.18 -66.81 5.83
C GLN B 114 10.95 -67.70 5.99
N GLY B 115 10.47 -67.84 7.22
CA GLY B 115 9.22 -68.55 7.46
C GLY B 115 9.40 -70.02 7.74
N THR B 116 8.46 -70.57 8.50
CA THR B 116 8.45 -71.98 8.86
C THR B 116 7.10 -72.60 8.48
N LEU B 117 7.14 -73.88 8.14
CA LEU B 117 5.95 -74.61 7.70
C LEU B 117 5.32 -75.35 8.88
N VAL B 118 4.01 -75.20 9.03
CA VAL B 118 3.22 -75.90 10.04
C VAL B 118 2.42 -76.98 9.34
N THR B 119 2.66 -78.24 9.71
CA THR B 119 1.99 -79.38 9.10
C THR B 119 1.05 -79.99 10.15
N VAL B 120 -0.24 -79.72 10.02
CA VAL B 120 -1.25 -80.23 10.95
C VAL B 120 -1.81 -81.51 10.35
N SER B 121 -1.38 -82.66 10.90
CA SER B 121 -1.79 -83.95 10.38
C SER B 121 -1.88 -84.94 11.54
N SER B 122 -2.61 -86.02 11.29
CA SER B 122 -2.78 -87.07 12.30
C SER B 122 -1.98 -88.31 11.93
N GLY C 1 -8.42 -54.06 22.91
CA GLY C 1 -7.56 -52.92 22.67
C GLY C 1 -7.94 -52.16 21.41
N ASP C 2 -8.56 -51.00 21.60
CA ASP C 2 -9.07 -50.19 20.50
C ASP C 2 -8.32 -48.87 20.45
N THR C 3 -8.23 -48.30 19.25
CA THR C 3 -7.40 -47.12 19.00
C THR C 3 -8.25 -46.01 18.39
N LEU C 4 -8.21 -44.84 19.02
CA LEU C 4 -8.81 -43.62 18.48
C LEU C 4 -7.72 -42.57 18.32
N CYS C 5 -7.63 -41.96 17.15
CA CYS C 5 -6.53 -41.06 16.82
C CYS C 5 -7.05 -39.68 16.43
N ILE C 6 -6.14 -38.71 16.48
CA ILE C 6 -6.43 -37.33 16.09
C ILE C 6 -5.50 -36.97 14.93
N GLY C 7 -6.06 -36.43 13.88
CA GLY C 7 -5.30 -36.02 12.71
C GLY C 7 -6.04 -34.93 11.97
N TYR C 8 -5.70 -34.77 10.69
CA TYR C 8 -6.21 -33.64 9.93
C TYR C 8 -6.20 -33.99 8.45
N HIS C 9 -6.89 -33.15 7.68
CA HIS C 9 -7.16 -33.39 6.28
C HIS C 9 -5.96 -33.06 5.39
N ALA C 10 -5.76 -33.88 4.36
CA ALA C 10 -4.71 -33.64 3.37
C ALA C 10 -5.28 -33.88 1.97
N ASN C 11 -4.83 -33.07 1.02
CA ASN C 11 -5.16 -33.21 -0.39
C ASN C 11 -3.92 -33.60 -1.20
N ASN C 12 -4.10 -33.61 -2.51
CA ASN C 12 -3.03 -33.74 -3.48
C ASN C 12 -2.60 -32.38 -4.03
N SER C 13 -3.00 -31.30 -3.36
CA SER C 13 -2.74 -29.96 -3.83
C SER C 13 -1.27 -29.60 -3.66
N THR C 14 -0.75 -28.80 -4.59
CA THR C 14 0.61 -28.30 -4.56
C THR C 14 0.62 -26.77 -4.52
N ASP C 15 -0.39 -26.18 -3.91
CA ASP C 15 -0.49 -24.73 -3.79
C ASP C 15 0.39 -24.27 -2.63
N THR C 16 1.44 -23.52 -2.93
CA THR C 16 2.40 -23.09 -1.93
C THR C 16 2.13 -21.64 -1.56
N VAL C 17 1.93 -21.38 -0.28
CA VAL C 17 1.81 -20.04 0.24
C VAL C 17 3.14 -19.64 0.87
N ASP C 18 3.29 -18.35 1.15
CA ASP C 18 4.45 -17.82 1.84
C ASP C 18 4.01 -17.31 3.20
N THR C 19 4.70 -17.75 4.25
CA THR C 19 4.44 -17.32 5.61
C THR C 19 5.62 -16.51 6.12
N VAL C 20 5.50 -15.97 7.34
CA VAL C 20 6.56 -15.13 7.89
C VAL C 20 7.78 -15.96 8.26
N LEU C 21 7.57 -17.02 9.04
CA LEU C 21 8.68 -17.83 9.51
C LEU C 21 9.17 -18.82 8.47
N GLU C 22 8.33 -19.20 7.52
CA GLU C 22 8.65 -20.22 6.52
C GLU C 22 8.17 -19.76 5.16
N LYS C 23 8.97 -19.98 4.13
CA LYS C 23 8.54 -19.75 2.75
C LYS C 23 8.20 -21.08 2.11
N ASN C 24 7.36 -21.00 1.06
CA ASN C 24 6.99 -22.14 0.21
C ASN C 24 6.35 -23.27 1.02
N VAL C 25 5.22 -22.94 1.64
CA VAL C 25 4.47 -23.86 2.48
C VAL C 25 3.28 -24.38 1.69
N THR C 26 3.32 -25.66 1.33
CA THR C 26 2.21 -26.26 0.59
C THR C 26 1.01 -26.44 1.50
N VAL C 27 -0.16 -25.96 1.05
CA VAL C 27 -1.37 -25.98 1.85
C VAL C 27 -2.44 -26.77 1.12
N THR C 28 -3.49 -27.11 1.87
CA THR C 28 -4.60 -27.85 1.28
C THR C 28 -5.47 -26.95 0.40
N HIS C 29 -5.77 -25.74 0.87
CA HIS C 29 -6.59 -24.80 0.11
C HIS C 29 -6.04 -23.39 0.29
N SER C 30 -6.04 -22.63 -0.81
CA SER C 30 -5.60 -21.24 -0.78
C SER C 30 -6.57 -20.39 -1.58
N VAL C 31 -6.61 -19.11 -1.25
CA VAL C 31 -7.45 -18.14 -1.93
C VAL C 31 -6.56 -17.00 -2.41
N ASN C 32 -6.64 -16.71 -3.70
CA ASN C 32 -5.85 -15.64 -4.28
C ASN C 32 -6.46 -14.29 -3.95
N LEU C 33 -5.61 -13.36 -3.48
CA LEU C 33 -6.02 -11.98 -3.26
C LEU C 33 -5.55 -11.04 -4.36
N LEU C 34 -4.88 -11.56 -5.37
CA LEU C 34 -4.32 -10.75 -6.45
C LEU C 34 -5.02 -11.11 -7.75
N GLU C 35 -5.42 -10.09 -8.51
CA GLU C 35 -6.08 -10.28 -9.79
C GLU C 35 -5.11 -9.93 -10.90
N ASP C 36 -4.86 -10.89 -11.79
CA ASP C 36 -3.91 -10.70 -12.88
C ASP C 36 -4.54 -11.03 -14.24
N LYS C 37 -5.86 -11.06 -14.33
CA LYS C 37 -6.56 -11.40 -15.56
C LYS C 37 -7.43 -10.23 -16.01
N HIS C 38 -7.39 -9.94 -17.31
CA HIS C 38 -8.22 -8.92 -17.92
C HIS C 38 -8.84 -9.49 -19.19
N ASN C 39 -10.00 -8.95 -19.57
CA ASN C 39 -10.74 -9.50 -20.71
C ASN C 39 -10.20 -9.05 -22.05
N GLY C 40 -9.25 -8.11 -22.07
CA GLY C 40 -8.71 -7.63 -23.34
C GLY C 40 -9.67 -6.78 -24.14
N LYS C 41 -10.64 -6.14 -23.47
CA LYS C 41 -11.62 -5.29 -24.12
C LYS C 41 -11.71 -3.97 -23.37
N LEU C 42 -12.21 -2.95 -24.05
CA LEU C 42 -12.50 -1.65 -23.44
C LEU C 42 -14.02 -1.55 -23.30
N CYS C 43 -14.52 -1.82 -22.10
CA CYS C 43 -15.93 -1.99 -21.85
C CYS C 43 -16.59 -0.65 -21.54
N LYS C 44 -17.84 -0.70 -21.08
CA LYS C 44 -18.61 0.49 -20.74
C LYS C 44 -18.63 0.66 -19.22
N LEU C 45 -18.23 1.85 -18.77
CA LEU C 45 -18.21 2.15 -17.34
C LEU C 45 -19.56 2.72 -16.92
N ARG C 46 -20.15 2.11 -15.88
CA ARG C 46 -21.48 2.45 -15.34
C ARG C 46 -22.58 2.36 -16.40
N GLY C 47 -22.44 1.44 -17.34
CA GLY C 47 -23.45 1.21 -18.35
C GLY C 47 -23.45 2.16 -19.52
N VAL C 48 -22.46 3.06 -19.62
CA VAL C 48 -22.40 4.05 -20.69
C VAL C 48 -21.13 3.80 -21.48
N ALA C 49 -21.26 3.70 -22.79
CA ALA C 49 -20.14 3.35 -23.66
C ALA C 49 -19.13 4.49 -23.75
N PRO C 50 -17.84 4.17 -23.90
CA PRO C 50 -16.84 5.23 -24.06
C PRO C 50 -16.89 5.86 -25.44
N LEU C 51 -16.14 6.95 -25.59
CA LEU C 51 -16.07 7.70 -26.83
C LEU C 51 -14.74 7.38 -27.52
N HIS C 52 -14.80 6.48 -28.51
CA HIS C 52 -13.62 6.13 -29.29
C HIS C 52 -13.45 7.13 -30.42
N LEU C 53 -12.23 7.64 -30.58
CA LEU C 53 -11.94 8.61 -31.62
C LEU C 53 -11.09 8.07 -32.76
N GLY C 54 -10.48 6.90 -32.58
CA GLY C 54 -9.73 6.26 -33.64
C GLY C 54 -8.44 6.96 -34.00
N LYS C 55 -8.30 7.38 -35.25
CA LYS C 55 -7.11 8.06 -35.72
C LYS C 55 -7.05 9.52 -35.28
N CYS C 56 -8.10 10.03 -34.66
CA CYS C 56 -8.17 11.41 -34.18
C CYS C 56 -7.90 11.47 -32.68
N ASN C 57 -7.33 12.59 -32.24
CA ASN C 57 -7.25 12.89 -30.83
C ASN C 57 -8.41 13.82 -30.46
N ILE C 58 -8.35 14.38 -29.25
CA ILE C 58 -9.46 15.18 -28.73
C ILE C 58 -9.56 16.52 -29.45
N ALA C 59 -8.42 17.13 -29.82
CA ALA C 59 -8.44 18.40 -30.53
C ALA C 59 -9.02 18.25 -31.94
N GLY C 60 -8.68 17.16 -32.63
CA GLY C 60 -9.24 16.92 -33.95
C GLY C 60 -10.73 16.65 -33.93
N TRP C 61 -11.22 15.97 -32.90
CA TRP C 61 -12.65 15.70 -32.79
C TRP C 61 -13.41 16.96 -32.38
N ILE C 62 -12.85 17.75 -31.46
CA ILE C 62 -13.57 18.90 -30.94
C ILE C 62 -13.44 20.12 -31.83
N LEU C 63 -12.45 20.15 -32.73
CA LEU C 63 -12.34 21.22 -33.71
C LEU C 63 -12.97 20.86 -35.04
N GLY C 64 -13.27 19.59 -35.27
CA GLY C 64 -13.87 19.16 -36.51
C GLY C 64 -12.85 18.97 -37.62
N ASN C 65 -11.83 18.15 -37.37
CA ASN C 65 -10.84 17.84 -38.39
C ASN C 65 -11.49 17.07 -39.53
N PRO C 66 -11.05 17.28 -40.78
CA PRO C 66 -11.68 16.57 -41.91
C PRO C 66 -11.50 15.07 -41.89
N GLU C 67 -10.53 14.54 -41.14
CA GLU C 67 -10.35 13.12 -40.98
C GLU C 67 -11.24 12.53 -39.89
N CYS C 68 -12.05 13.34 -39.22
CA CYS C 68 -12.85 12.90 -38.09
C CYS C 68 -14.35 13.09 -38.29
N GLU C 69 -14.79 13.35 -39.53
CA GLU C 69 -16.22 13.46 -39.78
C GLU C 69 -16.93 12.11 -39.72
N SER C 70 -16.20 11.02 -39.95
CA SER C 70 -16.79 9.68 -39.90
C SER C 70 -17.07 9.22 -38.48
N LEU C 71 -16.48 9.87 -37.48
CA LEU C 71 -16.71 9.48 -36.09
C LEU C 71 -18.12 9.88 -35.65
N SER C 72 -18.73 9.03 -34.84
CA SER C 72 -20.05 9.30 -34.31
C SER C 72 -19.94 10.07 -33.00
N THR C 73 -20.87 11.01 -32.79
CA THR C 73 -20.94 11.79 -31.57
C THR C 73 -22.14 11.28 -30.78
N ALA C 74 -21.88 10.60 -29.67
CA ALA C 74 -22.93 10.07 -28.83
C ALA C 74 -23.48 11.16 -27.91
N SER C 75 -24.64 10.88 -27.33
CA SER C 75 -25.24 11.82 -26.39
C SER C 75 -24.48 11.86 -25.07
N SER C 76 -23.86 10.75 -24.68
CA SER C 76 -23.09 10.70 -23.44
C SER C 76 -22.00 9.65 -23.58
N TRP C 77 -20.95 9.82 -22.78
CA TRP C 77 -19.87 8.84 -22.74
C TRP C 77 -19.28 8.82 -21.33
N SER C 78 -18.48 7.79 -21.05
CA SER C 78 -17.86 7.62 -19.75
C SER C 78 -16.36 7.94 -19.75
N TYR C 79 -15.65 7.62 -20.83
CA TYR C 79 -14.24 7.99 -20.98
C TYR C 79 -13.94 8.04 -22.47
N ILE C 80 -12.73 8.48 -22.79
CA ILE C 80 -12.33 8.71 -24.18
C ILE C 80 -11.17 7.78 -24.52
N VAL C 81 -11.33 7.03 -25.61
CA VAL C 81 -10.30 6.12 -26.10
C VAL C 81 -9.55 6.81 -27.23
N GLU C 82 -8.22 6.84 -27.13
CA GLU C 82 -7.38 7.43 -28.15
C GLU C 82 -6.31 6.41 -28.55
N THR C 83 -6.14 6.23 -29.86
CA THR C 83 -5.09 5.34 -30.35
C THR C 83 -3.72 5.96 -30.10
N PRO C 84 -2.72 5.16 -29.68
CA PRO C 84 -1.36 5.71 -29.54
C PRO C 84 -0.73 6.19 -30.84
N SER C 85 -1.20 5.72 -32.00
CA SER C 85 -0.69 6.15 -33.28
C SER C 85 -1.48 7.29 -33.89
N SER C 86 -2.41 7.88 -33.13
CA SER C 86 -3.27 8.93 -33.66
C SER C 86 -2.50 10.24 -33.80
N ASP C 87 -2.60 10.85 -34.99
CA ASP C 87 -1.91 12.09 -35.29
C ASP C 87 -2.82 13.12 -35.95
N ASN C 88 -4.13 12.92 -35.93
CA ASN C 88 -5.06 13.79 -36.65
C ASN C 88 -5.70 14.77 -35.66
N GLY C 89 -5.11 15.95 -35.57
CA GLY C 89 -5.61 17.03 -34.74
C GLY C 89 -4.75 18.26 -34.86
N THR C 90 -5.39 19.42 -34.92
CA THR C 90 -4.77 20.72 -35.23
C THR C 90 -3.96 20.65 -36.52
N CYS C 91 -4.69 20.45 -37.62
CA CYS C 91 -4.08 20.36 -38.95
C CYS C 91 -3.37 21.66 -39.31
N TYR C 92 -3.96 22.80 -38.99
CA TYR C 92 -3.22 24.04 -39.07
C TYR C 92 -2.40 24.19 -37.80
N PRO C 93 -1.09 24.46 -37.89
CA PRO C 93 -0.23 24.43 -36.71
C PRO C 93 -0.48 25.60 -35.77
N GLY C 94 -0.11 25.39 -34.52
CA GLY C 94 -0.26 26.41 -33.50
C GLY C 94 -0.45 25.75 -32.14
N ASP C 95 -0.73 26.60 -31.15
CA ASP C 95 -0.85 26.17 -29.77
C ASP C 95 -2.32 26.09 -29.37
N PHE C 96 -2.72 24.95 -28.83
CA PHE C 96 -4.04 24.80 -28.22
C PHE C 96 -3.88 25.16 -26.75
N ILE C 97 -4.30 26.37 -26.38
CA ILE C 97 -4.14 26.87 -25.02
C ILE C 97 -5.13 26.16 -24.11
N ASP C 98 -4.61 25.63 -22.99
CA ASP C 98 -5.33 24.79 -22.03
C ASP C 98 -5.93 23.57 -22.73
N TYR C 99 -5.07 22.84 -23.45
CA TYR C 99 -5.46 21.58 -24.08
C TYR C 99 -5.81 20.54 -23.03
N GLU C 100 -4.93 20.32 -22.07
CA GLU C 100 -5.10 19.24 -21.10
C GLU C 100 -6.23 19.52 -20.14
N GLU C 101 -6.50 20.80 -19.87
CA GLU C 101 -7.66 21.17 -19.06
C GLU C 101 -8.97 20.82 -19.76
N LEU C 102 -9.06 21.15 -21.05
CA LEU C 102 -10.25 20.81 -21.84
C LEU C 102 -10.41 19.30 -21.99
N ARG C 103 -9.29 18.59 -22.11
CA ARG C 103 -9.33 17.12 -22.11
C ARG C 103 -9.85 16.59 -20.78
N GLU C 104 -9.50 17.24 -19.67
CA GLU C 104 -10.00 16.82 -18.37
C GLU C 104 -11.50 17.10 -18.23
N GLN C 105 -11.97 18.24 -18.75
CA GLN C 105 -13.41 18.53 -18.64
C GLN C 105 -14.25 17.66 -19.57
N LEU C 106 -13.70 17.25 -20.71
CA LEU C 106 -14.43 16.44 -21.69
C LEU C 106 -14.31 14.95 -21.41
N SER C 107 -13.84 14.56 -20.22
CA SER C 107 -13.59 13.14 -19.94
C SER C 107 -14.88 12.37 -19.74
N SER C 108 -15.88 12.99 -19.12
CA SER C 108 -17.17 12.33 -18.93
C SER C 108 -18.27 13.39 -19.03
N VAL C 109 -19.13 13.24 -20.03
CA VAL C 109 -20.28 14.12 -20.22
C VAL C 109 -21.53 13.26 -20.16
N SER C 110 -22.50 13.67 -19.36
CA SER C 110 -23.75 12.93 -19.23
C SER C 110 -24.80 13.32 -20.26
N SER C 111 -24.62 14.45 -20.95
CA SER C 111 -25.57 14.89 -21.97
C SER C 111 -24.82 15.83 -22.90
N PHE C 112 -24.60 15.40 -24.15
CA PHE C 112 -23.75 16.12 -25.10
C PHE C 112 -24.48 16.23 -26.42
N GLU C 113 -25.06 17.40 -26.68
CA GLU C 113 -25.70 17.70 -27.95
C GLU C 113 -24.92 18.77 -28.69
N ARG C 114 -24.83 18.61 -30.01
CA ARG C 114 -24.11 19.55 -30.85
C ARG C 114 -25.12 20.37 -31.65
N PHE C 115 -24.95 21.68 -31.64
CA PHE C 115 -25.87 22.60 -32.31
C PHE C 115 -25.06 23.62 -33.08
N GLU C 116 -25.70 24.27 -34.04
CA GLU C 116 -25.08 25.35 -34.78
C GLU C 116 -25.28 26.64 -33.99
N ILE C 117 -24.20 27.11 -33.34
CA ILE C 117 -24.27 28.34 -32.55
C ILE C 117 -24.46 29.55 -33.45
N PHE C 118 -23.84 29.55 -34.62
CA PHE C 118 -23.92 30.61 -35.61
C PHE C 118 -24.02 29.95 -36.97
N PRO C 119 -25.18 30.00 -37.63
CA PRO C 119 -25.31 29.39 -38.96
C PRO C 119 -24.44 30.11 -39.98
N LYS C 120 -23.91 29.35 -40.93
CA LYS C 120 -22.96 29.90 -41.89
C LYS C 120 -23.64 30.85 -42.88
N THR C 121 -24.88 30.54 -43.25
CA THR C 121 -25.58 31.31 -44.27
C THR C 121 -26.40 32.47 -43.71
N SER C 122 -26.53 32.59 -42.39
CA SER C 122 -27.42 33.61 -41.83
C SER C 122 -26.79 34.38 -40.66
N SER C 123 -25.47 34.38 -40.52
CA SER C 123 -24.81 35.17 -39.49
C SER C 123 -23.84 36.20 -40.02
N TRP C 124 -23.23 35.96 -41.18
CA TRP C 124 -22.25 36.87 -41.76
C TRP C 124 -22.57 37.14 -43.23
N PRO C 125 -23.50 38.07 -43.50
CA PRO C 125 -23.68 38.52 -44.88
C PRO C 125 -22.63 39.52 -45.33
N ASN C 126 -21.85 40.07 -44.40
CA ASN C 126 -20.84 41.08 -44.70
C ASN C 126 -19.43 40.50 -44.74
N HIS C 127 -19.27 39.21 -44.43
CA HIS C 127 -17.96 38.58 -44.39
C HIS C 127 -17.97 37.31 -45.22
N ASP C 128 -16.81 36.99 -45.79
CA ASP C 128 -16.68 35.84 -46.68
C ASP C 128 -16.36 34.61 -45.85
N SER C 129 -17.27 33.63 -45.86
CA SER C 129 -17.12 32.41 -45.08
C SER C 129 -16.89 31.19 -45.97
N ASN C 130 -16.48 31.40 -47.22
CA ASN C 130 -16.33 30.31 -48.18
C ASN C 130 -14.91 30.12 -48.71
N LYS C 131 -14.07 31.15 -48.68
CA LYS C 131 -12.69 31.00 -49.13
C LYS C 131 -11.74 30.62 -48.01
N GLY C 132 -12.24 30.35 -46.81
CA GLY C 132 -11.39 30.00 -45.69
C GLY C 132 -10.99 28.53 -45.66
N VAL C 133 -10.20 28.11 -46.65
CA VAL C 133 -9.68 26.76 -46.72
C VAL C 133 -8.17 26.84 -46.87
N THR C 134 -7.48 25.74 -46.59
CA THR C 134 -6.04 25.69 -46.66
C THR C 134 -5.59 24.28 -46.99
N ALA C 135 -4.33 24.16 -47.43
CA ALA C 135 -3.73 22.88 -47.74
C ALA C 135 -3.27 22.12 -46.50
N ALA C 136 -3.32 22.75 -45.33
CA ALA C 136 -2.95 22.07 -44.09
C ALA C 136 -3.99 21.03 -43.69
N CYS C 137 -5.24 21.22 -44.12
CA CYS C 137 -6.37 20.39 -43.69
C CYS C 137 -7.03 19.82 -44.94
N PRO C 138 -6.42 18.82 -45.58
CA PRO C 138 -6.99 18.27 -46.80
C PRO C 138 -8.17 17.35 -46.52
N HIS C 139 -9.06 17.26 -47.50
CA HIS C 139 -10.22 16.38 -47.43
C HIS C 139 -10.48 15.86 -48.83
N ALA C 140 -10.28 14.54 -49.02
CA ALA C 140 -10.37 13.84 -50.31
C ALA C 140 -9.45 14.48 -51.36
N GLY C 141 -8.26 14.90 -50.93
CA GLY C 141 -7.27 15.46 -51.82
C GLY C 141 -7.44 16.93 -52.15
N ALA C 142 -8.52 17.56 -51.69
CA ALA C 142 -8.79 18.96 -51.95
C ALA C 142 -8.62 19.78 -50.68
N LYS C 143 -8.54 21.09 -50.85
CA LYS C 143 -8.39 22.00 -49.72
C LYS C 143 -9.69 22.07 -48.91
N SER C 144 -9.56 22.01 -47.59
CA SER C 144 -10.69 22.14 -46.69
C SER C 144 -10.20 22.79 -45.41
N PHE C 145 -11.02 22.73 -44.36
CA PHE C 145 -10.71 23.38 -43.10
C PHE C 145 -11.38 22.59 -41.97
N TYR C 146 -11.36 23.15 -40.77
CA TYR C 146 -12.08 22.59 -39.65
C TYR C 146 -13.59 22.68 -39.89
N LYS C 147 -14.30 21.64 -39.48
CA LYS C 147 -15.76 21.65 -39.63
C LYS C 147 -16.42 22.57 -38.61
N ASN C 148 -15.91 22.59 -37.38
CA ASN C 148 -16.52 23.37 -36.31
C ASN C 148 -16.10 24.83 -36.32
N LEU C 149 -15.19 25.23 -37.21
CA LEU C 149 -14.71 26.61 -37.27
C LEU C 149 -14.91 27.17 -38.67
N ILE C 150 -14.90 28.50 -38.76
CA ILE C 150 -15.00 29.23 -40.02
C ILE C 150 -13.85 30.23 -40.07
N TRP C 151 -12.99 30.09 -41.07
CA TRP C 151 -11.92 31.06 -41.30
C TRP C 151 -12.50 32.19 -42.14
N LEU C 152 -12.88 33.28 -41.47
CA LEU C 152 -13.49 34.41 -42.16
C LEU C 152 -12.44 35.21 -42.91
N VAL C 153 -12.72 35.49 -44.19
CA VAL C 153 -11.86 36.25 -45.07
C VAL C 153 -12.67 37.49 -45.46
N LYS C 154 -11.97 38.55 -45.91
CA LYS C 154 -12.63 39.77 -46.35
C LYS C 154 -13.55 39.51 -47.53
N LYS C 155 -14.62 40.32 -47.62
CA LYS C 155 -15.61 40.22 -48.68
C LYS C 155 -15.20 41.19 -49.79
N GLY C 156 -14.39 40.70 -50.72
CA GLY C 156 -13.91 41.55 -51.79
C GLY C 156 -12.62 42.25 -51.40
N ASN C 157 -12.75 43.51 -50.98
CA ASN C 157 -11.61 44.30 -50.54
C ASN C 157 -11.76 44.85 -49.14
N SER C 158 -12.85 44.54 -48.44
CA SER C 158 -13.16 45.16 -47.15
C SER C 158 -13.44 44.09 -46.11
N TYR C 159 -12.74 44.18 -44.98
CA TYR C 159 -13.08 43.43 -43.76
C TYR C 159 -13.45 44.46 -42.72
N PRO C 160 -14.73 44.74 -42.50
CA PRO C 160 -15.14 45.74 -41.53
C PRO C 160 -15.08 45.20 -40.11
N LYS C 161 -15.53 46.03 -39.17
CA LYS C 161 -15.58 45.61 -37.77
C LYS C 161 -16.68 44.58 -37.57
N LEU C 162 -16.36 43.50 -36.87
CA LEU C 162 -17.24 42.37 -36.68
C LEU C 162 -17.83 42.40 -35.26
N SER C 163 -19.09 42.00 -35.14
CA SER C 163 -19.76 41.95 -33.86
C SER C 163 -20.83 40.87 -33.90
N LYS C 164 -20.65 39.80 -33.12
CA LYS C 164 -21.65 38.75 -32.99
C LYS C 164 -21.75 38.34 -31.52
N SER C 165 -22.95 37.92 -31.13
CA SER C 165 -23.19 37.50 -29.75
C SER C 165 -24.20 36.36 -29.73
N TYR C 166 -24.02 35.44 -28.80
CA TYR C 166 -24.90 34.29 -28.63
C TYR C 166 -25.50 34.32 -27.23
N ILE C 167 -26.82 34.17 -27.14
CA ILE C 167 -27.51 34.14 -25.86
C ILE C 167 -27.75 32.68 -25.46
N ASN C 168 -27.25 32.30 -24.28
CA ASN C 168 -27.42 30.95 -23.76
C ASN C 168 -28.65 30.92 -22.88
N ASP C 169 -29.65 30.11 -23.27
CA ASP C 169 -30.88 30.00 -22.50
C ASP C 169 -31.42 28.59 -22.43
N LYS C 170 -30.57 27.57 -22.61
CA LYS C 170 -31.02 26.19 -22.64
C LYS C 170 -30.66 25.40 -21.39
N GLY C 171 -30.18 26.07 -20.34
CA GLY C 171 -29.96 25.42 -19.07
C GLY C 171 -28.74 24.54 -18.97
N LYS C 172 -27.86 24.57 -19.97
CA LYS C 172 -26.65 23.76 -19.98
C LYS C 172 -25.45 24.62 -20.35
N GLU C 173 -24.27 24.16 -19.94
CA GLU C 173 -23.04 24.86 -20.28
C GLU C 173 -22.72 24.65 -21.75
N VAL C 174 -22.40 25.74 -22.44
CA VAL C 174 -22.05 25.70 -23.86
C VAL C 174 -20.56 26.00 -23.98
N LEU C 175 -19.81 25.08 -24.58
CA LEU C 175 -18.40 25.28 -24.81
C LEU C 175 -18.19 25.90 -26.18
N VAL C 176 -17.44 26.98 -26.23
CA VAL C 176 -17.23 27.76 -27.44
C VAL C 176 -15.75 27.78 -27.75
N LEU C 177 -15.38 27.27 -28.92
CA LEU C 177 -13.99 27.23 -29.37
C LEU C 177 -13.81 28.15 -30.55
N TRP C 178 -12.80 29.00 -30.51
CA TRP C 178 -12.48 29.85 -31.64
C TRP C 178 -10.99 29.75 -31.95
N GLY C 179 -10.54 30.56 -32.90
CA GLY C 179 -9.14 30.58 -33.27
C GLY C 179 -8.71 31.96 -33.71
N ILE C 180 -7.41 32.21 -33.61
CA ILE C 180 -6.79 33.44 -34.07
C ILE C 180 -5.65 33.08 -34.99
N HIS C 181 -5.75 33.47 -36.25
CA HIS C 181 -4.72 33.18 -37.23
C HIS C 181 -3.60 34.20 -37.12
N HIS C 182 -2.36 33.71 -37.27
CA HIS C 182 -1.17 34.55 -37.23
C HIS C 182 -0.47 34.45 -38.58
N PRO C 183 -0.74 35.37 -39.50
CA PRO C 183 -0.06 35.33 -40.80
C PRO C 183 1.43 35.60 -40.68
N SER C 184 2.20 34.98 -41.59
CA SER C 184 3.66 35.08 -41.56
C SER C 184 4.15 36.44 -42.03
N THR C 185 3.54 36.98 -43.08
CA THR C 185 4.00 38.19 -43.73
C THR C 185 2.84 39.17 -43.74
N SER C 186 3.15 40.47 -43.72
CA SER C 186 2.12 41.50 -43.83
C SER C 186 1.36 41.45 -45.15
N ALA C 187 1.99 40.91 -46.21
CA ALA C 187 1.28 40.70 -47.47
C ALA C 187 0.18 39.66 -47.32
N ASP C 188 0.40 38.63 -46.49
CA ASP C 188 -0.64 37.65 -46.19
C ASP C 188 -1.79 38.30 -45.44
N GLN C 189 -1.48 39.22 -44.52
CA GLN C 189 -2.50 39.96 -43.79
C GLN C 189 -3.30 40.88 -44.73
N GLN C 190 -2.62 41.51 -45.69
CA GLN C 190 -3.33 42.32 -46.68
C GLN C 190 -4.18 41.46 -47.61
N SER C 191 -3.72 40.25 -47.92
CA SER C 191 -4.48 39.36 -48.79
C SER C 191 -5.69 38.77 -48.08
N LEU C 192 -5.63 38.63 -46.76
CA LEU C 192 -6.71 37.98 -46.01
C LEU C 192 -7.69 38.97 -45.40
N TYR C 193 -7.19 40.03 -44.75
CA TYR C 193 -8.07 40.94 -44.02
C TYR C 193 -7.90 42.42 -44.39
N GLN C 194 -6.83 42.78 -45.10
CA GLN C 194 -6.57 44.07 -45.75
C GLN C 194 -6.25 45.19 -44.74
N ASN C 195 -6.38 44.91 -43.45
CA ASN C 195 -5.98 45.85 -42.40
C ASN C 195 -4.70 45.33 -41.77
N ALA C 196 -3.64 46.14 -41.81
CA ALA C 196 -2.32 45.67 -41.39
C ALA C 196 -2.23 45.50 -39.87
N ASP C 197 -3.05 46.23 -39.12
CA ASP C 197 -3.07 46.16 -37.66
C ASP C 197 -4.49 45.82 -37.22
N THR C 198 -4.73 44.54 -36.92
CA THR C 198 -6.03 44.09 -36.44
C THR C 198 -5.92 43.60 -35.00
N TYR C 199 -7.08 43.31 -34.43
CA TYR C 199 -7.15 42.73 -33.09
C TYR C 199 -8.35 41.78 -33.05
N VAL C 200 -8.31 40.87 -32.10
CA VAL C 200 -9.44 39.97 -31.83
C VAL C 200 -9.85 40.18 -30.37
N PHE C 201 -11.15 40.34 -30.14
CA PHE C 201 -11.67 40.42 -28.79
C PHE C 201 -12.75 39.38 -28.61
N VAL C 202 -12.60 38.54 -27.58
CA VAL C 202 -13.65 37.64 -27.11
C VAL C 202 -13.94 37.98 -25.66
N GLY C 203 -15.21 38.23 -25.36
CA GLY C 203 -15.59 38.64 -24.03
C GLY C 203 -16.82 37.91 -23.55
N SER C 204 -16.87 37.67 -22.25
CA SER C 204 -18.03 37.10 -21.57
C SER C 204 -18.13 37.77 -20.21
N SER C 205 -18.97 37.21 -19.33
CA SER C 205 -19.01 37.71 -17.96
C SER C 205 -17.76 37.27 -17.19
N ARG C 206 -17.32 36.04 -17.41
CA ARG C 206 -16.11 35.53 -16.76
C ARG C 206 -14.88 35.63 -17.65
N TYR C 207 -15.04 35.61 -18.96
CA TYR C 207 -13.93 35.62 -19.90
C TYR C 207 -13.82 36.99 -20.55
N SER C 208 -12.59 37.50 -20.62
CA SER C 208 -12.31 38.76 -21.31
C SER C 208 -10.86 38.73 -21.75
N LYS C 209 -10.63 38.70 -23.06
CA LYS C 209 -9.27 38.64 -23.58
C LYS C 209 -9.22 39.32 -24.93
N LYS C 210 -8.21 40.15 -25.15
CA LYS C 210 -8.00 40.84 -26.41
C LYS C 210 -6.78 40.25 -27.10
N PHE C 211 -6.99 39.58 -28.22
CA PHE C 211 -5.93 38.89 -28.95
C PHE C 211 -5.40 39.78 -30.06
N LYS C 212 -4.09 39.96 -30.10
CA LYS C 212 -3.43 40.67 -31.18
C LYS C 212 -2.67 39.66 -32.03
N PRO C 213 -2.93 39.57 -33.33
CA PRO C 213 -2.16 38.66 -34.18
C PRO C 213 -0.72 39.11 -34.32
N GLU C 214 0.16 38.12 -34.51
CA GLU C 214 1.59 38.33 -34.55
C GLU C 214 2.10 38.00 -35.96
N ILE C 215 2.73 38.98 -36.60
CA ILE C 215 3.13 38.86 -37.99
C ILE C 215 4.64 38.67 -38.08
N ALA C 216 5.08 37.42 -38.14
CA ALA C 216 6.50 37.11 -38.31
C ALA C 216 6.63 35.72 -38.89
N ILE C 217 7.81 35.44 -39.46
CA ILE C 217 8.05 34.17 -40.14
C ILE C 217 8.41 33.10 -39.11
N ARG C 218 8.04 31.87 -39.40
CA ARG C 218 8.15 30.73 -38.51
C ARG C 218 8.74 29.56 -39.26
N PRO C 219 9.20 28.51 -38.57
CA PRO C 219 9.48 27.25 -39.26
C PRO C 219 8.23 26.66 -39.88
N LYS C 220 8.39 26.09 -41.07
CA LYS C 220 7.28 25.62 -41.86
C LYS C 220 6.83 24.24 -41.36
N VAL C 221 5.60 24.15 -40.88
CA VAL C 221 5.01 22.90 -40.43
C VAL C 221 3.76 22.67 -41.28
N ARG C 222 3.71 21.51 -41.95
CA ARG C 222 2.62 21.11 -42.85
C ARG C 222 2.37 22.16 -43.94
N ASP C 223 3.47 22.67 -44.51
CA ASP C 223 3.49 23.70 -45.56
C ASP C 223 2.80 24.99 -45.12
N GLN C 224 2.86 25.33 -43.84
CA GLN C 224 2.28 26.56 -43.32
C GLN C 224 3.36 27.42 -42.69
N GLU C 225 3.40 28.68 -43.08
CA GLU C 225 4.40 29.63 -42.61
C GLU C 225 3.97 30.39 -41.36
N GLY C 226 2.70 30.26 -40.95
CA GLY C 226 2.20 30.96 -39.79
C GLY C 226 1.40 30.04 -38.90
N ARG C 227 1.21 30.47 -37.66
CA ARG C 227 0.57 29.66 -36.63
C ARG C 227 -0.90 30.02 -36.45
N MET C 228 -1.53 29.36 -35.49
CA MET C 228 -2.96 29.49 -35.24
C MET C 228 -3.25 29.03 -33.82
N ASN C 229 -3.59 29.97 -32.94
CA ASN C 229 -3.87 29.65 -31.56
C ASN C 229 -5.35 29.38 -31.38
N TYR C 230 -5.69 28.24 -30.78
CA TYR C 230 -7.07 27.84 -30.55
C TYR C 230 -7.40 27.99 -29.07
N TYR C 231 -8.53 28.63 -28.79
CA TYR C 231 -8.96 28.91 -27.42
C TYR C 231 -10.32 28.28 -27.17
N TRP C 232 -10.71 28.24 -25.90
CA TRP C 232 -11.99 27.67 -25.52
C TRP C 232 -12.48 28.34 -24.24
N THR C 233 -13.80 28.34 -24.06
CA THR C 233 -14.43 28.97 -22.91
C THR C 233 -15.82 28.37 -22.72
N LEU C 234 -16.08 27.85 -21.52
CA LEU C 234 -17.41 27.42 -21.17
C LEU C 234 -18.30 28.62 -20.88
N VAL C 235 -19.55 28.54 -21.32
CA VAL C 235 -20.52 29.61 -21.15
C VAL C 235 -21.65 29.09 -20.26
N GLU C 236 -21.88 29.77 -19.15
CA GLU C 236 -22.95 29.41 -18.24
C GLU C 236 -24.30 29.74 -18.88
N PRO C 237 -25.36 28.98 -18.56
CA PRO C 237 -26.70 29.36 -19.00
C PRO C 237 -27.13 30.69 -18.39
N GLY C 238 -27.92 31.44 -19.17
CA GLY C 238 -28.26 32.79 -18.79
C GLY C 238 -27.15 33.80 -18.96
N ASP C 239 -26.19 33.51 -19.83
CA ASP C 239 -25.02 34.36 -20.04
C ASP C 239 -24.72 34.41 -21.53
N LYS C 240 -23.97 35.43 -21.95
CA LYS C 240 -23.68 35.61 -23.36
C LYS C 240 -22.19 35.85 -23.58
N ILE C 241 -21.75 35.56 -24.79
CA ILE C 241 -20.36 35.74 -25.21
C ILE C 241 -20.35 36.59 -26.48
N THR C 242 -19.42 37.54 -26.56
CA THR C 242 -19.33 38.47 -27.68
C THR C 242 -18.01 38.29 -28.40
N PHE C 243 -18.09 38.30 -29.74
CA PHE C 243 -16.92 38.20 -30.61
C PHE C 243 -16.78 39.51 -31.37
N GLU C 244 -15.59 40.10 -31.31
CA GLU C 244 -15.35 41.44 -31.84
C GLU C 244 -13.95 41.47 -32.44
N ALA C 245 -13.85 41.75 -33.75
CA ALA C 245 -12.54 41.71 -34.37
C ALA C 245 -12.48 42.59 -35.61
N THR C 246 -11.34 43.28 -35.77
CA THR C 246 -11.01 43.90 -37.05
C THR C 246 -10.56 42.85 -38.05
N GLY C 247 -9.99 41.74 -37.57
CA GLY C 247 -9.59 40.66 -38.44
C GLY C 247 -9.11 39.49 -37.59
N ASN C 248 -8.63 38.46 -38.30
CA ASN C 248 -7.97 37.28 -37.71
C ASN C 248 -8.84 36.52 -36.72
N LEU C 249 -10.17 36.60 -36.85
CA LEU C 249 -11.07 35.83 -36.01
C LEU C 249 -11.55 34.62 -36.78
N VAL C 250 -11.21 33.44 -36.28
CA VAL C 250 -11.72 32.18 -36.81
C VAL C 250 -12.82 31.75 -35.86
N VAL C 251 -14.06 31.92 -36.30
CA VAL C 251 -15.23 31.99 -35.41
C VAL C 251 -15.95 30.64 -35.43
N PRO C 252 -16.46 30.16 -34.30
CA PRO C 252 -17.22 28.91 -34.30
C PRO C 252 -18.53 29.00 -35.06
N ARG C 253 -18.87 27.91 -35.74
CA ARG C 253 -20.22 27.70 -36.23
C ARG C 253 -20.99 26.66 -35.43
N TYR C 254 -20.32 25.60 -34.97
CA TYR C 254 -20.93 24.61 -34.09
C TYR C 254 -20.34 24.72 -32.69
N ALA C 255 -21.20 24.77 -31.67
CA ALA C 255 -20.81 24.71 -30.28
C ALA C 255 -21.53 23.53 -29.63
N PHE C 256 -21.11 23.21 -28.41
CA PHE C 256 -21.53 21.98 -27.75
C PHE C 256 -22.15 22.31 -26.40
N ALA C 257 -23.41 21.90 -26.22
CA ALA C 257 -24.12 22.09 -24.96
C ALA C 257 -23.95 20.83 -24.13
N MET C 258 -23.11 20.89 -23.10
CA MET C 258 -22.77 19.72 -22.31
C MET C 258 -23.18 19.89 -20.85
N GLU C 259 -23.49 18.77 -20.22
CA GLU C 259 -23.64 18.65 -18.77
C GLU C 259 -22.61 17.63 -18.32
N ARG C 260 -21.60 18.09 -17.60
CA ARG C 260 -20.41 17.29 -17.33
C ARG C 260 -20.56 16.44 -16.08
N ASN C 261 -19.84 15.32 -16.05
CA ASN C 261 -19.69 14.47 -14.89
C ASN C 261 -18.28 14.67 -14.32
N ALA C 262 -17.96 13.90 -13.28
CA ALA C 262 -16.68 14.02 -12.60
C ALA C 262 -16.06 12.65 -12.38
N GLY C 263 -14.74 12.60 -12.47
CA GLY C 263 -14.00 11.39 -12.14
C GLY C 263 -13.77 10.44 -13.28
N SER C 264 -13.23 10.92 -14.39
CA SER C 264 -12.93 10.09 -15.55
C SER C 264 -11.56 10.46 -16.12
N GLY C 265 -11.11 9.65 -17.08
CA GLY C 265 -9.81 9.84 -17.69
C GLY C 265 -9.84 9.49 -19.16
N ILE C 266 -8.65 9.52 -19.77
CA ILE C 266 -8.48 9.29 -21.20
C ILE C 266 -7.47 8.15 -21.36
N ILE C 267 -7.88 7.10 -22.07
CA ILE C 267 -7.07 5.88 -22.20
C ILE C 267 -6.37 5.90 -23.55
N ILE C 268 -5.06 5.75 -23.52
CA ILE C 268 -4.23 5.66 -24.73
C ILE C 268 -3.89 4.19 -24.90
N SER C 269 -4.65 3.48 -25.72
CA SER C 269 -4.45 2.05 -25.89
C SER C 269 -4.91 1.60 -27.27
N ASP C 270 -4.38 0.47 -27.71
CA ASP C 270 -4.77 -0.19 -28.95
C ASP C 270 -5.84 -1.24 -28.73
N THR C 271 -6.36 -1.36 -27.52
CA THR C 271 -7.34 -2.39 -27.19
C THR C 271 -8.69 -2.05 -27.82
N PRO C 272 -9.29 -2.98 -28.56
CA PRO C 272 -10.59 -2.68 -29.20
C PRO C 272 -11.72 -2.61 -28.19
N VAL C 273 -12.75 -1.85 -28.56
CA VAL C 273 -13.92 -1.64 -27.72
C VAL C 273 -14.95 -2.72 -28.03
N HIS C 274 -15.43 -3.40 -27.01
CA HIS C 274 -16.43 -4.45 -27.16
C HIS C 274 -17.64 -4.15 -26.30
N ASP C 275 -18.74 -4.82 -26.59
CA ASP C 275 -20.01 -4.64 -25.87
C ASP C 275 -19.95 -5.43 -24.58
N CYS C 276 -19.56 -4.76 -23.50
CA CYS C 276 -19.38 -5.40 -22.20
C CYS C 276 -19.50 -4.35 -21.11
N ASN C 277 -19.76 -4.81 -19.89
CA ASN C 277 -19.94 -3.95 -18.74
C ASN C 277 -18.96 -4.33 -17.65
N THR C 278 -18.16 -3.36 -17.18
CA THR C 278 -17.29 -3.54 -16.04
C THR C 278 -17.35 -2.30 -15.17
N THR C 279 -17.07 -2.49 -13.88
CA THR C 279 -16.91 -1.38 -12.96
C THR C 279 -15.48 -0.85 -12.94
N CYS C 280 -14.55 -1.54 -13.58
CA CYS C 280 -13.15 -1.13 -13.62
C CYS C 280 -12.66 -1.12 -15.06
N GLN C 281 -11.73 -0.23 -15.35
CA GLN C 281 -11.20 -0.07 -16.70
C GLN C 281 -9.69 0.07 -16.63
N THR C 282 -9.03 -0.27 -17.74
CA THR C 282 -7.59 -0.39 -17.82
C THR C 282 -7.24 -0.34 -19.30
N PRO C 283 -6.13 0.30 -19.70
CA PRO C 283 -5.72 0.27 -21.11
C PRO C 283 -5.44 -1.13 -21.65
N LYS C 284 -4.95 -2.05 -20.82
CA LYS C 284 -4.70 -3.40 -21.27
C LYS C 284 -5.98 -4.21 -21.44
N GLY C 285 -7.05 -3.81 -20.79
CA GLY C 285 -8.32 -4.53 -20.84
C GLY C 285 -8.97 -4.48 -19.47
N ALA C 286 -10.30 -4.52 -19.46
CA ALA C 286 -11.07 -4.26 -18.25
C ALA C 286 -10.94 -5.38 -17.24
N ILE C 287 -11.14 -5.04 -15.97
CA ILE C 287 -10.97 -5.96 -14.85
C ILE C 287 -12.32 -6.17 -14.19
N ASN C 288 -12.72 -7.44 -14.04
CA ASN C 288 -13.98 -7.81 -13.40
C ASN C 288 -13.65 -8.73 -12.24
N THR C 289 -13.55 -8.16 -11.04
CA THR C 289 -13.14 -8.94 -9.88
C THR C 289 -13.62 -8.24 -8.61
N SER C 290 -13.46 -8.94 -7.50
CA SER C 290 -13.72 -8.39 -6.17
C SER C 290 -12.51 -8.46 -5.25
N LEU C 291 -11.37 -8.94 -5.74
CA LEU C 291 -10.17 -8.99 -4.92
C LEU C 291 -9.60 -7.60 -4.71
N PRO C 292 -9.02 -7.31 -3.54
CA PRO C 292 -8.62 -5.93 -3.23
C PRO C 292 -7.39 -5.45 -3.98
N PHE C 293 -6.60 -6.34 -4.59
CA PHE C 293 -5.36 -5.94 -5.24
C PHE C 293 -5.31 -6.48 -6.67
N GLN C 294 -4.54 -5.80 -7.50
CA GLN C 294 -4.33 -6.22 -8.88
C GLN C 294 -2.95 -5.77 -9.33
N ASN C 295 -2.42 -6.45 -10.33
CA ASN C 295 -1.07 -6.17 -10.84
C ASN C 295 -1.07 -6.08 -12.35
N ILE C 296 -2.12 -5.49 -12.92
CA ILE C 296 -2.23 -5.41 -14.37
C ILE C 296 -1.65 -4.10 -14.90
N HIS C 297 -2.12 -2.97 -14.36
CA HIS C 297 -1.67 -1.66 -14.83
C HIS C 297 -1.91 -0.66 -13.71
N PRO C 298 -1.04 0.35 -13.55
CA PRO C 298 -1.31 1.37 -12.52
C PRO C 298 -2.47 2.28 -12.88
N ILE C 299 -2.58 2.69 -14.15
CA ILE C 299 -3.55 3.68 -14.57
C ILE C 299 -4.89 2.97 -14.78
N THR C 300 -5.78 3.09 -13.79
CA THR C 300 -7.08 2.44 -13.83
C THR C 300 -8.17 3.48 -13.60
N ILE C 301 -9.31 3.30 -14.27
CA ILE C 301 -10.44 4.20 -14.17
C ILE C 301 -11.65 3.40 -13.70
N GLY C 302 -12.27 3.83 -12.62
CA GLY C 302 -13.42 3.18 -12.03
C GLY C 302 -13.13 2.72 -10.63
N LYS C 303 -14.09 1.96 -10.06
CA LYS C 303 -13.92 1.36 -8.74
C LYS C 303 -12.98 0.17 -8.87
N CYS C 304 -11.69 0.46 -8.87
CA CYS C 304 -10.67 -0.50 -9.24
C CYS C 304 -9.85 -0.92 -8.03
N PRO C 305 -9.34 -2.16 -8.01
CA PRO C 305 -8.46 -2.58 -6.92
C PRO C 305 -7.12 -1.88 -6.97
N LYS C 306 -6.47 -1.83 -5.81
CA LYS C 306 -5.22 -1.10 -5.66
C LYS C 306 -4.09 -1.81 -6.38
N TYR C 307 -3.33 -1.06 -7.18
CA TYR C 307 -2.24 -1.64 -7.96
C TYR C 307 -1.05 -1.92 -7.06
N VAL C 308 -0.54 -3.15 -7.13
CA VAL C 308 0.62 -3.57 -6.37
C VAL C 308 1.65 -4.12 -7.34
N LYS C 309 2.91 -4.15 -6.89
CA LYS C 309 4.00 -4.73 -7.65
C LYS C 309 4.16 -6.22 -7.42
N SER C 310 3.20 -6.85 -6.74
CA SER C 310 3.28 -8.26 -6.43
C SER C 310 3.03 -9.11 -7.66
N THR C 311 3.60 -10.33 -7.64
CA THR C 311 3.31 -11.33 -8.64
C THR C 311 2.48 -12.48 -8.10
N LYS C 312 2.37 -12.61 -6.79
CA LYS C 312 1.64 -13.72 -6.18
C LYS C 312 1.24 -13.31 -4.77
N LEU C 313 -0.06 -13.14 -4.53
CA LEU C 313 -0.60 -12.80 -3.21
C LEU C 313 -1.68 -13.83 -2.90
N ARG C 314 -1.28 -14.95 -2.33
CA ARG C 314 -2.18 -16.06 -2.03
C ARG C 314 -2.35 -16.16 -0.52
N LEU C 315 -3.61 -16.17 -0.08
CA LEU C 315 -3.95 -16.30 1.33
C LEU C 315 -4.33 -17.75 1.63
N ALA C 316 -3.65 -18.34 2.61
CA ALA C 316 -3.91 -19.72 2.97
C ALA C 316 -5.24 -19.83 3.70
N THR C 317 -6.04 -20.83 3.31
CA THR C 317 -7.34 -21.08 3.91
C THR C 317 -7.37 -22.38 4.70
N GLY C 318 -6.86 -23.46 4.13
CA GLY C 318 -6.83 -24.75 4.79
C GLY C 318 -5.53 -24.99 5.54
N LEU C 319 -5.35 -26.26 5.93
CA LEU C 319 -4.23 -26.65 6.77
C LEU C 319 -2.95 -26.77 5.93
N ARG C 320 -1.87 -27.19 6.58
CA ARG C 320 -0.65 -27.55 5.86
C ARG C 320 -0.85 -28.88 5.15
N ASN C 321 -0.28 -28.99 3.94
CA ASN C 321 -0.43 -30.18 3.12
C ASN C 321 0.76 -31.10 3.38
N ILE C 322 0.59 -32.05 4.29
CA ILE C 322 1.66 -33.01 4.60
C ILE C 322 1.10 -34.41 4.36
N PRO C 323 1.29 -34.99 3.17
CA PRO C 323 0.87 -36.38 2.96
C PRO C 323 1.98 -37.35 3.35
N SER C 324 1.63 -38.33 4.20
CA SER C 324 2.59 -39.33 4.63
C SER C 324 1.89 -40.63 5.02
N PHE D 13 5.04 -33.57 16.69
CA PHE D 13 3.90 -34.26 17.29
C PHE D 13 3.27 -35.21 16.29
N ILE D 14 2.11 -34.83 15.74
CA ILE D 14 1.44 -35.62 14.73
C ILE D 14 2.16 -35.38 13.41
N GLU D 15 2.66 -36.47 12.80
CA GLU D 15 3.65 -36.34 11.74
C GLU D 15 3.04 -35.80 10.45
N GLY D 16 1.90 -36.35 10.03
CA GLY D 16 1.38 -36.00 8.72
C GLY D 16 -0.13 -35.99 8.68
N GLY D 17 -0.65 -35.44 7.57
CA GLY D 17 -2.08 -35.41 7.34
C GLY D 17 -2.59 -36.67 6.70
N TRP D 18 -3.92 -36.76 6.61
CA TRP D 18 -4.60 -37.96 6.16
C TRP D 18 -5.26 -37.67 4.81
N THR D 19 -4.70 -38.28 3.75
CA THR D 19 -5.26 -38.10 2.41
C THR D 19 -6.58 -38.84 2.22
N GLY D 20 -6.88 -39.82 3.07
CA GLY D 20 -8.14 -40.51 3.05
C GLY D 20 -9.26 -39.82 3.76
N MET D 21 -9.03 -38.60 4.26
CA MET D 21 -10.03 -37.83 4.98
C MET D 21 -10.57 -36.77 4.03
N VAL D 22 -11.85 -36.87 3.68
CA VAL D 22 -12.48 -35.95 2.75
C VAL D 22 -13.73 -35.29 3.32
N ASP D 23 -14.28 -35.79 4.42
CA ASP D 23 -15.53 -35.27 4.96
C ASP D 23 -15.35 -34.01 5.78
N GLY D 24 -14.12 -33.61 6.08
CA GLY D 24 -13.90 -32.41 6.86
C GLY D 24 -12.44 -32.13 7.01
N TRP D 25 -12.15 -30.97 7.60
CA TRP D 25 -10.77 -30.58 7.89
C TRP D 25 -10.24 -31.33 9.08
N TYR D 26 -11.08 -31.58 10.08
CA TYR D 26 -10.64 -32.14 11.35
C TYR D 26 -11.43 -33.39 11.65
N GLY D 27 -10.76 -34.37 12.25
CA GLY D 27 -11.46 -35.58 12.57
C GLY D 27 -10.63 -36.62 13.29
N TYR D 28 -10.84 -37.87 12.93
CA TYR D 28 -10.54 -39.00 13.79
C TYR D 28 -10.02 -40.14 12.93
N HIS D 29 -9.48 -41.17 13.58
CA HIS D 29 -9.20 -42.44 12.91
C HIS D 29 -9.61 -43.52 13.89
N HIS D 30 -10.86 -43.94 13.80
CA HIS D 30 -11.35 -45.03 14.64
C HIS D 30 -10.73 -46.34 14.19
N GLN D 31 -10.49 -47.23 15.16
CA GLN D 31 -10.11 -48.60 14.88
C GLN D 31 -10.49 -49.46 16.07
N ASN D 32 -11.26 -50.51 15.82
CA ASN D 32 -11.62 -51.46 16.87
C ASN D 32 -11.79 -52.83 16.25
N GLU D 33 -12.46 -53.72 16.98
CA GLU D 33 -12.64 -55.10 16.56
C GLU D 33 -13.55 -55.22 15.33
N GLN D 34 -14.42 -54.25 15.09
CA GLN D 34 -15.40 -54.36 14.02
C GLN D 34 -15.25 -53.33 12.91
N GLY D 35 -14.39 -52.33 13.07
CA GLY D 35 -14.18 -51.40 11.96
C GLY D 35 -12.91 -50.59 12.12
N SER D 36 -12.54 -49.94 11.03
CA SER D 36 -11.52 -48.89 11.06
C SER D 36 -11.75 -47.98 9.86
N GLY D 37 -11.15 -46.81 9.91
CA GLY D 37 -11.32 -45.84 8.84
C GLY D 37 -11.23 -44.43 9.40
N TYR D 38 -12.03 -43.53 8.83
CA TYR D 38 -12.02 -42.13 9.18
C TYR D 38 -13.43 -41.62 9.41
N ALA D 39 -13.54 -40.62 10.29
CA ALA D 39 -14.82 -39.99 10.58
C ALA D 39 -14.54 -38.55 11.01
N ALA D 40 -14.79 -37.60 10.12
CA ALA D 40 -14.45 -36.21 10.36
C ALA D 40 -15.43 -35.56 11.34
N ASP D 41 -14.89 -34.73 12.23
CA ASP D 41 -15.71 -33.93 13.14
C ASP D 41 -16.32 -32.79 12.35
N LEU D 42 -17.64 -32.80 12.21
CA LEU D 42 -18.31 -31.80 11.37
C LEU D 42 -18.39 -30.44 12.04
N LYS D 43 -18.54 -30.40 13.37
CA LYS D 43 -18.75 -29.14 14.07
C LYS D 43 -17.50 -28.27 14.06
N SER D 44 -16.35 -28.87 14.40
CA SER D 44 -15.10 -28.11 14.43
C SER D 44 -14.67 -27.70 13.02
N THR D 45 -14.88 -28.58 12.04
CA THR D 45 -14.60 -28.26 10.65
C THR D 45 -15.47 -27.10 10.16
N GLN D 46 -16.77 -27.13 10.47
CA GLN D 46 -17.66 -26.07 10.01
C GLN D 46 -17.38 -24.76 10.71
N ASN D 47 -17.02 -24.80 12.00
CA ASN D 47 -16.63 -23.60 12.72
C ASN D 47 -15.36 -22.99 12.14
N ALA D 48 -14.36 -23.82 11.82
CA ALA D 48 -13.12 -23.31 11.24
C ALA D 48 -13.33 -22.79 9.83
N ILE D 49 -14.18 -23.45 9.03
CA ILE D 49 -14.48 -22.98 7.69
C ILE D 49 -15.21 -21.65 7.72
N ASP D 50 -16.18 -21.50 8.63
CA ASP D 50 -16.88 -20.22 8.77
C ASP D 50 -15.96 -19.12 9.27
N LYS D 51 -15.06 -19.44 10.20
CA LYS D 51 -14.12 -18.44 10.73
C LYS D 51 -13.14 -17.97 9.66
N ILE D 52 -12.59 -18.90 8.86
CA ILE D 52 -11.61 -18.48 7.86
C ILE D 52 -12.30 -17.90 6.62
N THR D 53 -13.55 -18.29 6.35
CA THR D 53 -14.33 -17.59 5.32
C THR D 53 -14.63 -16.16 5.73
N ASN D 54 -14.94 -15.93 7.01
CA ASN D 54 -15.08 -14.57 7.51
C ASN D 54 -13.75 -13.83 7.51
N LYS D 55 -12.64 -14.54 7.72
CA LYS D 55 -11.31 -13.93 7.63
C LYS D 55 -11.02 -13.42 6.23
N VAL D 56 -11.28 -14.25 5.22
CA VAL D 56 -11.05 -13.85 3.82
C VAL D 56 -12.04 -12.76 3.40
N ASN D 57 -13.30 -12.87 3.81
CA ASN D 57 -14.29 -11.84 3.50
C ASN D 57 -14.00 -10.53 4.23
N SER D 58 -13.37 -10.59 5.39
CA SER D 58 -12.99 -9.39 6.12
C SER D 58 -11.78 -8.72 5.50
N VAL D 59 -10.84 -9.51 4.97
CA VAL D 59 -9.72 -8.91 4.25
C VAL D 59 -10.20 -8.28 2.94
N ILE D 60 -11.10 -8.95 2.24
CA ILE D 60 -11.55 -8.48 0.93
C ILE D 60 -12.50 -7.29 1.07
N GLU D 61 -13.47 -7.39 1.98
CA GLU D 61 -14.59 -6.46 2.03
C GLU D 61 -14.24 -5.10 2.61
N LYS D 62 -13.20 -5.00 3.44
CA LYS D 62 -12.88 -3.71 4.04
C LYS D 62 -12.22 -2.74 3.07
N MET D 63 -11.84 -3.20 1.88
CA MET D 63 -11.38 -2.32 0.82
C MET D 63 -12.58 -1.77 0.07
N ASN D 64 -12.88 -0.49 0.27
CA ASN D 64 -13.90 0.23 -0.48
C ASN D 64 -13.21 1.33 -1.25
N THR D 65 -13.15 1.19 -2.58
CA THR D 65 -12.48 2.14 -3.44
C THR D 65 -13.53 2.97 -4.17
N GLN D 66 -13.36 4.29 -4.14
CA GLN D 66 -14.28 5.20 -4.80
C GLN D 66 -13.98 5.26 -6.29
N PHE D 67 -14.90 5.87 -7.03
CA PHE D 67 -14.75 6.04 -8.47
C PHE D 67 -13.68 7.08 -8.75
N THR D 68 -12.58 6.66 -9.36
CA THR D 68 -11.46 7.56 -9.57
C THR D 68 -10.73 7.19 -10.85
N ALA D 69 -9.94 8.14 -11.35
CA ALA D 69 -9.08 7.95 -12.52
C ALA D 69 -7.66 8.29 -12.12
N VAL D 70 -6.74 7.33 -12.28
CA VAL D 70 -5.39 7.51 -11.79
C VAL D 70 -4.60 8.46 -12.68
N GLY D 71 -4.76 8.33 -14.00
CA GLY D 71 -3.88 9.04 -14.93
C GLY D 71 -4.22 10.52 -15.07
N LYS D 72 -3.18 11.33 -15.12
CA LYS D 72 -3.28 12.77 -15.38
C LYS D 72 -2.35 13.12 -16.53
N GLU D 73 -2.73 14.17 -17.27
CA GLU D 73 -1.99 14.60 -18.45
C GLU D 73 -1.40 15.97 -18.23
N PHE D 74 -0.12 16.12 -18.56
CA PHE D 74 0.61 17.38 -18.44
C PHE D 74 1.43 17.59 -19.70
N ASN D 75 1.62 18.86 -20.07
CA ASN D 75 2.39 19.16 -21.27
C ASN D 75 3.87 19.25 -20.93
N HIS D 76 4.67 19.78 -21.87
CA HIS D 76 6.12 19.83 -21.68
C HIS D 76 6.55 20.86 -20.65
N LEU D 77 5.66 21.78 -20.26
CA LEU D 77 5.96 22.80 -19.27
C LEU D 77 5.20 22.59 -17.97
N GLU D 78 4.93 21.34 -17.61
CA GLU D 78 4.42 20.98 -16.30
C GLU D 78 5.15 19.72 -15.81
N LYS D 79 6.48 19.73 -15.95
CA LYS D 79 7.27 18.57 -15.57
C LYS D 79 7.29 18.35 -14.06
N ARG D 80 7.25 19.43 -13.29
CA ARG D 80 7.29 19.32 -11.83
C ARG D 80 6.02 18.69 -11.28
N ILE D 81 4.85 19.09 -11.80
CA ILE D 81 3.61 18.50 -11.33
C ILE D 81 3.45 17.08 -11.86
N GLU D 82 4.02 16.79 -13.03
CA GLU D 82 4.05 15.42 -13.54
C GLU D 82 4.89 14.51 -12.64
N ASN D 83 6.05 14.99 -12.21
CA ASN D 83 6.87 14.23 -11.27
C ASN D 83 6.22 14.15 -9.90
N LEU D 84 5.44 15.17 -9.51
CA LEU D 84 4.69 15.13 -8.26
C LEU D 84 3.62 14.05 -8.30
N ASN D 85 2.89 13.95 -9.41
CA ASN D 85 1.87 12.92 -9.57
C ASN D 85 2.50 11.53 -9.65
N LYS D 86 3.65 11.42 -10.33
CA LYS D 86 4.36 10.14 -10.38
C LYS D 86 4.87 9.73 -9.01
N LYS D 87 5.35 10.70 -8.21
CA LYS D 87 5.78 10.44 -6.85
C LYS D 87 4.61 10.01 -5.96
N VAL D 88 3.44 10.62 -6.15
CA VAL D 88 2.24 10.23 -5.42
C VAL D 88 1.85 8.80 -5.75
N ASP D 89 1.86 8.46 -7.06
CA ASP D 89 1.51 7.12 -7.50
C ASP D 89 2.51 6.07 -7.00
N ASP D 90 3.80 6.41 -7.04
CA ASP D 90 4.83 5.48 -6.60
C ASP D 90 4.81 5.29 -5.09
N GLY D 91 4.52 6.35 -4.33
CA GLY D 91 4.37 6.20 -2.90
C GLY D 91 3.16 5.37 -2.52
N PHE D 92 2.05 5.56 -3.22
CA PHE D 92 0.87 4.71 -3.03
C PHE D 92 1.16 3.26 -3.40
N LEU D 93 1.93 3.05 -4.47
CA LEU D 93 2.32 1.71 -4.89
C LEU D 93 3.20 1.03 -3.84
N ASP D 94 4.15 1.77 -3.27
CA ASP D 94 5.04 1.21 -2.25
C ASP D 94 4.28 0.88 -0.98
N ILE D 95 3.38 1.78 -0.55
CA ILE D 95 2.57 1.56 0.66
C ILE D 95 1.68 0.35 0.47
N TRP D 96 1.01 0.26 -0.68
CA TRP D 96 0.07 -0.84 -0.92
C TRP D 96 0.80 -2.16 -1.12
N THR D 97 1.97 -2.16 -1.75
CA THR D 97 2.72 -3.38 -1.94
C THR D 97 3.25 -3.92 -0.62
N TYR D 98 3.85 -3.05 0.21
CA TYR D 98 4.35 -3.48 1.52
C TYR D 98 3.21 -3.96 2.42
N ASN D 99 2.09 -3.23 2.45
CA ASN D 99 0.96 -3.65 3.27
C ASN D 99 0.34 -4.94 2.77
N ALA D 100 0.29 -5.13 1.44
CA ALA D 100 -0.32 -6.34 0.88
C ALA D 100 0.52 -7.59 1.18
N GLU D 101 1.83 -7.52 0.92
CA GLU D 101 2.70 -8.67 1.22
C GLU D 101 2.76 -8.96 2.71
N LEU D 102 2.88 -7.92 3.55
CA LEU D 102 2.96 -8.17 4.98
C LEU D 102 1.64 -8.67 5.56
N LEU D 103 0.51 -8.18 5.05
CA LEU D 103 -0.79 -8.68 5.47
C LEU D 103 -0.97 -10.15 5.08
N VAL D 104 -0.54 -10.52 3.87
CA VAL D 104 -0.63 -11.91 3.43
C VAL D 104 0.24 -12.82 4.30
N LEU D 105 1.47 -12.39 4.61
CA LEU D 105 2.37 -13.23 5.39
C LEU D 105 1.92 -13.39 6.84
N LEU D 106 1.52 -12.29 7.51
CA LEU D 106 1.05 -12.41 8.89
C LEU D 106 -0.27 -13.18 8.97
N GLU D 107 -1.18 -12.97 8.00
CA GLU D 107 -2.45 -13.68 8.06
C GLU D 107 -2.28 -15.15 7.73
N ASN D 108 -1.27 -15.51 6.93
CA ASN D 108 -0.99 -16.92 6.69
C ASN D 108 -0.39 -17.60 7.93
N GLU D 109 0.51 -16.91 8.64
CA GLU D 109 0.92 -17.37 9.97
C GLU D 109 -0.25 -17.54 10.92
N ARG D 110 -1.18 -16.58 10.96
CA ARG D 110 -2.28 -16.70 11.90
C ARG D 110 -3.25 -17.81 11.51
N THR D 111 -3.45 -18.04 10.20
CA THR D 111 -4.30 -19.14 9.75
C THR D 111 -3.69 -20.49 10.11
N LEU D 112 -2.38 -20.66 9.88
CA LEU D 112 -1.73 -21.93 10.21
C LEU D 112 -1.69 -22.16 11.72
N ASP D 113 -1.46 -21.10 12.50
CA ASP D 113 -1.48 -21.24 13.95
C ASP D 113 -2.88 -21.54 14.47
N TYR D 114 -3.92 -20.98 13.82
CA TYR D 114 -5.30 -21.32 14.14
C TYR D 114 -5.58 -22.79 13.85
N HIS D 115 -5.01 -23.31 12.76
CA HIS D 115 -5.20 -24.72 12.44
C HIS D 115 -4.50 -25.64 13.43
N ASP D 116 -3.27 -25.30 13.81
CA ASP D 116 -2.56 -26.08 14.83
C ASP D 116 -3.27 -26.04 16.17
N SER D 117 -3.83 -24.88 16.54
CA SER D 117 -4.57 -24.79 17.79
C SER D 117 -5.86 -25.59 17.74
N ASN D 118 -6.54 -25.63 16.58
CA ASN D 118 -7.74 -26.46 16.45
C ASN D 118 -7.41 -27.94 16.61
N VAL D 119 -6.27 -28.37 16.04
CA VAL D 119 -5.75 -29.72 16.25
C VAL D 119 -5.51 -29.98 17.73
N LYS D 120 -4.89 -29.03 18.43
CA LYS D 120 -4.49 -29.27 19.82
C LYS D 120 -5.69 -29.20 20.77
N ASN D 121 -6.69 -28.35 20.53
CA ASN D 121 -7.86 -28.39 21.41
C ASN D 121 -8.79 -29.56 21.10
N LEU D 122 -8.80 -30.08 19.86
CA LEU D 122 -9.50 -31.35 19.65
C LEU D 122 -8.82 -32.49 20.40
N TYR D 123 -7.48 -32.51 20.37
CA TYR D 123 -6.70 -33.46 21.16
C TYR D 123 -6.96 -33.28 22.65
N GLU D 124 -7.04 -32.03 23.12
CA GLU D 124 -7.25 -31.75 24.54
C GLU D 124 -8.65 -32.13 24.99
N LYS D 125 -9.65 -31.94 24.11
CA LYS D 125 -11.01 -32.37 24.42
C LYS D 125 -11.10 -33.87 24.61
N VAL D 126 -10.52 -34.63 23.67
CA VAL D 126 -10.61 -36.08 23.84
C VAL D 126 -9.71 -36.58 24.97
N ARG D 127 -8.59 -35.90 25.23
CA ARG D 127 -7.72 -36.32 26.34
C ARG D 127 -8.35 -36.04 27.69
N SER D 128 -9.00 -34.88 27.85
CA SER D 128 -9.67 -34.56 29.10
C SER D 128 -10.93 -35.40 29.28
N GLN D 129 -11.54 -35.84 28.17
CA GLN D 129 -12.67 -36.75 28.31
C GLN D 129 -12.24 -38.15 28.70
N LEU D 130 -11.15 -38.66 28.12
CA LEU D 130 -10.83 -40.08 28.26
C LEU D 130 -10.27 -40.40 29.64
N LYS D 131 -9.39 -39.52 30.16
CA LYS D 131 -8.76 -39.62 31.49
C LYS D 131 -7.93 -40.88 31.56
N ASN D 132 -8.19 -41.79 32.51
CA ASN D 132 -7.38 -42.99 32.70
C ASN D 132 -7.91 -44.19 31.93
N ASN D 133 -8.96 -44.02 31.13
CA ASN D 133 -9.54 -45.13 30.39
C ASN D 133 -8.78 -45.46 29.11
N ALA D 134 -7.77 -44.67 28.75
CA ALA D 134 -6.98 -44.92 27.55
C ALA D 134 -5.52 -44.63 27.87
N LYS D 135 -4.69 -44.73 26.84
CA LYS D 135 -3.24 -44.54 26.99
C LYS D 135 -2.74 -43.68 25.84
N GLU D 136 -2.01 -42.62 26.18
CA GLU D 136 -1.42 -41.75 25.17
C GLU D 136 -0.18 -42.43 24.60
N ILE D 137 -0.23 -42.79 23.32
CA ILE D 137 0.84 -43.52 22.66
C ILE D 137 1.57 -42.69 21.62
N GLY D 138 1.20 -41.43 21.46
CA GLY D 138 1.87 -40.57 20.50
C GLY D 138 1.09 -40.44 19.20
N ASN D 139 1.38 -39.35 18.49
CA ASN D 139 0.71 -38.93 17.25
C ASN D 139 -0.81 -38.83 17.41
N GLY D 140 -1.24 -38.32 18.57
CA GLY D 140 -2.64 -38.05 18.79
C GLY D 140 -3.51 -39.26 18.99
N CYS D 141 -2.94 -40.43 19.26
CA CYS D 141 -3.71 -41.65 19.36
C CYS D 141 -3.88 -42.08 20.81
N PHE D 142 -5.01 -42.75 21.08
CA PHE D 142 -5.31 -43.30 22.38
C PHE D 142 -5.59 -44.78 22.24
N GLU D 143 -4.85 -45.62 22.95
CA GLU D 143 -5.11 -47.04 23.00
C GLU D 143 -6.01 -47.33 24.20
N PHE D 144 -7.21 -47.80 23.93
CA PHE D 144 -8.18 -48.07 24.98
C PHE D 144 -7.80 -49.31 25.77
N TYR D 145 -7.85 -49.19 27.09
CA TYR D 145 -7.68 -50.37 27.94
C TYR D 145 -8.92 -51.24 27.94
N HIS D 146 -10.09 -50.66 27.75
CA HIS D 146 -11.35 -51.40 27.78
C HIS D 146 -11.77 -51.79 26.37
N LYS D 147 -12.98 -52.35 26.25
CA LYS D 147 -13.58 -52.67 24.97
C LYS D 147 -14.53 -51.54 24.60
N CYS D 148 -14.19 -50.78 23.55
CA CYS D 148 -14.94 -49.60 23.17
C CYS D 148 -15.38 -49.78 21.71
N ASP D 149 -16.64 -50.17 21.52
CA ASP D 149 -17.17 -50.46 20.19
C ASP D 149 -17.52 -49.16 19.46
N ASN D 150 -18.23 -49.27 18.33
CA ASN D 150 -18.49 -48.12 17.49
C ASN D 150 -19.50 -47.16 18.11
N THR D 151 -20.41 -47.67 18.95
CA THR D 151 -21.28 -46.77 19.71
C THR D 151 -20.49 -45.98 20.74
N CYS D 152 -19.63 -46.69 21.50
CA CYS D 152 -18.66 -46.07 22.40
C CYS D 152 -17.76 -45.07 21.67
N MET D 153 -17.15 -45.49 20.56
CA MET D 153 -16.13 -44.67 19.92
C MET D 153 -16.77 -43.50 19.19
N GLU D 154 -18.01 -43.64 18.75
CA GLU D 154 -18.79 -42.52 18.25
C GLU D 154 -19.22 -41.58 19.37
N SER D 155 -19.46 -42.11 20.57
CA SER D 155 -19.83 -41.26 21.69
C SER D 155 -18.66 -40.43 22.20
N VAL D 156 -17.43 -40.93 22.02
CA VAL D 156 -16.25 -40.12 22.36
C VAL D 156 -16.12 -38.93 21.41
N LYS D 157 -16.60 -39.06 20.17
CA LYS D 157 -16.36 -38.08 19.12
C LYS D 157 -17.03 -36.74 19.41
N ASN D 158 -18.16 -36.74 20.13
CA ASN D 158 -18.91 -35.51 20.36
C ASN D 158 -18.86 -35.02 21.79
N GLY D 159 -18.60 -35.88 22.77
CA GLY D 159 -18.52 -35.44 24.14
C GLY D 159 -19.55 -36.08 25.06
N THR D 160 -19.91 -37.33 24.79
CA THR D 160 -20.90 -38.06 25.59
C THR D 160 -20.31 -39.44 25.97
N TYR D 161 -19.11 -39.42 26.52
CA TYR D 161 -18.42 -40.64 26.93
C TYR D 161 -18.74 -40.87 28.41
N ASP D 162 -19.14 -42.10 28.75
CA ASP D 162 -19.37 -42.49 30.13
C ASP D 162 -18.08 -43.10 30.68
N TYR D 163 -17.35 -42.31 31.47
CA TYR D 163 -16.13 -42.81 32.13
C TYR D 163 -16.36 -43.94 33.14
N PRO D 164 -17.28 -43.87 34.11
CA PRO D 164 -17.35 -44.97 35.10
C PRO D 164 -17.93 -46.27 34.58
N LYS D 165 -18.52 -46.28 33.38
CA LYS D 165 -18.97 -47.53 32.77
C LYS D 165 -17.79 -48.40 32.38
N TYR D 166 -16.69 -47.79 31.94
CA TYR D 166 -15.50 -48.51 31.53
C TYR D 166 -14.31 -48.32 32.47
N SER D 167 -14.49 -47.59 33.58
CA SER D 167 -13.38 -47.29 34.49
C SER D 167 -12.85 -48.54 35.17
N GLU D 168 -13.74 -49.43 35.60
CA GLU D 168 -13.29 -50.65 36.28
C GLU D 168 -12.61 -51.60 35.31
N GLU D 169 -13.08 -51.67 34.06
CA GLU D 169 -12.43 -52.50 33.05
C GLU D 169 -11.06 -51.95 32.68
N ALA D 170 -10.93 -50.62 32.59
CA ALA D 170 -9.61 -50.02 32.35
C ALA D 170 -8.68 -50.19 33.53
N LYS D 171 -9.21 -50.19 34.75
CA LYS D 171 -8.37 -50.42 35.93
C LYS D 171 -7.88 -51.87 35.97
N LEU D 172 -8.73 -52.83 35.60
CA LEU D 172 -8.28 -54.22 35.53
C LEU D 172 -7.30 -54.44 34.39
N ASN D 173 -7.46 -53.74 33.28
CA ASN D 173 -6.56 -53.94 32.15
C ASN D 173 -5.21 -53.26 32.35
N ARG D 174 -5.19 -52.12 33.05
CA ARG D 174 -3.95 -51.36 33.20
C ARG D 174 -2.94 -52.09 34.08
N GLU D 175 -3.41 -52.72 35.16
CA GLU D 175 -2.53 -53.52 36.00
C GLU D 175 -2.91 -54.99 35.95
N GLY E 1 20.38 -39.23 42.86
CA GLY E 1 20.57 -37.82 42.54
C GLY E 1 20.60 -37.57 41.04
N ASP E 2 19.50 -37.90 40.36
CA ASP E 2 19.38 -37.76 38.92
C ASP E 2 18.18 -36.89 38.59
N THR E 3 18.38 -35.91 37.72
CA THR E 3 17.30 -35.03 37.29
C THR E 3 17.64 -34.47 35.91
N LEU E 4 16.61 -34.10 35.16
CA LEU E 4 16.76 -33.43 33.88
C LEU E 4 15.93 -32.16 33.87
N CYS E 5 16.58 -31.04 33.58
CA CYS E 5 15.91 -29.75 33.51
C CYS E 5 16.06 -29.18 32.11
N ILE E 6 15.01 -28.52 31.64
CA ILE E 6 15.09 -27.76 30.39
C ILE E 6 15.04 -26.28 30.74
N GLY E 7 15.46 -25.46 29.79
CA GLY E 7 15.47 -24.03 30.00
C GLY E 7 15.69 -23.29 28.70
N TYR E 8 16.25 -22.09 28.78
CA TYR E 8 16.47 -21.30 27.58
C TYR E 8 17.68 -20.40 27.79
N HIS E 9 18.02 -19.66 26.74
CA HIS E 9 19.23 -18.86 26.70
C HIS E 9 19.12 -17.64 27.60
N ALA E 10 20.27 -17.19 28.10
CA ALA E 10 20.39 -15.91 28.78
C ALA E 10 21.75 -15.32 28.42
N ASN E 11 21.83 -13.99 28.46
CA ASN E 11 23.02 -13.31 27.98
C ASN E 11 23.19 -12.02 28.77
N ASN E 12 24.38 -11.42 28.63
CA ASN E 12 24.70 -10.17 29.27
C ASN E 12 24.31 -8.96 28.43
N SER E 13 23.68 -9.18 27.28
CA SER E 13 23.25 -8.08 26.42
C SER E 13 22.09 -7.34 27.05
N THR E 14 22.17 -6.01 27.07
CA THR E 14 21.16 -5.16 27.68
C THR E 14 20.29 -4.47 26.65
N ASP E 15 20.22 -5.00 25.43
CA ASP E 15 19.39 -4.42 24.40
C ASP E 15 17.91 -4.66 24.71
N THR E 16 17.13 -3.59 24.68
CA THR E 16 15.72 -3.64 25.03
C THR E 16 14.86 -3.29 23.82
N VAL E 17 13.70 -3.94 23.71
CA VAL E 17 12.75 -3.69 22.65
C VAL E 17 11.41 -3.32 23.25
N ASP E 18 10.52 -2.81 22.42
CA ASP E 18 9.18 -2.42 22.83
C ASP E 18 8.16 -3.30 22.10
N THR E 19 7.27 -3.92 22.86
CA THR E 19 6.20 -4.72 22.31
C THR E 19 4.87 -4.00 22.52
N VAL E 20 3.78 -4.65 22.11
CA VAL E 20 2.46 -4.06 22.27
C VAL E 20 2.02 -4.10 23.73
N LEU E 21 2.22 -5.24 24.39
CA LEU E 21 1.76 -5.40 25.76
C LEU E 21 2.77 -4.88 26.79
N GLU E 22 4.05 -4.87 26.46
CA GLU E 22 5.08 -4.40 27.37
C GLU E 22 6.02 -3.44 26.66
N LYS E 23 6.46 -2.42 27.37
CA LYS E 23 7.47 -1.49 26.89
C LYS E 23 8.75 -1.69 27.68
N ASN E 24 9.89 -1.56 26.98
CA ASN E 24 11.24 -1.67 27.55
C ASN E 24 11.45 -3.03 28.20
N VAL E 25 11.37 -4.07 27.38
CA VAL E 25 11.64 -5.45 27.79
C VAL E 25 12.98 -5.88 27.21
N THR E 26 13.81 -6.51 28.05
CA THR E 26 15.17 -6.85 27.67
C THR E 26 15.19 -8.14 26.86
N VAL E 27 15.93 -8.13 25.75
CA VAL E 27 16.07 -9.30 24.90
C VAL E 27 17.54 -9.62 24.71
N THR E 28 17.80 -10.89 24.38
CA THR E 28 19.17 -11.35 24.22
C THR E 28 19.79 -10.81 22.93
N HIS E 29 19.04 -10.86 21.82
CA HIS E 29 19.54 -10.38 20.53
C HIS E 29 18.43 -9.59 19.85
N SER E 30 18.83 -8.70 18.95
CA SER E 30 17.88 -7.88 18.22
C SER E 30 18.52 -7.41 16.91
N VAL E 31 17.66 -6.97 15.99
CA VAL E 31 18.09 -6.45 14.70
C VAL E 31 17.45 -5.08 14.50
N ASN E 32 18.27 -4.08 14.22
CA ASN E 32 17.80 -2.72 14.04
C ASN E 32 17.19 -2.54 12.66
N LEU E 33 15.94 -2.07 12.62
CA LEU E 33 15.23 -1.82 11.37
C LEU E 33 15.33 -0.37 10.92
N LEU E 34 16.06 0.47 11.65
CA LEU E 34 16.14 1.90 11.37
C LEU E 34 17.58 2.26 11.06
N GLU E 35 17.78 3.10 10.06
CA GLU E 35 19.11 3.57 9.68
C GLU E 35 19.25 5.02 10.09
N ASP E 36 19.86 5.26 11.24
CA ASP E 36 20.14 6.60 11.73
C ASP E 36 21.59 7.03 11.50
N LYS E 37 22.34 6.28 10.69
CA LYS E 37 23.74 6.57 10.40
C LYS E 37 23.89 6.86 8.91
N HIS E 38 24.55 7.96 8.58
CA HIS E 38 24.88 8.30 7.21
C HIS E 38 26.35 8.65 7.12
N ASN E 39 26.89 8.56 5.90
CA ASN E 39 28.32 8.75 5.70
C ASN E 39 28.75 10.20 5.85
N GLY E 40 27.83 11.16 5.78
CA GLY E 40 28.20 12.56 5.87
C GLY E 40 28.87 13.12 4.64
N LYS E 41 28.85 12.39 3.53
CA LYS E 41 29.47 12.82 2.28
C LYS E 41 28.45 12.69 1.16
N LEU E 42 28.57 13.56 0.16
CA LEU E 42 27.69 13.52 -1.01
C LEU E 42 28.32 12.62 -2.07
N CYS E 43 27.76 11.42 -2.23
CA CYS E 43 28.33 10.41 -3.10
C CYS E 43 27.72 10.46 -4.50
N LYS E 44 28.14 9.52 -5.34
CA LYS E 44 27.56 9.35 -6.66
C LYS E 44 26.29 8.52 -6.57
N LEU E 45 25.41 8.69 -7.56
CA LEU E 45 24.24 7.86 -7.72
C LEU E 45 24.36 7.10 -9.04
N ARG E 46 24.30 5.77 -8.95
CA ARG E 46 24.49 4.84 -10.08
C ARG E 46 25.83 5.06 -10.78
N GLY E 47 26.86 5.38 -10.00
CA GLY E 47 28.21 5.48 -10.52
C GLY E 47 28.52 6.74 -11.30
N VAL E 48 27.63 7.73 -11.32
CA VAL E 48 27.83 8.97 -12.05
C VAL E 48 27.96 10.10 -11.03
N ALA E 49 29.02 10.90 -11.17
CA ALA E 49 29.30 11.97 -10.21
C ALA E 49 28.29 13.10 -10.37
N PRO E 50 27.78 13.66 -9.27
CA PRO E 50 26.80 14.73 -9.37
C PRO E 50 27.42 16.04 -9.84
N LEU E 51 26.57 16.92 -10.33
CA LEU E 51 27.00 18.24 -10.78
C LEU E 51 27.06 19.17 -9.58
N HIS E 52 28.27 19.62 -9.24
CA HIS E 52 28.50 20.55 -8.14
C HIS E 52 28.81 21.91 -8.73
N LEU E 53 27.93 22.88 -8.49
CA LEU E 53 28.10 24.23 -9.02
C LEU E 53 28.76 25.18 -8.04
N GLY E 54 28.94 24.78 -6.79
CA GLY E 54 29.69 25.61 -5.85
C GLY E 54 28.88 26.80 -5.39
N LYS E 55 29.50 27.98 -5.46
CA LYS E 55 28.85 29.23 -5.07
C LYS E 55 27.82 29.70 -6.08
N CYS E 56 27.79 29.12 -7.28
CA CYS E 56 26.79 29.46 -8.27
C CYS E 56 25.53 28.64 -8.06
N ASN E 57 24.48 29.00 -8.79
CA ASN E 57 23.26 28.21 -8.85
C ASN E 57 23.05 27.74 -10.29
N ILE E 58 21.89 27.14 -10.55
CA ILE E 58 21.62 26.56 -11.85
C ILE E 58 21.45 27.64 -12.92
N ALA E 59 20.83 28.78 -12.55
CA ALA E 59 20.66 29.89 -13.48
C ALA E 59 22.00 30.50 -13.88
N GLY E 60 22.88 30.71 -12.90
CA GLY E 60 24.18 31.30 -13.19
C GLY E 60 25.07 30.39 -14.00
N TRP E 61 25.01 29.08 -13.73
CA TRP E 61 25.80 28.14 -14.53
C TRP E 61 25.26 27.99 -15.94
N ILE E 62 23.94 27.88 -16.09
CA ILE E 62 23.39 27.62 -17.41
C ILE E 62 23.37 28.89 -18.26
N LEU E 63 23.41 30.07 -17.64
CA LEU E 63 23.48 31.31 -18.40
C LEU E 63 24.90 31.79 -18.64
N GLY E 64 25.89 31.18 -17.99
CA GLY E 64 27.27 31.59 -18.17
C GLY E 64 27.63 32.84 -17.39
N ASN E 65 27.28 32.85 -16.11
CA ASN E 65 27.61 33.96 -15.23
C ASN E 65 29.12 34.09 -15.07
N PRO E 66 29.65 35.33 -14.94
CA PRO E 66 31.11 35.50 -14.83
C PRO E 66 31.73 35.07 -13.50
N GLU E 67 30.94 34.44 -12.61
CA GLU E 67 31.47 33.81 -11.41
C GLU E 67 31.36 32.29 -11.47
N CYS E 68 30.91 31.73 -12.60
CA CYS E 68 30.79 30.28 -12.77
C CYS E 68 31.74 29.76 -13.85
N GLU E 69 32.72 30.56 -14.26
CA GLU E 69 33.65 30.16 -15.31
C GLU E 69 34.70 29.18 -14.81
N SER E 70 34.87 29.03 -13.50
CA SER E 70 35.85 28.12 -12.93
C SER E 70 35.30 26.72 -12.69
N LEU E 71 34.03 26.48 -12.99
CA LEU E 71 33.45 25.16 -12.79
C LEU E 71 33.88 24.22 -13.91
N SER E 72 33.63 22.92 -13.68
CA SER E 72 34.02 21.88 -14.62
C SER E 72 32.78 21.35 -15.33
N THR E 73 32.85 21.27 -16.65
CA THR E 73 31.74 20.80 -17.47
C THR E 73 31.81 19.28 -17.62
N ALA E 74 30.82 18.59 -17.06
CA ALA E 74 30.75 17.14 -17.13
C ALA E 74 29.75 16.72 -18.21
N SER E 75 30.03 15.57 -18.83
CA SER E 75 29.14 15.07 -19.87
C SER E 75 27.84 14.52 -19.29
N SER E 76 27.89 13.98 -18.07
CA SER E 76 26.69 13.47 -17.43
C SER E 76 26.80 13.68 -15.92
N TRP E 77 25.65 13.81 -15.27
CA TRP E 77 25.62 13.94 -13.83
C TRP E 77 24.35 13.28 -13.30
N SER E 78 24.48 12.68 -12.10
CA SER E 78 23.34 12.02 -11.48
C SER E 78 22.34 13.02 -10.91
N TYR E 79 22.82 14.06 -10.24
CA TYR E 79 21.96 15.10 -9.69
C TYR E 79 22.76 16.39 -9.63
N ILE E 80 22.11 17.45 -9.15
CA ILE E 80 22.73 18.77 -9.03
C ILE E 80 22.91 19.07 -7.56
N VAL E 81 24.14 19.42 -7.18
CA VAL E 81 24.45 19.84 -5.83
C VAL E 81 24.39 21.36 -5.76
N GLU E 82 23.67 21.88 -4.78
CA GLU E 82 23.54 23.31 -4.57
C GLU E 82 23.83 23.63 -3.11
N THR E 83 24.45 24.78 -2.88
CA THR E 83 24.70 25.23 -1.53
C THR E 83 23.63 26.22 -1.08
N PRO E 84 23.34 26.29 0.22
CA PRO E 84 22.43 27.34 0.70
C PRO E 84 22.98 28.75 0.55
N SER E 85 24.29 28.92 0.41
CA SER E 85 24.90 30.22 0.21
C SER E 85 25.08 30.55 -1.27
N SER E 86 24.49 29.78 -2.17
CA SER E 86 24.61 30.02 -3.61
C SER E 86 23.72 31.21 -3.98
N ASP E 87 24.34 32.29 -4.43
CA ASP E 87 23.59 33.50 -4.73
C ASP E 87 24.23 34.19 -5.94
N ASN E 88 24.74 33.42 -6.91
CA ASN E 88 25.39 34.03 -8.06
C ASN E 88 24.67 33.52 -9.32
N GLY E 89 23.60 34.20 -9.68
CA GLY E 89 22.83 33.86 -10.86
C GLY E 89 21.87 34.98 -11.20
N THR E 90 21.70 35.24 -12.50
CA THR E 90 20.99 36.40 -13.04
C THR E 90 21.54 37.70 -12.43
N CYS E 91 22.81 37.95 -12.75
CA CYS E 91 23.50 39.16 -12.28
C CYS E 91 22.86 40.41 -12.86
N TYR E 92 22.49 40.39 -14.13
CA TYR E 92 21.56 41.45 -14.47
C TYR E 92 20.17 41.05 -13.99
N PRO E 93 19.49 41.92 -13.25
CA PRO E 93 18.23 41.52 -12.60
C PRO E 93 17.10 41.27 -13.61
N GLY E 94 16.18 40.41 -13.21
CA GLY E 94 15.08 40.07 -14.09
C GLY E 94 14.47 38.74 -13.71
N ASP E 95 13.54 38.30 -14.55
CA ASP E 95 12.71 37.14 -14.26
C ASP E 95 13.19 35.99 -15.15
N PHE E 96 13.27 34.80 -14.56
CA PHE E 96 13.57 33.57 -15.29
C PHE E 96 12.27 32.78 -15.36
N ILE E 97 11.64 32.76 -16.52
CA ILE E 97 10.32 32.17 -16.69
C ILE E 97 10.46 30.65 -16.75
N ASP E 98 9.68 29.96 -15.92
CA ASP E 98 9.76 28.50 -15.69
C ASP E 98 11.16 28.10 -15.24
N TYR E 99 11.68 28.85 -14.27
CA TYR E 99 13.02 28.59 -13.73
C TYR E 99 13.08 27.26 -13.00
N GLU E 100 12.06 26.98 -12.19
CA GLU E 100 12.01 25.72 -11.45
C GLU E 100 11.86 24.51 -12.37
N GLU E 101 11.26 24.69 -13.54
CA GLU E 101 11.15 23.59 -14.49
C GLU E 101 12.45 23.36 -15.26
N LEU E 102 13.23 24.40 -15.52
CA LEU E 102 14.57 24.20 -16.03
C LEU E 102 15.47 23.55 -14.98
N ARG E 103 15.25 23.86 -13.70
CA ARG E 103 15.94 23.16 -12.63
C ARG E 103 15.54 21.69 -12.58
N GLU E 104 14.26 21.41 -12.82
CA GLU E 104 13.76 20.03 -12.80
C GLU E 104 14.31 19.24 -13.98
N GLN E 105 14.33 19.83 -15.18
CA GLN E 105 14.70 19.09 -16.38
C GLN E 105 16.20 18.87 -16.50
N LEU E 106 17.02 19.75 -15.94
CA LEU E 106 18.46 19.62 -15.98
C LEU E 106 19.03 18.82 -14.82
N SER E 107 18.17 18.18 -14.03
CA SER E 107 18.61 17.46 -12.84
C SER E 107 19.49 16.27 -13.17
N SER E 108 19.15 15.52 -14.21
CA SER E 108 19.98 14.42 -14.67
C SER E 108 20.07 14.45 -16.18
N VAL E 109 21.28 14.25 -16.71
CA VAL E 109 21.52 14.25 -18.15
C VAL E 109 22.37 13.04 -18.49
N SER E 110 22.23 12.56 -19.73
CA SER E 110 23.02 11.45 -20.22
C SER E 110 24.24 11.94 -21.00
N SER E 111 24.04 12.91 -21.89
CA SER E 111 25.13 13.52 -22.64
C SER E 111 24.94 15.03 -22.63
N PHE E 112 26.01 15.77 -22.32
CA PHE E 112 25.93 17.22 -22.22
C PHE E 112 27.17 17.81 -22.88
N GLU E 113 26.97 18.46 -24.02
CA GLU E 113 28.05 19.14 -24.74
C GLU E 113 27.67 20.60 -24.97
N ARG E 114 28.59 21.50 -24.66
CA ARG E 114 28.38 22.93 -24.88
C ARG E 114 28.90 23.26 -26.28
N PHE E 115 27.99 23.44 -27.22
CA PHE E 115 28.35 23.75 -28.59
C PHE E 115 27.95 25.18 -28.91
N GLU E 116 28.69 25.78 -29.84
CA GLU E 116 28.52 27.19 -30.18
C GLU E 116 27.43 27.28 -31.24
N ILE E 117 26.20 27.58 -30.80
CA ILE E 117 25.04 27.57 -31.69
C ILE E 117 25.12 28.70 -32.72
N PHE E 118 25.65 29.85 -32.33
CA PHE E 118 25.86 30.95 -33.24
C PHE E 118 27.26 31.48 -33.01
N PRO E 119 28.14 31.47 -34.02
CA PRO E 119 29.49 31.97 -33.83
C PRO E 119 29.52 33.47 -33.56
N LYS E 120 30.49 33.89 -32.76
CA LYS E 120 30.56 35.29 -32.36
C LYS E 120 31.10 36.17 -33.48
N THR E 121 32.06 35.66 -34.26
CA THR E 121 32.78 36.47 -35.22
C THR E 121 32.28 36.31 -36.65
N SER E 122 31.29 35.46 -36.89
CA SER E 122 30.85 35.22 -38.26
C SER E 122 29.34 35.16 -38.47
N SER E 123 28.53 35.33 -37.43
CA SER E 123 27.09 35.18 -37.57
C SER E 123 26.31 36.49 -37.47
N TRP E 124 26.90 37.54 -36.93
CA TRP E 124 26.28 38.87 -36.91
C TRP E 124 27.25 39.90 -37.45
N PRO E 125 27.30 40.09 -38.77
CA PRO E 125 28.13 41.16 -39.35
C PRO E 125 27.43 42.50 -39.52
N ASN E 126 26.22 42.68 -38.98
CA ASN E 126 25.49 43.93 -39.10
C ASN E 126 25.18 44.56 -37.75
N HIS E 127 25.57 43.92 -36.64
CA HIS E 127 25.32 44.45 -35.31
C HIS E 127 26.63 44.46 -34.52
N ASP E 128 26.58 45.01 -33.31
CA ASP E 128 27.74 45.12 -32.45
C ASP E 128 27.55 44.20 -31.26
N SER E 129 28.52 43.31 -31.05
CA SER E 129 28.49 42.36 -29.95
C SER E 129 29.54 42.64 -28.89
N ASN E 130 30.49 43.54 -29.15
CA ASN E 130 31.55 43.85 -28.20
C ASN E 130 31.11 44.82 -27.12
N LYS E 131 30.26 45.80 -27.45
CA LYS E 131 29.85 46.82 -26.50
C LYS E 131 28.79 46.34 -25.52
N GLY E 132 28.26 45.13 -25.70
CA GLY E 132 27.24 44.63 -24.82
C GLY E 132 27.76 44.12 -23.49
N VAL E 133 28.22 45.04 -22.64
CA VAL E 133 28.73 44.71 -21.32
C VAL E 133 28.00 45.60 -20.31
N THR E 134 28.05 45.17 -19.05
CA THR E 134 27.39 45.91 -17.98
C THR E 134 28.18 45.74 -16.69
N ALA E 135 27.91 46.65 -15.75
CA ALA E 135 28.55 46.61 -14.45
C ALA E 135 27.84 45.68 -13.47
N ALA E 136 26.66 45.17 -13.83
CA ALA E 136 25.97 44.21 -12.98
C ALA E 136 26.61 42.84 -13.00
N CYS E 137 27.41 42.53 -14.02
CA CYS E 137 28.10 41.26 -14.14
C CYS E 137 29.58 41.55 -14.34
N PRO E 138 30.30 41.89 -13.28
CA PRO E 138 31.70 42.26 -13.43
C PRO E 138 32.60 41.04 -13.54
N HIS E 139 33.77 41.27 -14.14
CA HIS E 139 34.78 40.23 -14.32
C HIS E 139 36.14 40.85 -14.03
N ALA E 140 36.66 40.60 -12.82
CA ALA E 140 37.93 41.14 -12.31
C ALA E 140 37.94 42.66 -12.36
N GLY E 141 36.83 43.29 -11.97
CA GLY E 141 36.73 44.73 -11.93
C GLY E 141 36.36 45.38 -13.25
N ALA E 142 36.21 44.61 -14.33
CA ALA E 142 35.86 45.14 -15.63
C ALA E 142 34.42 44.75 -15.96
N LYS E 143 33.78 45.58 -16.80
CA LYS E 143 32.42 45.30 -17.24
C LYS E 143 32.41 44.11 -18.18
N SER E 144 31.50 43.17 -17.96
CA SER E 144 31.39 41.99 -18.78
C SER E 144 29.93 41.52 -18.79
N PHE E 145 29.67 40.45 -19.52
CA PHE E 145 28.33 39.91 -19.70
C PHE E 145 28.42 38.39 -19.55
N TYR E 146 27.34 37.71 -19.92
CA TYR E 146 27.28 36.26 -19.93
C TYR E 146 28.24 35.68 -20.96
N LYS E 147 28.60 34.42 -20.75
CA LYS E 147 29.35 33.69 -21.76
C LYS E 147 28.44 32.89 -22.69
N ASN E 148 27.28 32.47 -22.20
CA ASN E 148 26.30 31.76 -23.02
C ASN E 148 25.37 32.68 -23.78
N LEU E 149 25.33 33.97 -23.44
CA LEU E 149 24.45 34.93 -24.09
C LEU E 149 25.26 36.13 -24.55
N ILE E 150 24.75 36.81 -25.57
CA ILE E 150 25.39 38.00 -26.12
C ILE E 150 24.35 39.12 -26.15
N TRP E 151 24.68 40.24 -25.50
CA TRP E 151 23.92 41.47 -25.70
C TRP E 151 24.28 42.02 -27.07
N LEU E 152 23.27 42.23 -27.91
CA LEU E 152 23.49 42.79 -29.24
C LEU E 152 22.99 44.23 -29.27
N VAL E 153 23.89 45.16 -29.58
CA VAL E 153 23.56 46.57 -29.66
C VAL E 153 23.76 47.05 -31.09
N LYS E 154 23.51 48.33 -31.34
CA LYS E 154 23.58 48.86 -32.70
C LYS E 154 25.02 48.98 -33.18
N LYS E 155 25.20 48.78 -34.48
CA LYS E 155 26.50 48.91 -35.13
C LYS E 155 26.57 50.29 -35.77
N GLY E 156 27.37 51.17 -35.17
CA GLY E 156 27.42 52.55 -35.64
C GLY E 156 26.16 53.30 -35.29
N ASN E 157 25.40 53.70 -36.31
CA ASN E 157 24.15 54.41 -36.11
C ASN E 157 22.94 53.64 -36.65
N SER E 158 23.09 52.35 -36.92
CA SER E 158 22.00 51.57 -37.51
C SER E 158 21.99 50.16 -36.93
N TYR E 159 20.80 49.73 -36.51
CA TYR E 159 20.57 48.36 -36.06
C TYR E 159 19.57 47.73 -37.02
N PRO E 160 20.00 46.92 -37.98
CA PRO E 160 19.06 46.30 -38.91
C PRO E 160 18.25 45.20 -38.25
N LYS E 161 17.25 44.73 -38.98
CA LYS E 161 16.37 43.68 -38.48
C LYS E 161 17.12 42.35 -38.44
N LEU E 162 17.02 41.65 -37.30
CA LEU E 162 17.69 40.39 -37.11
C LEU E 162 16.87 39.26 -37.70
N SER E 163 17.55 38.34 -38.39
CA SER E 163 16.89 37.16 -38.96
C SER E 163 17.92 36.02 -38.97
N LYS E 164 17.88 35.20 -37.92
CA LYS E 164 18.78 34.06 -37.80
C LYS E 164 18.00 32.83 -37.38
N SER E 165 18.48 31.67 -37.82
CA SER E 165 17.87 30.39 -37.49
C SER E 165 18.96 29.34 -37.34
N TYR E 166 18.65 28.30 -36.56
CA TYR E 166 19.55 27.17 -36.37
C TYR E 166 18.77 25.88 -36.52
N ILE E 167 19.35 24.94 -37.26
CA ILE E 167 18.72 23.64 -37.52
C ILE E 167 19.39 22.60 -36.64
N ASN E 168 18.57 21.89 -35.85
CA ASN E 168 19.07 20.84 -34.98
C ASN E 168 19.13 19.53 -35.75
N ASP E 169 20.33 18.98 -35.90
CA ASP E 169 20.53 17.79 -36.72
C ASP E 169 21.47 16.78 -36.09
N LYS E 170 21.60 16.79 -34.76
CA LYS E 170 22.56 15.92 -34.07
C LYS E 170 21.90 14.88 -33.18
N GLY E 171 20.59 14.67 -33.32
CA GLY E 171 19.91 13.57 -32.66
C GLY E 171 19.61 13.78 -31.19
N LYS E 172 19.95 14.93 -30.63
CA LYS E 172 19.66 15.24 -29.24
C LYS E 172 18.86 16.53 -29.17
N GLU E 173 18.09 16.67 -28.09
CA GLU E 173 17.38 17.92 -27.86
C GLU E 173 18.35 19.02 -27.50
N VAL E 174 18.13 20.21 -28.05
CA VAL E 174 18.99 21.36 -27.84
C VAL E 174 18.25 22.35 -26.95
N LEU E 175 18.84 22.67 -25.80
CA LEU E 175 18.30 23.66 -24.89
C LEU E 175 18.77 25.04 -25.36
N VAL E 176 17.84 25.86 -25.83
CA VAL E 176 18.14 27.18 -26.36
C VAL E 176 17.71 28.21 -25.33
N LEU E 177 18.66 29.00 -24.86
CA LEU E 177 18.42 30.05 -23.89
C LEU E 177 18.61 31.42 -24.54
N TRP E 178 17.74 32.36 -24.18
CA TRP E 178 17.86 33.73 -24.65
C TRP E 178 17.19 34.64 -23.62
N GLY E 179 17.09 35.92 -23.96
CA GLY E 179 16.40 36.86 -23.11
C GLY E 179 16.05 38.11 -23.88
N ILE E 180 15.03 38.81 -23.40
CA ILE E 180 14.62 40.09 -23.95
C ILE E 180 15.02 41.18 -22.97
N HIS E 181 15.56 42.27 -23.52
CA HIS E 181 16.04 43.37 -22.68
C HIS E 181 14.96 44.44 -22.57
N HIS E 182 14.71 44.88 -21.35
CA HIS E 182 13.82 46.01 -21.10
C HIS E 182 14.65 47.19 -20.63
N PRO E 183 14.94 48.17 -21.49
CA PRO E 183 15.64 49.36 -21.04
C PRO E 183 14.76 50.20 -20.14
N SER E 184 15.41 50.97 -19.25
CA SER E 184 14.67 51.76 -18.29
C SER E 184 14.06 53.00 -18.93
N THR E 185 14.81 53.67 -19.80
CA THR E 185 14.38 54.90 -20.44
C THR E 185 14.48 54.75 -21.95
N SER E 186 13.72 55.59 -22.66
CA SER E 186 13.81 55.64 -24.12
C SER E 186 15.13 56.21 -24.61
N ALA E 187 15.84 56.96 -23.76
CA ALA E 187 17.18 57.40 -24.10
C ALA E 187 18.13 56.21 -24.23
N ASP E 188 18.00 55.22 -23.35
CA ASP E 188 18.77 53.98 -23.49
C ASP E 188 18.35 53.21 -24.73
N GLN E 189 17.06 53.24 -25.05
CA GLN E 189 16.54 52.58 -26.24
C GLN E 189 17.13 53.17 -27.52
N GLN E 190 17.27 54.49 -27.56
CA GLN E 190 17.91 55.13 -28.70
C GLN E 190 19.43 54.95 -28.67
N SER E 191 20.03 54.89 -27.47
CA SER E 191 21.48 54.83 -27.35
C SER E 191 22.05 53.45 -27.65
N LEU E 192 21.27 52.39 -27.47
CA LEU E 192 21.78 51.05 -27.73
C LEU E 192 21.19 50.38 -28.97
N TYR E 193 20.00 50.81 -29.42
CA TYR E 193 19.33 50.12 -30.51
C TYR E 193 18.81 51.02 -31.63
N GLN E 194 18.70 52.34 -31.40
CA GLN E 194 18.41 53.41 -32.37
C GLN E 194 16.95 53.38 -32.87
N ASN E 195 16.20 52.34 -32.52
CA ASN E 195 14.81 52.22 -32.93
C ASN E 195 13.92 52.32 -31.68
N ALA E 196 12.94 53.22 -31.74
CA ALA E 196 12.10 53.45 -30.56
C ALA E 196 11.13 52.30 -30.33
N ASP E 197 10.54 51.77 -31.38
CA ASP E 197 9.58 50.67 -31.29
C ASP E 197 10.20 49.43 -31.90
N THR E 198 10.47 48.43 -31.05
CA THR E 198 11.02 47.15 -31.48
C THR E 198 10.15 46.03 -30.95
N TYR E 199 10.49 44.80 -31.35
CA TYR E 199 9.85 43.60 -30.83
C TYR E 199 10.83 42.45 -30.95
N VAL E 200 10.54 41.36 -30.24
CA VAL E 200 11.30 40.12 -30.33
C VAL E 200 10.33 39.00 -30.67
N PHE E 201 10.61 38.26 -31.73
CA PHE E 201 9.85 37.06 -32.08
C PHE E 201 10.76 35.85 -32.01
N VAL E 202 10.21 34.75 -31.49
CA VAL E 202 10.89 33.46 -31.47
C VAL E 202 9.88 32.41 -31.92
N GLY E 203 10.33 31.44 -32.71
CA GLY E 203 9.43 30.43 -33.21
C GLY E 203 10.09 29.12 -33.57
N SER E 204 9.41 28.02 -33.29
CA SER E 204 9.84 26.69 -33.69
C SER E 204 8.59 25.94 -34.16
N SER E 205 8.69 24.63 -34.28
CA SER E 205 7.56 23.83 -34.74
C SER E 205 6.46 23.73 -33.70
N ARG E 206 6.77 23.94 -32.43
CA ARG E 206 5.77 23.90 -31.37
C ARG E 206 5.78 25.13 -30.47
N TYR E 207 6.71 26.05 -30.67
CA TYR E 207 6.84 27.25 -29.85
C TYR E 207 6.60 28.47 -30.72
N SER E 208 5.84 29.43 -30.19
CA SER E 208 5.54 30.65 -30.93
C SER E 208 5.22 31.74 -29.90
N LYS E 209 6.08 32.75 -29.81
CA LYS E 209 5.87 33.85 -28.89
C LYS E 209 6.50 35.11 -29.46
N LYS E 210 5.78 36.23 -29.33
CA LYS E 210 6.27 37.53 -29.74
C LYS E 210 6.36 38.44 -28.51
N PHE E 211 7.54 39.03 -28.30
CA PHE E 211 7.81 39.82 -27.12
C PHE E 211 7.78 41.29 -27.47
N LYS E 212 6.92 42.06 -26.78
CA LYS E 212 6.92 43.50 -26.90
C LYS E 212 7.62 44.09 -25.68
N PRO E 213 8.75 44.79 -25.86
CA PRO E 213 9.51 45.26 -24.70
C PRO E 213 8.80 46.36 -23.92
N GLU E 214 9.11 46.43 -22.63
CA GLU E 214 8.47 47.33 -21.68
C GLU E 214 9.51 48.29 -21.14
N ILE E 215 9.40 49.57 -21.51
CA ILE E 215 10.36 50.59 -21.11
C ILE E 215 9.72 51.42 -20.02
N ALA E 216 10.25 51.33 -18.80
CA ALA E 216 9.77 52.10 -17.66
C ALA E 216 10.86 52.12 -16.59
N ILE E 217 10.71 53.06 -15.65
CA ILE E 217 11.64 53.17 -14.53
C ILE E 217 11.23 52.15 -13.48
N ARG E 218 12.18 51.29 -13.10
CA ARG E 218 11.99 50.24 -12.12
C ARG E 218 12.91 50.48 -10.92
N PRO E 219 12.58 49.92 -9.76
CA PRO E 219 13.51 50.00 -8.62
C PRO E 219 14.85 49.33 -8.91
N LYS E 220 15.91 49.93 -8.38
CA LYS E 220 17.27 49.58 -8.77
C LYS E 220 17.71 48.29 -8.07
N VAL E 221 18.18 47.32 -8.85
CA VAL E 221 18.81 46.11 -8.35
C VAL E 221 20.15 45.97 -9.05
N ARG E 222 21.23 45.94 -8.25
CA ARG E 222 22.61 45.80 -8.72
C ARG E 222 22.98 46.88 -9.75
N ASP E 223 22.62 48.12 -9.42
CA ASP E 223 22.87 49.32 -10.24
C ASP E 223 22.19 49.22 -11.62
N GLN E 224 21.04 48.57 -11.69
CA GLN E 224 20.28 48.45 -12.93
C GLN E 224 18.83 48.84 -12.68
N GLU E 225 18.30 49.72 -13.51
CA GLU E 225 16.89 50.11 -13.45
C GLU E 225 16.04 49.42 -14.50
N GLY E 226 16.61 48.48 -15.25
CA GLY E 226 15.88 47.67 -16.19
C GLY E 226 15.92 46.20 -15.81
N ARG E 227 15.21 45.39 -16.60
CA ARG E 227 15.13 43.96 -16.37
C ARG E 227 15.37 43.20 -17.66
N MET E 228 15.85 41.97 -17.53
CA MET E 228 15.82 40.99 -18.61
C MET E 228 14.95 39.82 -18.22
N ASN E 229 13.93 39.55 -19.02
CA ASN E 229 13.16 38.32 -18.86
C ASN E 229 13.84 37.23 -19.69
N TYR E 230 14.37 36.22 -19.01
CA TYR E 230 15.06 35.13 -19.67
C TYR E 230 14.08 34.02 -20.03
N TYR E 231 14.17 33.53 -21.26
CA TYR E 231 13.29 32.51 -21.78
C TYR E 231 14.11 31.34 -22.30
N TRP E 232 13.47 30.16 -22.32
CA TRP E 232 14.14 28.96 -22.79
C TRP E 232 13.13 28.02 -23.43
N THR E 233 13.63 27.18 -24.34
CA THR E 233 12.84 26.13 -24.94
C THR E 233 13.77 25.00 -25.37
N LEU E 234 13.19 23.82 -25.58
CA LEU E 234 13.92 22.65 -26.04
C LEU E 234 13.59 22.40 -27.50
N VAL E 235 14.61 22.36 -28.34
CA VAL E 235 14.44 22.14 -29.77
C VAL E 235 14.65 20.66 -30.06
N GLU E 236 13.63 20.02 -30.65
CA GLU E 236 13.69 18.61 -30.96
C GLU E 236 14.67 18.33 -32.10
N PRO E 237 15.19 17.10 -32.20
CA PRO E 237 15.97 16.73 -33.39
C PRO E 237 15.12 16.74 -34.64
N GLY E 238 15.71 17.26 -35.73
CA GLY E 238 14.98 17.48 -36.95
C GLY E 238 14.14 18.74 -36.96
N ASP E 239 14.21 19.54 -35.92
CA ASP E 239 13.45 20.78 -35.79
C ASP E 239 14.40 21.97 -35.81
N LYS E 240 13.88 23.12 -36.20
CA LYS E 240 14.67 24.34 -36.21
C LYS E 240 13.92 25.45 -35.49
N ILE E 241 14.67 26.43 -35.01
CA ILE E 241 14.13 27.57 -34.28
C ILE E 241 14.54 28.84 -35.02
N THR E 242 13.64 29.80 -35.10
CA THR E 242 13.87 31.04 -35.83
C THR E 242 13.83 32.22 -34.85
N PHE E 243 14.88 33.04 -34.89
CA PHE E 243 14.96 34.24 -34.08
C PHE E 243 14.84 35.47 -34.97
N GLU E 244 13.86 36.32 -34.66
CA GLU E 244 13.60 37.52 -35.44
C GLU E 244 13.28 38.66 -34.48
N ALA E 245 14.05 39.74 -34.57
CA ALA E 245 13.84 40.88 -33.67
C ALA E 245 14.35 42.16 -34.31
N THR E 246 13.52 43.21 -34.24
CA THR E 246 13.95 44.54 -34.63
C THR E 246 14.87 45.16 -33.58
N GLY E 247 14.81 44.68 -32.35
CA GLY E 247 15.73 45.12 -31.31
C GLY E 247 15.43 44.39 -30.02
N ASN E 248 16.17 44.77 -28.98
CA ASN E 248 15.98 44.28 -27.60
C ASN E 248 16.12 42.77 -27.48
N LEU E 249 17.05 42.19 -28.25
CA LEU E 249 17.27 40.75 -28.25
C LEU E 249 18.65 40.43 -27.71
N VAL E 250 18.70 39.51 -26.74
CA VAL E 250 19.95 38.98 -26.21
C VAL E 250 20.10 37.59 -26.81
N VAL E 251 20.94 37.48 -27.84
CA VAL E 251 21.02 36.29 -28.68
C VAL E 251 21.75 35.15 -27.97
N PRO E 252 21.37 33.90 -28.22
CA PRO E 252 22.18 32.77 -27.76
C PRO E 252 23.49 32.69 -28.53
N ARG E 253 24.52 32.18 -27.84
CA ARG E 253 25.78 31.86 -28.49
C ARG E 253 26.37 30.52 -28.09
N TYR E 254 25.89 29.90 -27.01
CA TYR E 254 26.39 28.60 -26.56
C TYR E 254 25.18 27.79 -26.08
N ALA E 255 24.65 26.94 -26.95
CA ALA E 255 23.56 26.06 -26.58
C ALA E 255 24.11 24.70 -26.16
N PHE E 256 23.21 23.83 -25.73
CA PHE E 256 23.59 22.55 -25.14
C PHE E 256 22.79 21.42 -25.77
N ALA E 257 23.48 20.41 -26.28
CA ALA E 257 22.84 19.18 -26.70
C ALA E 257 22.69 18.28 -25.48
N MET E 258 21.47 17.89 -25.18
CA MET E 258 21.19 17.27 -23.88
C MET E 258 20.08 16.23 -24.01
N GLU E 259 20.22 15.15 -23.22
CA GLU E 259 19.26 14.05 -23.20
C GLU E 259 18.84 13.80 -21.76
N ARG E 260 17.53 13.83 -21.52
CA ARG E 260 16.99 13.84 -20.17
C ARG E 260 16.89 12.43 -19.59
N ASN E 261 17.09 12.35 -18.27
CA ASN E 261 16.82 11.16 -17.48
C ASN E 261 15.86 11.53 -16.37
N ALA E 262 14.91 10.64 -16.09
CA ALA E 262 13.80 10.94 -15.19
C ALA E 262 14.03 10.32 -13.82
N GLY E 263 13.85 11.12 -12.77
CA GLY E 263 13.88 10.60 -11.42
C GLY E 263 14.76 11.35 -10.44
N SER E 264 15.53 12.32 -10.93
CA SER E 264 16.51 13.00 -10.10
C SER E 264 15.95 14.31 -9.55
N GLY E 265 16.76 14.98 -8.73
CA GLY E 265 16.36 16.21 -8.09
C GLY E 265 17.53 17.14 -7.78
N ILE E 266 17.36 18.03 -6.81
CA ILE E 266 18.35 19.05 -6.47
C ILE E 266 18.61 18.96 -4.98
N ILE E 267 19.89 18.93 -4.59
CA ILE E 267 20.30 18.80 -3.19
C ILE E 267 20.75 20.17 -2.69
N ILE E 268 20.14 20.63 -1.59
CA ILE E 268 20.53 21.87 -0.93
C ILE E 268 21.37 21.46 0.29
N SER E 269 22.69 21.62 0.20
CA SER E 269 23.58 21.22 1.28
C SER E 269 24.93 21.92 1.13
N ASP E 270 25.63 22.04 2.26
CA ASP E 270 27.04 22.40 2.31
C ASP E 270 27.95 21.18 2.32
N THR E 271 27.38 19.98 2.17
CA THR E 271 28.16 18.75 2.24
C THR E 271 29.09 18.62 1.05
N PRO E 272 30.37 18.34 1.25
CA PRO E 272 31.28 18.17 0.11
C PRO E 272 31.04 16.86 -0.62
N VAL E 273 31.54 16.81 -1.85
CA VAL E 273 31.43 15.62 -2.69
C VAL E 273 32.69 14.78 -2.55
N HIS E 274 32.53 13.47 -2.66
CA HIS E 274 33.63 12.53 -2.50
C HIS E 274 33.46 11.41 -3.52
N ASP E 275 34.58 10.75 -3.83
CA ASP E 275 34.59 9.62 -4.76
C ASP E 275 34.06 8.39 -4.05
N CYS E 276 32.75 8.17 -4.17
CA CYS E 276 32.06 7.10 -3.46
C CYS E 276 30.75 6.80 -4.18
N ASN E 277 30.37 5.53 -4.15
CA ASN E 277 29.18 5.03 -4.83
C ASN E 277 28.12 4.67 -3.78
N THR E 278 26.95 5.29 -3.88
CA THR E 278 25.80 4.92 -3.05
C THR E 278 24.55 4.82 -3.92
N THR E 279 23.59 4.03 -3.44
CA THR E 279 22.30 3.90 -4.10
C THR E 279 21.26 4.86 -3.55
N CYS E 280 21.55 5.53 -2.44
CA CYS E 280 20.65 6.50 -1.84
C CYS E 280 21.43 7.75 -1.45
N GLN E 281 20.81 8.91 -1.64
CA GLN E 281 21.47 10.18 -1.40
C GLN E 281 20.55 11.10 -0.60
N THR E 282 21.16 11.93 0.24
CA THR E 282 20.45 12.87 1.10
C THR E 282 21.33 14.09 1.28
N PRO E 283 20.75 15.25 1.58
CA PRO E 283 21.59 16.43 1.87
C PRO E 283 22.47 16.28 3.09
N LYS E 284 22.06 15.48 4.08
CA LYS E 284 22.87 15.28 5.28
C LYS E 284 24.10 14.43 5.02
N GLY E 285 24.09 13.61 3.98
CA GLY E 285 25.18 12.67 3.73
C GLY E 285 24.85 11.63 2.69
N ALA E 286 25.07 10.36 3.01
CA ALA E 286 24.77 9.26 2.11
C ALA E 286 24.26 8.08 2.92
N ILE E 287 23.13 7.51 2.49
CA ILE E 287 22.47 6.44 3.22
C ILE E 287 22.81 5.14 2.50
N ASN E 288 23.88 4.50 2.93
CA ASN E 288 24.32 3.22 2.38
C ASN E 288 23.84 2.12 3.32
N THR E 289 22.70 1.53 3.01
CA THR E 289 22.09 0.53 3.87
C THR E 289 21.15 -0.33 3.03
N SER E 290 20.52 -1.30 3.70
CA SER E 290 19.45 -2.08 3.11
C SER E 290 18.19 -2.07 3.96
N LEU E 291 18.21 -1.37 5.09
CA LEU E 291 17.11 -1.39 6.05
C LEU E 291 15.87 -0.69 5.47
N PRO E 292 14.67 -1.13 5.84
CA PRO E 292 13.46 -0.57 5.20
C PRO E 292 13.12 0.85 5.63
N PHE E 293 13.60 1.32 6.77
CA PHE E 293 13.23 2.63 7.28
C PHE E 293 14.47 3.42 7.68
N GLN E 294 14.40 4.73 7.49
CA GLN E 294 15.46 5.66 7.85
C GLN E 294 14.84 6.91 8.46
N ASN E 295 15.63 7.61 9.27
CA ASN E 295 15.16 8.82 9.95
C ASN E 295 16.19 9.92 9.85
N ILE E 296 16.84 10.04 8.70
CA ILE E 296 17.93 10.99 8.53
C ILE E 296 17.38 12.32 8.01
N HIS E 297 16.71 12.28 6.86
CA HIS E 297 16.19 13.50 6.25
C HIS E 297 15.05 13.11 5.32
N PRO E 298 13.95 13.88 5.27
CA PRO E 298 12.82 13.48 4.43
C PRO E 298 13.08 13.60 2.95
N ILE E 299 14.00 14.47 2.53
CA ILE E 299 14.30 14.69 1.12
C ILE E 299 15.43 13.75 0.74
N THR E 300 15.11 12.72 -0.05
CA THR E 300 16.09 11.71 -0.45
C THR E 300 15.97 11.47 -1.96
N ILE E 301 17.12 11.22 -2.59
CA ILE E 301 17.18 10.86 -4.00
C ILE E 301 17.83 9.49 -4.13
N GLY E 302 17.15 8.56 -4.78
CA GLY E 302 17.70 7.25 -5.06
C GLY E 302 16.78 6.15 -4.56
N LYS E 303 17.35 4.95 -4.47
CA LYS E 303 16.65 3.79 -3.93
C LYS E 303 16.76 3.87 -2.41
N CYS E 304 15.87 4.65 -1.82
CA CYS E 304 16.02 5.07 -0.44
C CYS E 304 14.96 4.46 0.46
N PRO E 305 15.27 4.20 1.73
CA PRO E 305 14.25 3.73 2.67
C PRO E 305 13.26 4.82 3.00
N LYS E 306 12.11 4.40 3.53
CA LYS E 306 11.01 5.31 3.82
C LYS E 306 11.30 6.11 5.07
N TYR E 307 11.08 7.42 5.01
CA TYR E 307 11.38 8.30 6.13
C TYR E 307 10.32 8.15 7.22
N VAL E 308 10.76 8.00 8.46
CA VAL E 308 9.88 7.95 9.62
C VAL E 308 10.40 8.92 10.67
N LYS E 309 9.50 9.35 11.55
CA LYS E 309 9.85 10.30 12.60
C LYS E 309 10.51 9.64 13.80
N SER E 310 10.42 8.32 13.92
CA SER E 310 10.86 7.64 15.13
C SER E 310 12.38 7.53 15.18
N THR E 311 12.90 7.27 16.38
CA THR E 311 14.34 7.16 16.61
C THR E 311 14.80 5.77 16.96
N LYS E 312 13.88 4.87 17.36
CA LYS E 312 14.23 3.50 17.70
C LYS E 312 13.23 2.56 17.03
N LEU E 313 13.71 1.77 16.07
CA LEU E 313 12.93 0.72 15.44
C LEU E 313 13.75 -0.57 15.58
N ARG E 314 13.55 -1.28 16.68
CA ARG E 314 14.35 -2.45 17.02
C ARG E 314 13.48 -3.69 16.97
N LEU E 315 13.87 -4.65 16.13
CA LEU E 315 13.15 -5.90 15.96
C LEU E 315 13.83 -6.98 16.80
N ALA E 316 13.10 -7.53 17.76
CA ALA E 316 13.66 -8.54 18.64
C ALA E 316 13.79 -9.87 17.91
N THR E 317 14.97 -10.48 18.00
CA THR E 317 15.23 -11.79 17.43
C THR E 317 15.38 -12.87 18.50
N GLY E 318 16.11 -12.59 19.57
CA GLY E 318 16.34 -13.55 20.62
C GLY E 318 15.18 -13.63 21.59
N LEU E 319 15.45 -14.26 22.73
CA LEU E 319 14.42 -14.55 23.72
C LEU E 319 14.35 -13.41 24.74
N ARG E 320 13.47 -13.57 25.71
CA ARG E 320 13.45 -12.70 26.88
C ARG E 320 14.70 -12.95 27.71
N ASN E 321 15.41 -11.89 28.07
CA ASN E 321 16.68 -12.00 28.78
C ASN E 321 16.40 -11.96 30.28
N ILE E 322 16.43 -13.13 30.91
CA ILE E 322 16.28 -13.23 32.37
C ILE E 322 17.51 -13.92 32.95
N PRO E 323 18.62 -13.21 33.20
CA PRO E 323 19.79 -13.85 33.83
C PRO E 323 19.58 -13.99 35.33
N SER E 324 19.31 -15.21 35.78
CA SER E 324 19.05 -15.48 37.18
C SER E 324 19.35 -16.94 37.51
N PHE F 13 6.39 -20.27 35.20
CA PHE F 13 6.71 -21.64 34.81
C PHE F 13 8.21 -21.88 34.96
N ILE F 14 8.96 -21.63 33.89
CA ILE F 14 10.41 -21.59 33.95
C ILE F 14 10.80 -20.14 34.23
N GLU F 15 11.33 -19.90 35.43
CA GLU F 15 11.41 -18.53 35.95
C GLU F 15 12.50 -17.72 35.27
N GLY F 16 13.65 -18.33 34.99
CA GLY F 16 14.77 -17.57 34.48
C GLY F 16 15.60 -18.35 33.48
N GLY F 17 16.35 -17.60 32.69
CA GLY F 17 17.24 -18.20 31.71
C GLY F 17 18.56 -18.62 32.30
N TRP F 18 19.37 -19.28 31.48
CA TRP F 18 20.65 -19.82 31.90
C TRP F 18 21.77 -19.18 31.09
N THR F 19 22.73 -18.58 31.80
CA THR F 19 23.86 -17.94 31.14
C THR F 19 24.85 -18.97 30.62
N GLY F 20 24.85 -20.17 31.21
CA GLY F 20 25.85 -21.19 30.88
C GLY F 20 25.71 -21.76 29.49
N MET F 21 24.52 -21.69 28.89
CA MET F 21 24.36 -22.04 27.49
C MET F 21 25.02 -20.99 26.61
N VAL F 22 25.84 -21.44 25.66
CA VAL F 22 26.47 -20.56 24.68
C VAL F 22 26.06 -20.91 23.26
N ASP F 23 26.01 -22.20 22.93
CA ASP F 23 25.84 -22.64 21.55
C ASP F 23 24.38 -22.73 21.12
N GLY F 24 23.42 -22.63 22.04
CA GLY F 24 22.04 -22.85 21.69
C GLY F 24 21.11 -21.94 22.47
N TRP F 25 20.00 -21.57 21.81
CA TRP F 25 18.94 -20.82 22.46
C TRP F 25 18.13 -21.70 23.42
N TYR F 26 18.03 -22.99 23.09
CA TYR F 26 17.21 -23.92 23.84
C TYR F 26 18.05 -25.13 24.19
N GLY F 27 17.71 -25.81 25.27
CA GLY F 27 18.45 -27.01 25.61
C GLY F 27 18.05 -27.69 26.89
N TYR F 28 19.01 -28.40 27.49
CA TYR F 28 18.76 -29.23 28.64
C TYR F 28 19.84 -29.04 29.69
N HIS F 29 19.48 -29.27 30.95
CA HIS F 29 20.44 -29.35 32.04
C HIS F 29 20.24 -30.70 32.71
N HIS F 30 21.19 -31.60 32.53
CA HIS F 30 21.19 -32.88 33.20
C HIS F 30 22.12 -32.81 34.42
N GLN F 31 21.74 -33.52 35.47
CA GLN F 31 22.57 -33.63 36.66
C GLN F 31 22.47 -35.05 37.18
N ASN F 32 23.57 -35.80 37.10
CA ASN F 32 23.60 -37.17 37.55
C ASN F 32 24.86 -37.44 38.35
N GLU F 33 25.18 -38.72 38.59
CA GLU F 33 26.35 -39.07 39.37
C GLU F 33 27.64 -38.65 38.68
N GLN F 34 27.71 -38.79 37.35
CA GLN F 34 28.94 -38.53 36.61
C GLN F 34 29.21 -37.04 36.40
N GLY F 35 28.30 -36.16 36.78
CA GLY F 35 28.54 -34.74 36.69
C GLY F 35 27.26 -34.00 36.35
N SER F 36 27.45 -32.82 35.75
CA SER F 36 26.34 -31.99 35.32
C SER F 36 26.81 -31.12 34.17
N GLY F 37 25.98 -30.14 33.79
CA GLY F 37 26.33 -29.26 32.70
C GLY F 37 25.14 -28.89 31.82
N TYR F 38 25.38 -28.09 30.79
CA TYR F 38 24.34 -27.60 29.90
C TYR F 38 24.55 -28.16 28.51
N ALA F 39 23.54 -28.83 27.98
CA ALA F 39 23.54 -29.34 26.62
C ALA F 39 22.42 -28.66 25.83
N ALA F 40 22.75 -28.16 24.65
CA ALA F 40 21.80 -27.41 23.85
C ALA F 40 21.06 -28.33 22.88
N ASP F 41 19.77 -28.07 22.70
CA ASP F 41 18.96 -28.79 21.72
C ASP F 41 19.16 -28.12 20.37
N LEU F 42 19.95 -28.76 19.51
CA LEU F 42 20.37 -28.12 18.27
C LEU F 42 19.23 -28.04 17.25
N LYS F 43 18.30 -28.99 17.29
CA LYS F 43 17.23 -29.04 16.29
C LYS F 43 16.25 -27.87 16.48
N SER F 44 15.76 -27.67 17.70
CA SER F 44 14.81 -26.59 17.96
C SER F 44 15.48 -25.23 17.84
N THR F 45 16.73 -25.12 18.29
CA THR F 45 17.48 -23.87 18.16
C THR F 45 17.71 -23.52 16.70
N GLN F 46 18.07 -24.50 15.87
CA GLN F 46 18.30 -24.24 14.46
C GLN F 46 17.01 -23.90 13.72
N ASN F 47 15.91 -24.58 14.09
CA ASN F 47 14.60 -24.25 13.50
C ASN F 47 14.16 -22.84 13.87
N ALA F 48 14.34 -22.46 15.14
CA ALA F 48 13.99 -21.12 15.58
C ALA F 48 14.87 -20.06 14.93
N ILE F 49 16.16 -20.35 14.78
CA ILE F 49 17.09 -19.41 14.16
C ILE F 49 16.74 -19.20 12.70
N ASP F 50 16.44 -20.29 11.97
CA ASP F 50 16.04 -20.17 10.57
C ASP F 50 14.72 -19.43 10.41
N LYS F 51 13.74 -19.73 11.28
CA LYS F 51 12.44 -19.06 11.20
C LYS F 51 12.53 -17.58 11.54
N ILE F 52 13.30 -17.22 12.56
CA ILE F 52 13.43 -15.82 12.97
C ILE F 52 14.24 -15.04 11.93
N THR F 53 15.29 -15.66 11.37
CA THR F 53 16.06 -15.01 10.32
C THR F 53 15.22 -14.81 9.06
N ASN F 54 14.37 -15.77 8.72
CA ASN F 54 13.46 -15.60 7.59
C ASN F 54 12.41 -14.54 7.88
N LYS F 55 11.99 -14.42 9.14
CA LYS F 55 11.02 -13.39 9.53
C LYS F 55 11.61 -11.99 9.38
N VAL F 56 12.85 -11.82 9.85
CA VAL F 56 13.54 -10.53 9.75
C VAL F 56 13.82 -10.20 8.28
N ASN F 57 14.32 -11.17 7.52
CA ASN F 57 14.58 -10.94 6.10
C ASN F 57 13.30 -10.73 5.31
N SER F 58 12.18 -11.27 5.77
CA SER F 58 10.89 -10.95 5.19
C SER F 58 10.49 -9.51 5.49
N VAL F 59 10.87 -9.00 6.67
CA VAL F 59 10.58 -7.60 6.98
C VAL F 59 11.39 -6.65 6.09
N ILE F 60 12.70 -6.91 5.94
CA ILE F 60 13.51 -6.05 5.06
C ILE F 60 13.15 -6.22 3.59
N GLU F 61 13.14 -7.46 3.07
CA GLU F 61 13.12 -7.66 1.62
C GLU F 61 11.78 -7.34 0.96
N LYS F 62 10.72 -7.06 1.71
CA LYS F 62 9.48 -6.62 1.09
C LYS F 62 9.46 -5.13 0.76
N MET F 63 10.47 -4.38 1.17
CA MET F 63 10.60 -2.96 0.82
C MET F 63 11.16 -2.87 -0.60
N ASN F 64 10.27 -2.91 -1.59
CA ASN F 64 10.66 -2.83 -2.99
C ASN F 64 10.40 -1.40 -3.48
N THR F 65 11.36 -0.52 -3.17
CA THR F 65 11.27 0.86 -3.61
C THR F 65 11.78 1.02 -5.04
N GLN F 66 11.57 2.21 -5.58
CA GLN F 66 12.08 2.59 -6.89
C GLN F 66 12.93 3.85 -6.74
N PHE F 67 13.55 4.25 -7.85
CA PHE F 67 14.27 5.51 -7.89
C PHE F 67 13.27 6.66 -7.83
N THR F 68 13.54 7.64 -6.97
CA THR F 68 12.62 8.75 -6.77
C THR F 68 13.38 9.97 -6.27
N ALA F 69 12.73 11.12 -6.37
CA ALA F 69 13.20 12.37 -5.80
C ALA F 69 12.06 12.96 -4.99
N VAL F 70 12.20 12.95 -3.66
CA VAL F 70 11.13 13.41 -2.79
C VAL F 70 10.97 14.92 -2.87
N GLY F 71 12.08 15.65 -2.94
CA GLY F 71 12.01 17.10 -2.88
C GLY F 71 11.57 17.73 -4.20
N LYS F 72 10.69 18.71 -4.09
CA LYS F 72 10.22 19.50 -5.22
C LYS F 72 10.56 20.96 -4.97
N GLU F 73 10.70 21.72 -6.05
CA GLU F 73 11.02 23.13 -5.98
C GLU F 73 9.89 23.95 -6.60
N PHE F 74 9.62 25.11 -6.01
CA PHE F 74 8.54 25.98 -6.44
C PHE F 74 9.00 27.43 -6.32
N ASN F 75 8.21 28.33 -6.91
CA ASN F 75 8.41 29.76 -6.71
C ASN F 75 7.36 30.28 -5.74
N HIS F 76 7.32 31.60 -5.56
CA HIS F 76 6.40 32.23 -4.62
C HIS F 76 4.96 32.24 -5.09
N LEU F 77 4.71 31.95 -6.37
CA LEU F 77 3.36 31.96 -6.92
C LEU F 77 2.77 30.56 -7.06
N GLU F 78 3.41 29.55 -6.47
CA GLU F 78 2.91 28.18 -6.46
C GLU F 78 2.88 27.66 -5.02
N LYS F 79 2.33 28.49 -4.13
CA LYS F 79 2.22 28.12 -2.72
C LYS F 79 1.21 26.99 -2.51
N ARG F 80 0.15 26.93 -3.32
CA ARG F 80 -0.86 25.89 -3.16
C ARG F 80 -0.35 24.52 -3.60
N ILE F 81 0.39 24.47 -4.71
CA ILE F 81 1.00 23.22 -5.14
C ILE F 81 2.10 22.81 -4.16
N GLU F 82 2.81 23.78 -3.58
CA GLU F 82 3.80 23.49 -2.54
C GLU F 82 3.16 22.89 -1.30
N ASN F 83 2.00 23.43 -0.90
CA ASN F 83 1.29 22.89 0.25
C ASN F 83 0.68 21.53 -0.05
N LEU F 84 0.28 21.29 -1.31
CA LEU F 84 -0.15 19.96 -1.72
C LEU F 84 0.99 18.95 -1.64
N ASN F 85 2.19 19.35 -2.08
CA ASN F 85 3.36 18.48 -1.98
C ASN F 85 3.76 18.22 -0.53
N LYS F 86 3.68 19.24 0.32
CA LYS F 86 3.96 19.06 1.74
C LYS F 86 2.92 18.18 2.41
N LYS F 87 1.66 18.30 1.99
CA LYS F 87 0.61 17.43 2.50
C LYS F 87 0.81 15.98 2.07
N VAL F 88 1.29 15.77 0.84
CA VAL F 88 1.65 14.43 0.36
C VAL F 88 2.78 13.85 1.19
N ASP F 89 3.83 14.66 1.43
CA ASP F 89 4.98 14.21 2.21
C ASP F 89 4.60 13.89 3.65
N ASP F 90 3.76 14.74 4.27
CA ASP F 90 3.36 14.51 5.65
C ASP F 90 2.41 13.32 5.78
N GLY F 91 1.54 13.11 4.79
CA GLY F 91 0.70 11.93 4.80
C GLY F 91 1.46 10.64 4.63
N PHE F 92 2.45 10.63 3.72
CA PHE F 92 3.32 9.48 3.56
C PHE F 92 4.14 9.24 4.82
N LEU F 93 4.61 10.31 5.45
CA LEU F 93 5.38 10.23 6.70
C LEU F 93 4.54 9.63 7.82
N ASP F 94 3.29 10.10 7.97
CA ASP F 94 2.42 9.59 9.02
C ASP F 94 2.05 8.13 8.80
N ILE F 95 1.76 7.76 7.54
CA ILE F 95 1.41 6.37 7.20
C ILE F 95 2.59 5.45 7.50
N TRP F 96 3.79 5.83 7.05
CA TRP F 96 4.95 4.97 7.23
C TRP F 96 5.39 4.91 8.68
N THR F 97 5.28 6.01 9.42
CA THR F 97 5.67 6.01 10.83
C THR F 97 4.73 5.14 11.67
N TYR F 98 3.41 5.30 11.46
CA TYR F 98 2.44 4.49 12.19
C TYR F 98 2.55 3.01 11.83
N ASN F 99 2.71 2.71 10.53
CA ASN F 99 2.82 1.33 10.09
C ASN F 99 4.12 0.67 10.59
N ALA F 100 5.23 1.41 10.56
CA ALA F 100 6.50 0.86 11.01
C ALA F 100 6.51 0.63 12.52
N GLU F 101 5.98 1.59 13.29
CA GLU F 101 5.93 1.43 14.74
C GLU F 101 5.03 0.27 15.14
N LEU F 102 3.83 0.20 14.56
CA LEU F 102 2.91 -0.88 14.90
C LEU F 102 3.44 -2.23 14.41
N LEU F 103 4.11 -2.26 13.26
CA LEU F 103 4.72 -3.50 12.76
C LEU F 103 5.81 -4.00 13.69
N VAL F 104 6.69 -3.10 14.14
CA VAL F 104 7.80 -3.49 15.02
C VAL F 104 7.27 -4.02 16.35
N LEU F 105 6.30 -3.33 16.94
CA LEU F 105 5.76 -3.78 18.23
C LEU F 105 4.97 -5.09 18.11
N LEU F 106 4.15 -5.25 17.06
CA LEU F 106 3.43 -6.50 16.86
C LEU F 106 4.36 -7.66 16.57
N GLU F 107 5.41 -7.46 15.77
CA GLU F 107 6.31 -8.58 15.49
C GLU F 107 7.21 -8.89 16.68
N ASN F 108 7.50 -7.91 17.54
CA ASN F 108 8.22 -8.21 18.77
C ASN F 108 7.37 -9.05 19.71
N GLU F 109 6.07 -8.72 19.82
CA GLU F 109 5.15 -9.53 20.63
C GLU F 109 5.01 -10.94 20.07
N ARG F 110 4.94 -11.06 18.74
CA ARG F 110 4.83 -12.37 18.10
C ARG F 110 6.12 -13.19 18.28
N THR F 111 7.28 -12.53 18.24
CA THR F 111 8.54 -13.22 18.45
C THR F 111 8.67 -13.76 19.87
N LEU F 112 8.27 -12.95 20.86
CA LEU F 112 8.31 -13.42 22.25
C LEU F 112 7.34 -14.56 22.49
N ASP F 113 6.14 -14.47 21.90
CA ASP F 113 5.19 -15.58 22.01
C ASP F 113 5.67 -16.83 21.29
N TYR F 114 6.39 -16.67 20.17
CA TYR F 114 6.96 -17.80 19.46
C TYR F 114 8.04 -18.50 20.27
N HIS F 115 8.89 -17.72 20.96
CA HIS F 115 9.92 -18.32 21.81
C HIS F 115 9.30 -19.03 23.02
N ASP F 116 8.24 -18.46 23.59
CA ASP F 116 7.52 -19.13 24.67
C ASP F 116 6.87 -20.41 24.19
N SER F 117 6.36 -20.41 22.96
CA SER F 117 5.78 -21.61 22.37
C SER F 117 6.83 -22.69 22.13
N ASN F 118 8.04 -22.29 21.73
CA ASN F 118 9.12 -23.26 21.56
C ASN F 118 9.53 -23.89 22.89
N VAL F 119 9.59 -23.08 23.96
CA VAL F 119 9.89 -23.60 25.28
C VAL F 119 8.82 -24.60 25.74
N LYS F 120 7.55 -24.24 25.56
CA LYS F 120 6.46 -25.14 25.95
C LYS F 120 6.41 -26.39 25.08
N ASN F 121 6.79 -26.28 23.80
CA ASN F 121 6.81 -27.45 22.93
C ASN F 121 7.91 -28.43 23.33
N LEU F 122 9.08 -27.91 23.70
CA LEU F 122 10.15 -28.79 24.20
C LEU F 122 9.75 -29.45 25.51
N TYR F 123 9.10 -28.69 26.40
CA TYR F 123 8.61 -29.26 27.66
C TYR F 123 7.55 -30.32 27.42
N GLU F 124 6.68 -30.11 26.45
CA GLU F 124 5.62 -31.07 26.15
C GLU F 124 6.20 -32.34 25.54
N LYS F 125 7.22 -32.21 24.69
CA LYS F 125 7.90 -33.38 24.13
C LYS F 125 8.55 -34.21 25.22
N VAL F 126 9.27 -33.56 26.15
CA VAL F 126 9.92 -34.28 27.24
C VAL F 126 8.89 -34.91 28.18
N ARG F 127 7.83 -34.16 28.53
CA ARG F 127 6.84 -34.67 29.48
C ARG F 127 6.03 -35.82 28.89
N SER F 128 5.73 -35.77 27.59
CA SER F 128 5.03 -36.88 26.96
C SER F 128 5.96 -38.07 26.74
N GLN F 129 7.26 -37.83 26.62
CA GLN F 129 8.19 -38.94 26.46
C GLN F 129 8.42 -39.69 27.77
N LEU F 130 8.58 -38.98 28.88
CA LEU F 130 8.91 -39.62 30.16
C LEU F 130 7.72 -40.29 30.83
N LYS F 131 6.52 -39.70 30.68
CA LYS F 131 5.23 -40.23 31.19
C LYS F 131 5.29 -40.33 32.71
N ASN F 132 5.12 -41.51 33.30
CA ASN F 132 5.08 -41.70 34.74
C ASN F 132 6.44 -42.06 35.35
N ASN F 133 7.50 -42.09 34.55
CA ASN F 133 8.81 -42.48 35.06
C ASN F 133 9.52 -41.36 35.79
N ALA F 134 8.96 -40.15 35.82
CA ALA F 134 9.59 -39.02 36.47
C ALA F 134 8.55 -38.16 37.15
N LYS F 135 9.01 -37.35 38.11
CA LYS F 135 8.15 -36.45 38.86
C LYS F 135 8.25 -35.04 38.28
N GLU F 136 7.11 -34.38 38.20
CA GLU F 136 7.04 -33.00 37.69
C GLU F 136 7.23 -32.07 38.89
N ILE F 137 8.47 -31.66 39.12
CA ILE F 137 8.80 -30.87 40.30
C ILE F 137 8.74 -29.36 40.06
N GLY F 138 8.57 -28.92 38.82
CA GLY F 138 8.44 -27.51 38.53
C GLY F 138 9.76 -26.90 38.07
N ASN F 139 9.63 -25.67 37.57
CA ASN F 139 10.71 -24.87 36.98
C ASN F 139 11.40 -25.61 35.84
N GLY F 140 10.60 -26.31 35.03
CA GLY F 140 11.12 -26.98 33.85
C GLY F 140 11.98 -28.19 34.14
N CYS F 141 11.80 -28.83 35.29
CA CYS F 141 12.67 -29.91 35.74
C CYS F 141 11.88 -31.19 35.97
N PHE F 142 12.49 -32.31 35.61
CA PHE F 142 11.97 -33.65 35.89
C PHE F 142 13.02 -34.41 36.67
N GLU F 143 12.67 -34.87 37.87
CA GLU F 143 13.56 -35.77 38.59
C GLU F 143 13.14 -37.20 38.28
N PHE F 144 14.10 -38.02 37.86
CA PHE F 144 13.82 -39.38 37.46
C PHE F 144 13.60 -40.26 38.69
N TYR F 145 12.54 -41.08 38.64
CA TYR F 145 12.32 -42.06 39.70
C TYR F 145 13.34 -43.19 39.65
N HIS F 146 13.92 -43.44 38.48
CA HIS F 146 14.94 -44.47 38.30
C HIS F 146 16.31 -43.82 38.18
N LYS F 147 17.35 -44.66 38.19
CA LYS F 147 18.72 -44.19 38.04
C LYS F 147 18.98 -43.95 36.56
N CYS F 148 18.63 -42.75 36.08
CA CYS F 148 18.82 -42.39 34.68
C CYS F 148 20.28 -41.99 34.49
N ASP F 149 21.03 -42.81 33.76
CA ASP F 149 22.44 -42.59 33.50
C ASP F 149 22.62 -41.51 32.43
N ASN F 150 23.88 -41.27 32.07
CA ASN F 150 24.17 -40.30 31.00
C ASN F 150 23.65 -40.79 29.66
N THR F 151 23.80 -42.09 29.38
CA THR F 151 23.22 -42.67 28.17
C THR F 151 21.70 -42.57 28.19
N CYS F 152 21.10 -42.71 29.38
CA CYS F 152 19.68 -42.43 29.54
C CYS F 152 19.35 -40.95 29.31
N MET F 153 20.24 -40.04 29.72
CA MET F 153 20.05 -38.61 29.45
C MET F 153 20.01 -38.30 27.96
N GLU F 154 21.01 -38.73 27.19
CA GLU F 154 20.91 -38.41 25.77
C GLU F 154 19.98 -39.36 25.01
N SER F 155 19.50 -40.44 25.63
CA SER F 155 18.40 -41.19 25.04
C SER F 155 17.10 -40.42 25.18
N VAL F 156 16.92 -39.70 26.29
CA VAL F 156 15.83 -38.73 26.38
C VAL F 156 16.03 -37.60 25.38
N LYS F 157 17.27 -37.11 25.27
CA LYS F 157 17.52 -35.89 24.50
C LYS F 157 17.46 -36.09 22.98
N ASN F 158 17.69 -37.29 22.45
CA ASN F 158 17.43 -37.42 21.02
C ASN F 158 16.05 -38.00 20.72
N GLY F 159 15.22 -38.22 21.73
CA GLY F 159 13.86 -38.67 21.49
C GLY F 159 13.66 -40.17 21.47
N THR F 160 14.58 -40.94 22.06
CA THR F 160 14.50 -42.40 22.04
C THR F 160 14.53 -42.98 23.45
N TYR F 161 13.73 -42.43 24.36
CA TYR F 161 13.72 -42.91 25.73
C TYR F 161 13.00 -44.25 25.83
N ASP F 162 13.55 -45.17 26.63
CA ASP F 162 13.01 -46.51 26.82
C ASP F 162 12.14 -46.50 28.07
N TYR F 163 10.83 -46.31 27.87
CA TYR F 163 9.91 -46.29 29.01
C TYR F 163 9.76 -47.64 29.73
N PRO F 164 9.44 -48.77 29.07
CA PRO F 164 9.22 -49.99 29.85
C PRO F 164 10.48 -50.64 30.39
N LYS F 165 11.66 -50.23 29.92
CA LYS F 165 12.90 -50.70 30.51
C LYS F 165 13.05 -50.20 31.94
N TYR F 166 12.74 -48.92 32.18
CA TYR F 166 12.86 -48.32 33.50
C TYR F 166 11.52 -48.18 34.21
N SER F 167 10.45 -48.72 33.64
CA SER F 167 9.12 -48.59 34.26
C SER F 167 9.03 -49.34 35.58
N GLU F 168 9.62 -50.52 35.67
CA GLU F 168 9.60 -51.30 36.91
C GLU F 168 10.41 -50.61 38.01
N GLU F 169 11.57 -50.07 37.65
CA GLU F 169 12.39 -49.33 38.62
C GLU F 169 11.71 -48.04 39.05
N ALA F 170 11.00 -47.37 38.14
CA ALA F 170 10.27 -46.16 38.49
C ALA F 170 9.06 -46.46 39.37
N LYS F 171 8.42 -47.60 39.15
CA LYS F 171 7.32 -48.01 40.03
C LYS F 171 7.83 -48.42 41.41
N LEU F 172 9.03 -49.00 41.47
CA LEU F 172 9.60 -49.41 42.75
C LEU F 172 9.94 -48.21 43.63
N ASN F 173 10.53 -47.17 43.05
CA ASN F 173 10.97 -46.02 43.82
C ASN F 173 9.92 -44.94 43.96
N ARG F 174 8.72 -45.13 43.39
CA ARG F 174 7.67 -44.13 43.54
C ARG F 174 7.03 -44.16 44.92
N GLU F 175 6.91 -45.34 45.50
CA GLU F 175 6.29 -45.49 46.82
C GLU F 175 7.30 -45.99 47.85
N GLY G 1 -16.75 -32.45 50.48
CA GLY G 1 -16.44 -32.30 49.07
C GLY G 1 -16.06 -30.87 48.69
N ASP G 2 -14.84 -30.49 49.03
CA ASP G 2 -14.37 -29.14 48.76
C ASP G 2 -14.05 -28.96 47.28
N THR G 3 -14.39 -27.80 46.75
CA THR G 3 -14.22 -27.51 45.32
C THR G 3 -13.72 -26.09 45.14
N LEU G 4 -12.64 -25.94 44.37
CA LEU G 4 -12.11 -24.64 43.98
C LEU G 4 -12.21 -24.53 42.48
N CYS G 5 -13.02 -23.60 41.99
CA CYS G 5 -13.22 -23.50 40.54
C CYS G 5 -12.76 -22.17 39.97
N ILE G 6 -12.11 -22.27 38.82
CA ILE G 6 -11.48 -21.14 38.13
C ILE G 6 -12.38 -20.72 36.98
N GLY G 7 -12.67 -19.43 36.89
CA GLY G 7 -13.46 -18.87 35.81
C GLY G 7 -12.98 -17.48 35.50
N TYR G 8 -13.89 -16.64 35.01
CA TYR G 8 -13.53 -15.28 34.65
C TYR G 8 -14.75 -14.37 34.80
N HIS G 9 -14.67 -13.20 34.18
CA HIS G 9 -15.51 -12.04 34.49
C HIS G 9 -16.54 -11.81 33.38
N ALA G 10 -17.80 -11.62 33.79
CA ALA G 10 -18.90 -11.38 32.87
C ALA G 10 -19.70 -10.18 33.31
N ASN G 11 -20.23 -9.44 32.34
CA ASN G 11 -21.02 -8.23 32.58
C ASN G 11 -22.46 -8.39 32.10
N ASN G 12 -23.21 -7.31 32.22
CA ASN G 12 -24.50 -7.14 31.56
C ASN G 12 -24.40 -6.25 30.33
N SER G 13 -23.17 -5.91 29.93
CA SER G 13 -22.96 -4.95 28.85
C SER G 13 -23.30 -5.55 27.49
N THR G 14 -23.70 -4.68 26.57
CA THR G 14 -24.04 -5.06 25.20
C THR G 14 -23.04 -4.51 24.19
N ASP G 15 -21.85 -4.13 24.63
CA ASP G 15 -20.84 -3.61 23.72
C ASP G 15 -20.29 -4.74 22.85
N THR G 16 -20.28 -4.52 21.55
CA THR G 16 -19.81 -5.50 20.59
C THR G 16 -18.61 -4.95 19.84
N VAL G 17 -17.68 -5.85 19.47
CA VAL G 17 -16.54 -5.52 18.63
C VAL G 17 -16.54 -6.45 17.44
N ASP G 18 -15.71 -6.13 16.46
CA ASP G 18 -15.56 -6.93 15.25
C ASP G 18 -14.18 -7.59 15.25
N THR G 19 -14.18 -8.91 15.29
CA THR G 19 -12.99 -9.74 15.25
C THR G 19 -12.83 -10.25 13.81
N VAL G 20 -11.61 -10.69 13.47
CA VAL G 20 -11.34 -11.18 12.12
C VAL G 20 -12.16 -12.43 11.82
N LEU G 21 -12.27 -13.34 12.79
CA LEU G 21 -12.95 -14.61 12.58
C LEU G 21 -14.42 -14.57 12.94
N GLU G 22 -14.89 -13.56 13.66
CA GLU G 22 -16.28 -13.51 14.07
C GLU G 22 -16.72 -12.06 14.22
N LYS G 23 -17.99 -11.80 13.90
CA LYS G 23 -18.57 -10.47 14.05
C LYS G 23 -19.51 -10.46 15.25
N ASN G 24 -19.76 -9.24 15.76
CA ASN G 24 -20.65 -8.95 16.87
C ASN G 24 -20.26 -9.72 18.14
N VAL G 25 -18.97 -9.68 18.45
CA VAL G 25 -18.44 -10.35 19.65
C VAL G 25 -18.72 -9.45 20.85
N THR G 26 -19.61 -9.89 21.73
CA THR G 26 -19.96 -9.10 22.91
C THR G 26 -18.82 -9.12 23.92
N VAL G 27 -18.32 -7.93 24.27
CA VAL G 27 -17.19 -7.80 25.17
C VAL G 27 -17.63 -7.12 26.45
N THR G 28 -16.91 -7.42 27.54
CA THR G 28 -17.20 -6.80 28.82
C THR G 28 -16.81 -5.33 28.84
N HIS G 29 -15.61 -5.02 28.35
CA HIS G 29 -15.13 -3.64 28.28
C HIS G 29 -14.45 -3.41 26.95
N SER G 30 -14.78 -2.28 26.32
CA SER G 30 -14.19 -1.91 25.04
C SER G 30 -13.94 -0.41 25.03
N VAL G 31 -12.98 0.01 24.20
CA VAL G 31 -12.64 1.40 24.04
C VAL G 31 -12.85 1.77 22.57
N ASN G 32 -13.19 3.03 22.34
CA ASN G 32 -13.48 3.53 20.99
C ASN G 32 -12.26 4.24 20.43
N LEU G 33 -11.88 3.89 19.21
CA LEU G 33 -10.81 4.57 18.49
C LEU G 33 -11.35 5.58 17.49
N LEU G 34 -12.65 5.85 17.51
CA LEU G 34 -13.31 6.70 16.53
C LEU G 34 -13.96 7.88 17.22
N GLU G 35 -13.76 9.07 16.67
CA GLU G 35 -14.37 10.29 17.18
C GLU G 35 -15.48 10.72 16.22
N ASP G 36 -16.73 10.53 16.66
CA ASP G 36 -17.89 10.89 15.85
C ASP G 36 -18.72 11.99 16.50
N LYS G 37 -18.12 12.76 17.41
CA LYS G 37 -18.80 13.83 18.13
C LYS G 37 -18.09 15.14 17.89
N HIS G 38 -18.87 16.20 17.68
CA HIS G 38 -18.33 17.54 17.57
C HIS G 38 -19.29 18.52 18.24
N ASN G 39 -18.75 19.67 18.64
CA ASN G 39 -19.54 20.69 19.32
C ASN G 39 -20.34 21.56 18.37
N GLY G 40 -20.03 21.55 17.07
CA GLY G 40 -20.70 22.41 16.11
C GLY G 40 -20.39 23.88 16.29
N LYS G 41 -19.14 24.22 16.61
CA LYS G 41 -18.69 25.60 16.73
C LYS G 41 -17.36 25.75 16.00
N LEU G 42 -17.07 26.99 15.59
CA LEU G 42 -15.80 27.31 14.95
C LEU G 42 -14.88 27.89 16.03
N CYS G 43 -14.23 27.00 16.75
CA CYS G 43 -13.42 27.37 17.91
C CYS G 43 -12.01 27.82 17.49
N LYS G 44 -11.29 28.39 18.46
CA LYS G 44 -9.99 28.98 18.19
C LYS G 44 -8.92 27.91 17.98
N LEU G 45 -7.99 28.18 17.06
CA LEU G 45 -6.85 27.31 16.82
C LEU G 45 -5.63 27.89 17.51
N ARG G 46 -5.09 27.15 18.50
CA ARG G 46 -3.98 27.55 19.36
C ARG G 46 -4.26 28.87 20.07
N GLY G 47 -5.50 29.04 20.52
CA GLY G 47 -5.88 30.22 21.27
C GLY G 47 -6.08 31.47 20.45
N VAL G 48 -6.05 31.38 19.11
CA VAL G 48 -6.19 32.53 18.23
C VAL G 48 -7.52 32.42 17.51
N ALA G 49 -8.31 33.50 17.56
CA ALA G 49 -9.62 33.50 16.95
C ALA G 49 -9.53 33.56 15.43
N PRO G 50 -10.45 32.93 14.71
CA PRO G 50 -10.44 33.00 13.25
C PRO G 50 -10.91 34.36 12.75
N LEU G 51 -10.61 34.62 11.47
CA LEU G 51 -11.05 35.83 10.79
C LEU G 51 -12.37 35.54 10.09
N HIS G 52 -13.47 35.81 10.79
CA HIS G 52 -14.80 35.57 10.25
C HIS G 52 -15.20 36.75 9.37
N LEU G 53 -15.38 36.49 8.07
CA LEU G 53 -15.72 37.55 7.12
C LEU G 53 -17.21 37.72 6.91
N GLY G 54 -18.04 36.86 7.51
CA GLY G 54 -19.48 37.07 7.45
C GLY G 54 -20.04 36.77 6.07
N LYS G 55 -20.75 37.75 5.52
CA LYS G 55 -21.32 37.66 4.18
C LYS G 55 -20.37 38.16 3.10
N CYS G 56 -19.16 38.57 3.46
CA CYS G 56 -18.20 39.07 2.51
C CYS G 56 -17.31 37.94 1.98
N ASN G 57 -16.50 38.28 0.99
CA ASN G 57 -15.49 37.39 0.43
C ASN G 57 -14.11 37.87 0.87
N ILE G 58 -13.09 37.09 0.51
CA ILE G 58 -11.72 37.49 0.82
C ILE G 58 -11.31 38.67 -0.05
N ALA G 59 -11.71 38.65 -1.33
CA ALA G 59 -11.39 39.76 -2.23
C ALA G 59 -12.13 41.03 -1.85
N GLY G 60 -13.39 40.91 -1.41
CA GLY G 60 -14.13 42.07 -0.96
C GLY G 60 -13.58 42.65 0.33
N TRP G 61 -13.11 41.79 1.23
CA TRP G 61 -12.53 42.25 2.49
C TRP G 61 -11.16 42.88 2.27
N ILE G 62 -10.36 42.33 1.35
CA ILE G 62 -9.01 42.83 1.13
C ILE G 62 -8.97 44.01 0.15
N LEU G 63 -10.02 44.21 -0.64
CA LEU G 63 -10.05 45.35 -1.55
C LEU G 63 -10.79 46.53 -0.97
N GLY G 64 -11.69 46.30 -0.01
CA GLY G 64 -12.40 47.38 0.64
C GLY G 64 -13.82 47.54 0.13
N ASN G 65 -14.53 46.43 -0.03
CA ASN G 65 -15.91 46.47 -0.49
C ASN G 65 -16.79 47.17 0.55
N PRO G 66 -17.71 48.03 0.12
CA PRO G 66 -18.47 48.87 1.09
C PRO G 66 -19.38 48.08 2.02
N GLU G 67 -19.76 46.85 1.68
CA GLU G 67 -20.52 46.02 2.60
C GLU G 67 -19.63 45.25 3.57
N CYS G 68 -18.31 45.38 3.46
CA CYS G 68 -17.37 44.76 4.38
C CYS G 68 -16.83 45.74 5.41
N GLU G 69 -17.43 46.93 5.51
CA GLU G 69 -16.94 47.94 6.46
C GLU G 69 -17.30 47.58 7.89
N SER G 70 -18.41 46.88 8.10
CA SER G 70 -18.85 46.54 9.45
C SER G 70 -18.11 45.35 10.04
N LEU G 71 -17.26 44.67 9.27
CA LEU G 71 -16.52 43.55 9.77
C LEU G 71 -15.39 44.02 10.68
N SER G 72 -15.26 43.41 11.85
CA SER G 72 -14.19 43.75 12.77
C SER G 72 -12.92 43.02 12.37
N THR G 73 -11.83 43.77 12.24
CA THR G 73 -10.54 43.22 11.89
C THR G 73 -9.69 43.02 13.14
N ALA G 74 -8.71 42.13 13.05
CA ALA G 74 -7.81 41.83 14.15
C ALA G 74 -6.36 41.93 13.67
N SER G 75 -5.45 41.99 14.64
CA SER G 75 -4.03 42.02 14.31
C SER G 75 -3.52 40.64 13.87
N SER G 76 -4.21 39.57 14.24
CA SER G 76 -3.81 38.24 13.84
C SER G 76 -5.03 37.33 13.83
N TRP G 77 -4.93 36.23 13.09
CA TRP G 77 -5.98 35.22 13.05
C TRP G 77 -5.35 33.88 12.74
N SER G 78 -6.09 32.81 13.00
CA SER G 78 -5.60 31.46 12.76
C SER G 78 -6.05 30.91 11.41
N TYR G 79 -7.32 31.11 11.05
CA TYR G 79 -7.84 30.65 9.78
C TYR G 79 -8.96 31.57 9.33
N ILE G 80 -9.27 31.52 8.05
CA ILE G 80 -10.25 32.42 7.45
C ILE G 80 -11.58 31.69 7.32
N VAL G 81 -12.65 32.30 7.82
CA VAL G 81 -14.00 31.76 7.70
C VAL G 81 -14.75 32.54 6.63
N GLU G 82 -15.39 31.81 5.71
CA GLU G 82 -16.35 32.36 4.77
C GLU G 82 -17.71 31.74 5.04
N THR G 83 -18.67 32.03 4.16
CA THR G 83 -20.03 31.53 4.26
C THR G 83 -20.44 30.98 2.90
N PRO G 84 -21.16 29.85 2.85
CA PRO G 84 -21.70 29.39 1.55
C PRO G 84 -22.67 30.36 0.90
N SER G 85 -23.39 31.16 1.68
CA SER G 85 -24.31 32.16 1.16
C SER G 85 -23.66 33.53 1.00
N SER G 86 -22.33 33.59 0.96
CA SER G 86 -21.63 34.86 0.82
C SER G 86 -21.45 35.18 -0.66
N ASP G 87 -21.93 36.35 -1.07
CA ASP G 87 -21.83 36.80 -2.46
C ASP G 87 -21.46 38.27 -2.51
N ASN G 88 -20.50 38.68 -1.68
CA ASN G 88 -20.03 40.07 -1.64
C ASN G 88 -18.51 40.08 -1.72
N GLY G 89 -17.98 40.32 -2.92
CA GLY G 89 -16.56 40.39 -3.15
C GLY G 89 -16.28 40.63 -4.62
N THR G 90 -15.34 41.54 -4.91
CA THR G 90 -15.05 42.06 -6.25
C THR G 90 -16.34 42.58 -6.89
N CYS G 91 -16.80 43.69 -6.29
CA CYS G 91 -18.10 44.25 -6.64
C CYS G 91 -18.15 44.74 -8.08
N TYR G 92 -17.10 45.42 -8.52
CA TYR G 92 -16.99 45.71 -9.94
C TYR G 92 -16.57 44.45 -10.68
N PRO G 93 -17.20 44.14 -11.82
CA PRO G 93 -16.82 42.94 -12.59
C PRO G 93 -15.38 42.98 -13.08
N GLY G 94 -14.75 41.82 -13.07
CA GLY G 94 -13.39 41.71 -13.55
C GLY G 94 -12.71 40.47 -13.02
N ASP G 95 -11.47 40.29 -13.46
CA ASP G 95 -10.65 39.15 -13.10
C ASP G 95 -9.64 39.57 -12.04
N PHE G 96 -9.67 38.94 -10.87
CA PHE G 96 -8.68 39.19 -9.84
C PHE G 96 -7.57 38.15 -10.02
N ILE G 97 -6.41 38.60 -10.48
CA ILE G 97 -5.32 37.71 -10.88
C ILE G 97 -4.67 37.14 -9.63
N ASP G 98 -4.48 35.81 -9.62
CA ASP G 98 -3.93 35.02 -8.50
C ASP G 98 -4.78 35.19 -7.25
N TYR G 99 -6.07 34.86 -7.39
CA TYR G 99 -7.00 34.95 -6.27
C TYR G 99 -6.76 33.85 -5.25
N GLU G 100 -6.60 32.62 -5.73
CA GLU G 100 -6.39 31.50 -4.81
C GLU G 100 -5.02 31.56 -4.16
N GLU G 101 -4.03 32.13 -4.85
CA GLU G 101 -2.73 32.37 -4.24
C GLU G 101 -2.84 33.38 -3.11
N LEU G 102 -3.63 34.45 -3.29
CA LEU G 102 -3.87 35.40 -2.21
C LEU G 102 -4.62 34.76 -1.05
N ARG G 103 -5.57 33.87 -1.36
CA ARG G 103 -6.32 33.19 -0.32
C ARG G 103 -5.43 32.24 0.48
N GLU G 104 -4.45 31.62 -0.16
CA GLU G 104 -3.51 30.78 0.57
C GLU G 104 -2.49 31.61 1.36
N GLN G 105 -2.06 32.74 0.79
CA GLN G 105 -1.05 33.58 1.44
C GLN G 105 -1.59 34.32 2.66
N LEU G 106 -2.91 34.47 2.77
CA LEU G 106 -3.53 35.25 3.83
C LEU G 106 -4.27 34.40 4.85
N SER G 107 -4.12 33.07 4.78
CA SER G 107 -4.92 32.18 5.63
C SER G 107 -4.52 32.24 7.10
N SER G 108 -3.30 32.65 7.42
CA SER G 108 -2.89 32.85 8.79
C SER G 108 -1.78 33.90 8.83
N VAL G 109 -1.90 34.84 9.77
CA VAL G 109 -0.90 35.87 9.97
C VAL G 109 -0.57 35.94 11.45
N SER G 110 0.62 36.45 11.74
CA SER G 110 1.05 36.74 13.10
C SER G 110 0.84 38.21 13.46
N SER G 111 1.07 39.11 12.51
CA SER G 111 0.79 40.52 12.66
C SER G 111 0.12 41.02 11.40
N PHE G 112 -0.89 41.88 11.56
CA PHE G 112 -1.62 42.41 10.40
C PHE G 112 -2.08 43.83 10.73
N GLU G 113 -1.27 44.80 10.32
CA GLU G 113 -1.56 46.22 10.56
C GLU G 113 -1.85 46.89 9.22
N ARG G 114 -3.10 47.32 9.06
CA ARG G 114 -3.54 48.00 7.85
C ARG G 114 -3.24 49.49 7.95
N PHE G 115 -2.54 50.01 6.94
CA PHE G 115 -2.01 51.37 6.98
C PHE G 115 -2.23 52.05 5.64
N GLU G 116 -2.21 53.38 5.68
CA GLU G 116 -2.40 54.20 4.47
C GLU G 116 -1.07 54.29 3.74
N ILE G 117 -0.93 53.53 2.65
CA ILE G 117 0.31 53.54 1.88
C ILE G 117 0.49 54.84 1.13
N PHE G 118 -0.59 55.37 0.55
CA PHE G 118 -0.56 56.63 -0.18
C PHE G 118 -1.69 57.48 0.37
N PRO G 119 -1.40 58.63 0.97
CA PRO G 119 -2.47 59.48 1.50
C PRO G 119 -3.38 60.03 0.40
N LYS G 120 -4.66 60.15 0.73
CA LYS G 120 -5.67 60.57 -0.23
C LYS G 120 -5.49 62.04 -0.62
N THR G 121 -5.19 62.89 0.35
CA THR G 121 -5.22 64.33 0.17
C THR G 121 -3.85 64.97 -0.03
N SER G 122 -2.78 64.17 -0.17
CA SER G 122 -1.46 64.76 -0.34
C SER G 122 -0.58 64.05 -1.36
N SER G 123 -1.08 63.03 -2.05
CA SER G 123 -0.26 62.29 -3.02
C SER G 123 -0.59 62.64 -4.46
N TRP G 124 -1.84 62.95 -4.77
CA TRP G 124 -2.28 63.18 -6.15
C TRP G 124 -2.97 64.53 -6.25
N PRO G 125 -2.20 65.63 -6.33
CA PRO G 125 -2.82 66.93 -6.60
C PRO G 125 -3.03 67.22 -8.08
N ASN G 126 -2.36 66.48 -8.97
CA ASN G 126 -2.47 66.68 -10.40
C ASN G 126 -3.54 65.81 -11.03
N HIS G 127 -4.18 64.94 -10.26
CA HIS G 127 -5.24 64.07 -10.77
C HIS G 127 -6.42 64.10 -9.83
N ASP G 128 -7.61 63.94 -10.39
CA ASP G 128 -8.83 63.89 -9.58
C ASP G 128 -8.95 62.52 -8.93
N SER G 129 -9.33 62.52 -7.65
CA SER G 129 -9.45 61.29 -6.89
C SER G 129 -10.79 61.12 -6.19
N ASN G 130 -11.71 62.07 -6.34
CA ASN G 130 -12.99 62.00 -5.65
C ASN G 130 -14.15 61.60 -6.56
N LYS G 131 -13.99 61.70 -7.87
CA LYS G 131 -15.04 61.35 -8.81
C LYS G 131 -15.06 59.88 -9.18
N GLY G 132 -14.09 59.09 -8.69
CA GLY G 132 -13.99 57.69 -9.06
C GLY G 132 -14.93 56.77 -8.30
N VAL G 133 -16.23 56.90 -8.57
CA VAL G 133 -17.24 56.03 -7.97
C VAL G 133 -18.10 55.47 -9.09
N THR G 134 -18.83 54.40 -8.76
CA THR G 134 -19.67 53.74 -9.74
C THR G 134 -20.84 53.08 -9.02
N ALA G 135 -21.83 52.67 -9.81
CA ALA G 135 -23.02 52.01 -9.29
C ALA G 135 -22.90 50.49 -9.33
N ALA G 136 -21.71 49.96 -9.65
CA ALA G 136 -21.50 48.52 -9.58
C ALA G 136 -21.61 48.02 -8.14
N CYS G 137 -21.10 48.78 -7.19
CA CYS G 137 -21.29 48.48 -5.78
C CYS G 137 -21.57 49.76 -5.00
N PRO G 138 -22.79 49.90 -4.47
CA PRO G 138 -23.13 51.11 -3.72
C PRO G 138 -22.90 50.97 -2.23
N HIS G 139 -22.90 52.12 -1.55
CA HIS G 139 -22.86 52.18 -0.09
C HIS G 139 -24.04 53.02 0.37
N ALA G 140 -25.06 52.35 0.93
CA ALA G 140 -26.31 52.96 1.40
C ALA G 140 -27.03 53.74 0.30
N GLY G 141 -26.99 53.19 -0.92
CA GLY G 141 -27.69 53.76 -2.04
C GLY G 141 -26.90 54.74 -2.90
N ALA G 142 -25.81 55.29 -2.37
CA ALA G 142 -24.99 56.22 -3.13
C ALA G 142 -23.91 55.49 -3.89
N LYS G 143 -23.44 56.11 -4.97
CA LYS G 143 -22.38 55.52 -5.79
C LYS G 143 -21.06 55.57 -5.02
N SER G 144 -20.48 54.40 -4.76
CA SER G 144 -19.27 54.30 -3.97
C SER G 144 -18.21 53.48 -4.69
N PHE G 145 -17.07 53.26 -4.04
CA PHE G 145 -15.99 52.47 -4.60
C PHE G 145 -15.33 51.70 -3.46
N TYR G 146 -14.19 51.07 -3.77
CA TYR G 146 -13.45 50.32 -2.78
C TYR G 146 -12.82 51.24 -1.75
N LYS G 147 -12.73 50.75 -0.50
CA LYS G 147 -12.14 51.56 0.56
C LYS G 147 -10.63 51.63 0.46
N ASN G 148 -9.99 50.59 -0.09
CA ASN G 148 -8.54 50.57 -0.24
C ASN G 148 -8.08 51.01 -1.62
N LEU G 149 -8.98 51.15 -2.59
CA LEU G 149 -8.62 51.51 -3.95
C LEU G 149 -9.20 52.87 -4.30
N ILE G 150 -8.43 53.67 -5.03
CA ILE G 150 -8.86 54.98 -5.48
C ILE G 150 -8.84 54.99 -7.00
N TRP G 151 -10.00 55.25 -7.60
CA TRP G 151 -10.14 55.32 -9.05
C TRP G 151 -9.81 56.73 -9.49
N LEU G 152 -8.58 56.94 -9.96
CA LEU G 152 -8.19 58.23 -10.52
C LEU G 152 -8.88 58.48 -11.84
N VAL G 153 -9.47 59.67 -11.98
CA VAL G 153 -10.00 60.14 -13.24
C VAL G 153 -9.26 61.42 -13.57
N LYS G 154 -9.59 62.05 -14.69
CA LYS G 154 -8.92 63.28 -15.08
C LYS G 154 -9.35 64.45 -14.19
N LYS G 155 -8.40 65.31 -13.87
CA LYS G 155 -8.67 66.52 -13.09
C LYS G 155 -9.00 67.64 -14.07
N GLY G 156 -10.28 67.94 -14.23
CA GLY G 156 -10.70 68.89 -15.24
C GLY G 156 -10.55 68.30 -16.63
N ASN G 157 -9.55 68.78 -17.37
CA ASN G 157 -9.27 68.26 -18.70
C ASN G 157 -7.86 67.73 -18.84
N SER G 158 -7.14 67.53 -17.74
CA SER G 158 -5.74 67.11 -17.77
C SER G 158 -5.54 65.87 -16.91
N TYR G 159 -4.88 64.86 -17.48
CA TYR G 159 -4.43 63.67 -16.76
C TYR G 159 -2.95 63.51 -17.08
N PRO G 160 -2.06 64.15 -16.31
CA PRO G 160 -0.63 64.00 -16.57
C PRO G 160 -0.13 62.64 -16.10
N LYS G 161 1.14 62.37 -16.43
CA LYS G 161 1.75 61.08 -16.14
C LYS G 161 1.96 60.90 -14.64
N LEU G 162 1.55 59.75 -14.13
CA LEU G 162 1.63 59.44 -12.71
C LEU G 162 2.96 58.78 -12.39
N SER G 163 3.47 59.06 -11.20
CA SER G 163 4.70 58.43 -10.71
C SER G 163 4.69 58.48 -9.19
N LYS G 164 4.55 57.32 -8.54
CA LYS G 164 4.57 57.25 -7.10
C LYS G 164 5.37 56.03 -6.67
N SER G 165 5.95 56.10 -5.47
CA SER G 165 6.77 55.02 -4.96
C SER G 165 6.72 55.02 -3.45
N TYR G 166 6.53 53.83 -2.86
CA TYR G 166 6.55 53.63 -1.43
C TYR G 166 7.67 52.67 -1.08
N ILE G 167 8.56 53.10 -0.20
CA ILE G 167 9.68 52.27 0.26
C ILE G 167 9.24 51.51 1.50
N ASN G 168 9.36 50.18 1.45
CA ASN G 168 9.01 49.33 2.59
C ASN G 168 10.20 49.32 3.55
N ASP G 169 10.14 50.19 4.55
CA ASP G 169 11.17 50.27 5.57
C ASP G 169 10.57 50.13 6.97
N LYS G 170 9.48 49.38 7.10
CA LYS G 170 8.82 49.18 8.37
C LYS G 170 9.04 47.77 8.93
N GLY G 171 10.04 47.05 8.43
CA GLY G 171 10.45 45.79 9.02
C GLY G 171 9.54 44.61 8.77
N LYS G 172 8.56 44.75 7.89
CA LYS G 172 7.61 43.69 7.61
C LYS G 172 7.39 43.58 6.11
N GLU G 173 6.57 42.62 5.71
CA GLU G 173 6.19 42.43 4.31
C GLU G 173 4.87 43.16 4.07
N VAL G 174 4.88 44.11 3.15
CA VAL G 174 3.70 44.93 2.87
C VAL G 174 3.02 44.39 1.62
N LEU G 175 1.76 44.00 1.76
CA LEU G 175 0.97 43.52 0.64
C LEU G 175 0.22 44.69 0.03
N VAL G 176 0.39 44.89 -1.27
CA VAL G 176 -0.19 46.03 -1.98
C VAL G 176 -1.05 45.49 -3.13
N LEU G 177 -2.26 46.04 -3.25
CA LEU G 177 -3.22 45.63 -4.26
C LEU G 177 -3.67 46.85 -5.04
N TRP G 178 -3.58 46.79 -6.35
CA TRP G 178 -4.03 47.86 -7.23
C TRP G 178 -5.01 47.31 -8.24
N GLY G 179 -5.68 48.22 -8.94
CA GLY G 179 -6.61 47.83 -9.97
C GLY G 179 -6.31 48.54 -11.28
N ILE G 180 -6.83 47.98 -12.36
CA ILE G 180 -6.61 48.49 -13.71
C ILE G 180 -7.94 48.45 -14.46
N HIS G 181 -8.43 49.61 -14.87
CA HIS G 181 -9.73 49.71 -15.52
C HIS G 181 -9.59 49.55 -17.03
N HIS G 182 -10.38 48.63 -17.59
CA HIS G 182 -10.52 48.50 -19.03
C HIS G 182 -11.85 49.10 -19.42
N PRO G 183 -11.89 50.24 -20.12
CA PRO G 183 -13.17 50.91 -20.38
C PRO G 183 -13.99 50.19 -21.43
N SER G 184 -15.29 50.48 -21.43
CA SER G 184 -16.21 49.86 -22.37
C SER G 184 -15.98 50.40 -23.79
N THR G 185 -15.91 51.72 -23.93
CA THR G 185 -15.74 52.37 -25.22
C THR G 185 -14.56 53.32 -25.15
N SER G 186 -14.14 53.81 -26.32
CA SER G 186 -13.12 54.86 -26.36
C SER G 186 -13.68 56.19 -25.87
N ALA G 187 -15.00 56.36 -25.92
CA ALA G 187 -15.63 57.54 -25.32
C ALA G 187 -15.41 57.59 -23.81
N ASP G 188 -15.55 56.43 -23.14
CA ASP G 188 -15.23 56.37 -21.72
C ASP G 188 -13.74 56.53 -21.45
N GLN G 189 -12.91 56.05 -22.38
CA GLN G 189 -11.46 56.20 -22.24
C GLN G 189 -11.05 57.67 -22.31
N GLN G 190 -11.67 58.44 -23.21
CA GLN G 190 -11.41 59.89 -23.24
C GLN G 190 -12.08 60.60 -22.08
N SER G 191 -13.26 60.13 -21.65
CA SER G 191 -14.00 60.80 -20.59
C SER G 191 -13.40 60.57 -19.21
N LEU G 192 -12.58 59.54 -19.03
CA LEU G 192 -11.99 59.26 -17.74
C LEU G 192 -10.51 59.62 -17.67
N TYR G 193 -9.76 59.47 -18.77
CA TYR G 193 -8.31 59.63 -18.71
C TYR G 193 -7.74 60.56 -19.77
N GLN G 194 -8.54 61.05 -20.73
CA GLN G 194 -8.21 62.06 -21.73
C GLN G 194 -7.11 61.63 -22.72
N ASN G 195 -6.60 60.41 -22.65
CA ASN G 195 -5.60 59.91 -23.58
C ASN G 195 -6.19 58.71 -24.30
N ALA G 196 -6.01 58.65 -25.62
CA ALA G 196 -6.55 57.55 -26.41
C ALA G 196 -5.81 56.24 -26.10
N ASP G 197 -4.49 56.28 -26.03
CA ASP G 197 -3.68 55.13 -25.66
C ASP G 197 -3.00 55.40 -24.33
N THR G 198 -3.18 54.47 -23.38
CA THR G 198 -2.58 54.57 -22.07
C THR G 198 -1.83 53.28 -21.75
N TYR G 199 -0.96 53.37 -20.75
CA TYR G 199 -0.31 52.18 -20.23
C TYR G 199 -0.19 52.31 -18.72
N VAL G 200 -0.21 51.17 -18.05
CA VAL G 200 0.02 51.08 -16.61
C VAL G 200 1.29 50.30 -16.40
N PHE G 201 2.16 50.80 -15.53
CA PHE G 201 3.35 50.05 -15.14
C PHE G 201 3.40 49.94 -13.62
N VAL G 202 3.63 48.73 -13.13
CA VAL G 202 3.93 48.49 -11.72
C VAL G 202 5.23 47.71 -11.67
N GLY G 203 6.24 48.25 -11.02
CA GLY G 203 7.53 47.62 -10.95
C GLY G 203 8.05 47.57 -9.53
N SER G 204 8.80 46.52 -9.24
CA SER G 204 9.45 46.33 -7.94
C SER G 204 10.84 45.78 -8.21
N SER G 205 11.49 45.26 -7.16
CA SER G 205 12.77 44.61 -7.36
C SER G 205 12.60 43.25 -8.03
N ARG G 206 11.47 42.59 -7.79
CA ARG G 206 11.16 41.31 -8.42
C ARG G 206 9.95 41.41 -9.35
N TYR G 207 8.86 42.00 -8.87
CA TYR G 207 7.69 42.20 -9.71
C TYR G 207 7.96 43.29 -10.74
N SER G 208 7.60 43.03 -12.00
CA SER G 208 7.77 44.01 -13.07
C SER G 208 6.80 43.65 -14.18
N LYS G 209 5.81 44.51 -14.43
CA LYS G 209 4.81 44.22 -15.43
C LYS G 209 4.25 45.52 -15.99
N LYS G 210 4.24 45.64 -17.32
CA LYS G 210 3.64 46.77 -18.01
C LYS G 210 2.30 46.35 -18.57
N PHE G 211 1.26 47.11 -18.25
CA PHE G 211 -0.11 46.78 -18.60
C PHE G 211 -0.62 47.71 -19.69
N LYS G 212 -1.59 47.23 -20.46
CA LYS G 212 -2.25 48.02 -21.48
C LYS G 212 -3.73 47.67 -21.41
N PRO G 213 -4.62 48.67 -21.41
CA PRO G 213 -6.05 48.38 -21.30
C PRO G 213 -6.62 47.78 -22.57
N GLU G 214 -7.63 46.93 -22.40
CA GLU G 214 -8.34 46.28 -23.49
C GLU G 214 -9.72 46.90 -23.57
N ILE G 215 -9.92 47.80 -24.54
CA ILE G 215 -11.12 48.62 -24.62
C ILE G 215 -12.05 47.98 -25.66
N ALA G 216 -13.07 47.28 -25.18
CA ALA G 216 -14.08 46.69 -26.05
C ALA G 216 -15.34 46.44 -25.22
N ILE G 217 -16.44 46.19 -25.93
CA ILE G 217 -17.71 45.92 -25.27
C ILE G 217 -17.70 44.52 -24.69
N ARG G 218 -18.08 44.40 -23.42
CA ARG G 218 -18.21 43.14 -22.71
C ARG G 218 -19.66 42.96 -22.27
N PRO G 219 -20.10 41.71 -22.04
CA PRO G 219 -21.47 41.49 -21.56
C PRO G 219 -21.74 42.12 -20.21
N LYS G 220 -22.98 42.57 -20.03
CA LYS G 220 -23.35 43.46 -18.94
C LYS G 220 -23.73 42.66 -17.71
N VAL G 221 -22.89 42.72 -16.68
CA VAL G 221 -23.22 42.21 -15.35
C VAL G 221 -23.05 43.34 -14.35
N ARG G 222 -24.06 43.51 -13.47
CA ARG G 222 -24.16 44.60 -12.50
C ARG G 222 -24.11 45.98 -13.17
N ASP G 223 -24.74 46.06 -14.36
CA ASP G 223 -24.84 47.28 -15.18
C ASP G 223 -23.46 47.86 -15.51
N GLN G 224 -22.52 46.98 -15.87
CA GLN G 224 -21.17 47.39 -16.25
C GLN G 224 -20.76 46.70 -17.54
N GLU G 225 -20.17 47.47 -18.45
CA GLU G 225 -19.64 46.92 -19.69
C GLU G 225 -18.12 47.00 -19.76
N GLY G 226 -17.48 47.72 -18.84
CA GLY G 226 -16.04 47.69 -18.70
C GLY G 226 -15.64 46.82 -17.53
N ARG G 227 -14.37 46.42 -17.52
CA ARG G 227 -13.87 45.46 -16.54
C ARG G 227 -12.63 46.00 -15.85
N MET G 228 -12.50 45.68 -14.57
CA MET G 228 -11.30 46.02 -13.79
C MET G 228 -10.56 44.77 -13.40
N ASN G 229 -9.29 44.68 -13.81
CA ASN G 229 -8.41 43.59 -13.39
C ASN G 229 -7.55 44.09 -12.24
N TYR G 230 -7.63 43.40 -11.10
CA TYR G 230 -6.90 43.78 -9.92
C TYR G 230 -5.73 42.81 -9.70
N TYR G 231 -4.57 43.36 -9.39
CA TYR G 231 -3.34 42.60 -9.19
C TYR G 231 -2.84 42.80 -7.78
N TRP G 232 -2.01 41.87 -7.31
CA TRP G 232 -1.41 42.00 -5.98
C TRP G 232 0.01 41.46 -5.99
N THR G 233 0.81 41.95 -5.05
CA THR G 233 2.18 41.48 -4.86
C THR G 233 2.59 41.73 -3.42
N LEU G 234 3.68 41.10 -3.01
CA LEU G 234 4.25 41.27 -1.68
C LEU G 234 5.57 42.02 -1.79
N VAL G 235 5.74 43.04 -0.95
CA VAL G 235 6.95 43.86 -0.93
C VAL G 235 7.79 43.46 0.26
N GLU G 236 9.02 43.02 0.00
CA GLU G 236 9.93 42.62 1.05
C GLU G 236 10.47 43.85 1.79
N PRO G 237 10.98 43.68 3.01
CA PRO G 237 11.63 44.81 3.70
C PRO G 237 12.84 45.34 2.94
N GLY G 238 13.02 46.66 3.01
CA GLY G 238 14.08 47.31 2.28
C GLY G 238 13.84 47.44 0.79
N ASP G 239 12.58 47.46 0.37
CA ASP G 239 12.24 47.45 -1.04
C ASP G 239 11.21 48.54 -1.33
N LYS G 240 11.15 48.96 -2.60
CA LYS G 240 10.17 49.93 -3.03
C LYS G 240 9.44 49.41 -4.27
N ILE G 241 8.23 49.93 -4.48
CA ILE G 241 7.39 49.57 -5.61
C ILE G 241 6.96 50.84 -6.32
N THR G 242 7.08 50.86 -7.64
CA THR G 242 6.84 52.05 -8.44
C THR G 242 5.54 51.89 -9.22
N PHE G 243 4.61 52.82 -9.00
CA PHE G 243 3.35 52.87 -9.73
C PHE G 243 3.41 54.02 -10.73
N GLU G 244 3.50 53.69 -12.01
CA GLU G 244 3.59 54.69 -13.06
C GLU G 244 2.54 54.38 -14.12
N ALA G 245 1.73 55.38 -14.47
CA ALA G 245 0.70 55.19 -15.47
C ALA G 245 0.35 56.52 -16.13
N THR G 246 0.06 56.49 -17.42
CA THR G 246 -0.57 57.60 -18.11
C THR G 246 -2.08 57.50 -18.09
N GLY G 247 -2.62 56.52 -17.40
CA GLY G 247 -4.06 56.33 -17.31
C GLY G 247 -4.36 54.90 -16.92
N ASN G 248 -5.67 54.66 -16.70
CA ASN G 248 -6.25 53.33 -16.49
C ASN G 248 -5.68 52.62 -15.26
N LEU G 249 -5.29 53.37 -14.24
CA LEU G 249 -4.74 52.78 -13.02
C LEU G 249 -5.63 53.14 -11.83
N VAL G 250 -6.07 52.12 -11.10
CA VAL G 250 -6.79 52.30 -9.85
C VAL G 250 -5.76 52.08 -8.74
N VAL G 251 -5.27 53.18 -8.17
CA VAL G 251 -4.14 53.16 -7.26
C VAL G 251 -4.54 52.57 -5.91
N PRO G 252 -3.63 51.93 -5.19
CA PRO G 252 -3.90 51.57 -3.80
C PRO G 252 -3.87 52.81 -2.91
N ARG G 253 -4.62 52.73 -1.81
CA ARG G 253 -4.51 53.72 -0.76
C ARG G 253 -4.30 53.13 0.62
N TYR G 254 -4.77 51.90 0.88
CA TYR G 254 -4.71 51.25 2.19
C TYR G 254 -4.04 49.89 2.00
N ALA G 255 -2.73 49.84 2.15
CA ALA G 255 -2.01 48.58 2.08
C ALA G 255 -2.07 47.86 3.42
N PHE G 256 -1.38 46.72 3.49
CA PHE G 256 -1.43 45.86 4.67
C PHE G 256 -0.02 45.39 4.98
N ALA G 257 0.45 45.68 6.18
CA ALA G 257 1.73 45.17 6.65
C ALA G 257 1.48 43.84 7.36
N MET G 258 2.24 42.81 6.98
CA MET G 258 1.96 41.48 7.48
C MET G 258 3.24 40.67 7.61
N GLU G 259 3.22 39.71 8.52
CA GLU G 259 4.25 38.69 8.66
C GLU G 259 3.52 37.36 8.81
N ARG G 260 3.59 36.53 7.78
CA ARG G 260 2.66 35.41 7.63
C ARG G 260 3.11 34.19 8.40
N ASN G 261 2.14 33.48 8.94
CA ASN G 261 2.32 32.15 9.52
C ASN G 261 1.79 31.12 8.52
N ALA G 262 2.64 30.19 8.11
CA ALA G 262 2.29 29.26 7.04
C ALA G 262 1.65 27.99 7.60
N GLY G 263 0.65 27.49 6.89
CA GLY G 263 0.09 26.19 7.19
C GLY G 263 -1.37 26.17 7.59
N SER G 264 -2.16 27.12 7.11
CA SER G 264 -3.58 27.19 7.42
C SER G 264 -4.39 27.35 6.15
N GLY G 265 -5.71 27.22 6.28
CA GLY G 265 -6.59 27.27 5.13
C GLY G 265 -7.86 28.08 5.36
N ILE G 266 -8.85 27.88 4.49
CA ILE G 266 -10.10 28.64 4.50
C ILE G 266 -11.24 27.65 4.72
N ILE G 267 -12.10 27.95 5.70
CA ILE G 267 -13.28 27.14 6.00
C ILE G 267 -14.50 27.91 5.54
N ILE G 268 -15.30 27.29 4.67
CA ILE G 268 -16.54 27.87 4.18
C ILE G 268 -17.67 27.10 4.85
N SER G 269 -18.29 27.70 5.86
CA SER G 269 -19.33 27.00 6.62
C SER G 269 -20.31 28.00 7.20
N ASP G 270 -21.52 27.50 7.44
CA ASP G 270 -22.59 28.25 8.09
C ASP G 270 -22.50 28.17 9.60
N THR G 271 -21.57 27.37 10.12
CA THR G 271 -21.42 27.15 11.55
C THR G 271 -20.99 28.43 12.26
N PRO G 272 -21.61 28.80 13.37
CA PRO G 272 -21.23 30.03 14.07
C PRO G 272 -19.89 29.89 14.78
N VAL G 273 -19.24 31.04 14.96
CA VAL G 273 -17.96 31.11 15.68
C VAL G 273 -18.25 31.36 17.16
N HIS G 274 -17.70 30.52 18.02
CA HIS G 274 -17.87 30.64 19.46
C HIS G 274 -16.52 30.72 20.14
N ASP G 275 -16.55 31.01 21.44
CA ASP G 275 -15.34 31.21 22.23
C ASP G 275 -14.86 29.86 22.74
N CYS G 276 -13.71 29.41 22.24
CA CYS G 276 -13.15 28.12 22.62
C CYS G 276 -11.63 28.23 22.64
N ASN G 277 -10.98 27.07 22.75
CA ASN G 277 -9.68 26.81 22.16
C ASN G 277 -9.69 25.35 21.70
N THR G 278 -9.08 25.08 20.56
CA THR G 278 -9.02 23.72 20.06
C THR G 278 -7.78 23.53 19.20
N THR G 279 -7.44 22.27 18.97
CA THR G 279 -6.34 21.90 18.09
C THR G 279 -6.79 21.33 16.76
N CYS G 280 -8.06 20.91 16.65
CA CYS G 280 -8.61 20.33 15.44
C CYS G 280 -9.85 21.12 15.03
N GLN G 281 -9.91 21.52 13.77
CA GLN G 281 -11.01 22.35 13.29
C GLN G 281 -11.57 21.77 12.01
N THR G 282 -12.89 21.65 11.94
CA THR G 282 -13.63 21.16 10.79
C THR G 282 -14.69 22.17 10.41
N PRO G 283 -15.18 22.15 9.17
CA PRO G 283 -16.38 22.94 8.84
C PRO G 283 -17.63 22.52 9.62
N LYS G 284 -17.70 21.28 10.10
CA LYS G 284 -18.83 20.85 10.90
C LYS G 284 -18.72 21.25 12.37
N GLY G 285 -17.54 21.65 12.82
CA GLY G 285 -17.35 21.98 14.22
C GLY G 285 -15.90 21.79 14.62
N ALA G 286 -15.69 21.65 15.93
CA ALA G 286 -14.36 21.44 16.48
C ALA G 286 -14.27 20.03 17.06
N ILE G 287 -13.06 19.47 17.02
CA ILE G 287 -12.79 18.14 17.55
C ILE G 287 -11.79 18.27 18.68
N ASN G 288 -12.15 17.76 19.84
CA ASN G 288 -11.27 17.71 21.01
C ASN G 288 -11.17 16.25 21.42
N THR G 289 -10.14 15.57 20.95
CA THR G 289 -9.96 14.15 21.24
C THR G 289 -8.48 13.80 21.10
N SER G 290 -8.12 12.64 21.65
CA SER G 290 -6.80 12.06 21.50
C SER G 290 -6.82 10.81 20.63
N LEU G 291 -7.98 10.39 20.16
CA LEU G 291 -8.11 9.20 19.34
C LEU G 291 -7.50 9.43 17.96
N PRO G 292 -6.88 8.40 17.36
CA PRO G 292 -6.17 8.60 16.09
C PRO G 292 -7.07 8.72 14.86
N PHE G 293 -8.34 8.36 14.95
CA PHE G 293 -9.23 8.34 13.79
C PHE G 293 -10.52 9.08 14.08
N GLN G 294 -10.98 9.85 13.09
CA GLN G 294 -12.26 10.54 13.15
C GLN G 294 -13.01 10.31 11.86
N ASN G 295 -14.35 10.40 11.93
CA ASN G 295 -15.20 10.21 10.77
C ASN G 295 -16.19 11.35 10.63
N ILE G 296 -15.74 12.58 10.95
CA ILE G 296 -16.63 13.74 10.93
C ILE G 296 -16.52 14.43 9.58
N HIS G 297 -15.31 14.89 9.22
CA HIS G 297 -15.14 15.64 8.00
C HIS G 297 -13.77 15.37 7.40
N PRO G 298 -13.65 15.24 6.08
CA PRO G 298 -12.33 15.05 5.47
C PRO G 298 -11.45 16.29 5.56
N ILE G 299 -12.04 17.49 5.51
CA ILE G 299 -11.28 18.73 5.50
C ILE G 299 -11.06 19.17 6.94
N THR G 300 -9.80 19.19 7.36
CA THR G 300 -9.43 19.54 8.72
C THR G 300 -8.28 20.55 8.71
N ILE G 301 -8.22 21.37 9.76
CA ILE G 301 -7.08 22.23 10.02
C ILE G 301 -6.56 21.92 11.41
N GLY G 302 -5.26 21.69 11.52
CA GLY G 302 -4.60 21.50 12.80
C GLY G 302 -4.24 20.05 13.06
N LYS G 303 -3.78 19.81 14.30
CA LYS G 303 -3.46 18.46 14.76
C LYS G 303 -4.76 17.68 14.90
N CYS G 304 -5.02 16.79 13.94
CA CYS G 304 -6.33 16.20 13.78
C CYS G 304 -6.21 14.69 13.58
N PRO G 305 -7.21 13.93 13.99
CA PRO G 305 -7.23 12.50 13.65
C PRO G 305 -7.48 12.31 12.15
N LYS G 306 -7.02 11.19 11.64
CA LYS G 306 -7.17 10.89 10.23
C LYS G 306 -8.61 10.52 9.90
N TYR G 307 -9.05 10.93 8.71
CA TYR G 307 -10.43 10.69 8.29
C TYR G 307 -10.58 9.28 7.74
N VAL G 308 -11.62 8.59 8.20
CA VAL G 308 -11.93 7.23 7.75
C VAL G 308 -13.41 7.14 7.42
N LYS G 309 -13.75 6.23 6.50
CA LYS G 309 -15.14 5.97 6.18
C LYS G 309 -15.81 5.01 7.16
N SER G 310 -15.05 4.43 8.09
CA SER G 310 -15.60 3.46 9.02
C SER G 310 -16.49 4.15 10.04
N THR G 311 -17.69 3.61 10.24
CA THR G 311 -18.64 4.15 11.19
C THR G 311 -18.49 3.57 12.59
N LYS G 312 -17.58 2.61 12.78
CA LYS G 312 -17.34 2.03 14.09
C LYS G 312 -15.94 1.44 14.11
N LEU G 313 -15.08 1.95 14.99
CA LEU G 313 -13.76 1.38 15.26
C LEU G 313 -13.68 1.18 16.77
N ARG G 314 -14.22 0.06 17.25
CA ARG G 314 -14.29 -0.24 18.67
C ARG G 314 -13.24 -1.28 19.01
N LEU G 315 -12.35 -0.94 19.94
CA LEU G 315 -11.23 -1.80 20.30
C LEU G 315 -11.55 -2.50 21.61
N ALA G 316 -11.49 -3.83 21.60
CA ALA G 316 -11.85 -4.62 22.77
C ALA G 316 -10.75 -4.58 23.81
N THR G 317 -11.10 -4.21 25.04
CA THR G 317 -10.18 -4.28 26.17
C THR G 317 -10.53 -5.37 27.16
N GLY G 318 -11.82 -5.65 27.36
CA GLY G 318 -12.26 -6.70 28.24
C GLY G 318 -12.24 -8.05 27.57
N LEU G 319 -12.92 -9.00 28.21
CA LEU G 319 -12.93 -10.38 27.75
C LEU G 319 -14.10 -10.60 26.79
N ARG G 320 -14.39 -11.85 26.47
CA ARG G 320 -15.64 -12.19 25.81
C ARG G 320 -16.74 -12.27 26.85
N ASN G 321 -17.76 -11.43 26.71
CA ASN G 321 -18.85 -11.40 27.69
C ASN G 321 -19.75 -12.61 27.45
N ILE G 322 -19.64 -13.60 28.31
CA ILE G 322 -20.49 -14.79 28.26
C ILE G 322 -21.25 -14.89 29.58
N PRO G 323 -22.34 -14.13 29.77
CA PRO G 323 -23.06 -14.17 31.04
C PRO G 323 -23.96 -15.40 31.14
N SER G 324 -23.54 -16.37 31.96
CA SER G 324 -24.32 -17.59 32.16
C SER G 324 -23.97 -18.22 33.51
N PHE H 13 -14.66 -26.39 27.71
CA PHE H 13 -13.70 -26.20 28.78
C PHE H 13 -14.38 -25.45 29.91
N ILE H 14 -14.53 -24.14 29.74
CA ILE H 14 -15.28 -23.29 30.65
C ILE H 14 -16.46 -22.72 29.86
N GLU H 15 -17.67 -22.98 30.34
CA GLU H 15 -18.86 -22.70 29.53
C GLU H 15 -19.19 -21.21 29.47
N GLY H 16 -18.80 -20.45 30.48
CA GLY H 16 -19.09 -19.02 30.47
C GLY H 16 -18.50 -18.33 31.67
N GLY H 17 -18.67 -17.01 31.69
CA GLY H 17 -18.16 -16.19 32.78
C GLY H 17 -19.08 -16.17 33.97
N TRP H 18 -18.65 -15.42 34.98
CA TRP H 18 -19.38 -15.32 36.25
C TRP H 18 -19.79 -13.86 36.48
N THR H 19 -21.08 -13.65 36.72
CA THR H 19 -21.56 -12.32 37.05
C THR H 19 -21.20 -11.91 38.47
N GLY H 20 -21.01 -12.88 39.37
CA GLY H 20 -20.66 -12.57 40.75
C GLY H 20 -19.25 -12.13 40.98
N MET H 21 -18.36 -12.33 40.00
CA MET H 21 -16.98 -11.87 40.07
C MET H 21 -16.94 -10.47 39.48
N VAL H 22 -16.82 -9.46 40.36
CA VAL H 22 -16.91 -8.07 39.92
C VAL H 22 -15.62 -7.30 40.15
N ASP H 23 -14.69 -7.81 40.94
CA ASP H 23 -13.49 -7.06 41.32
C ASP H 23 -12.28 -7.39 40.47
N GLY H 24 -12.42 -8.23 39.45
CA GLY H 24 -11.26 -8.58 38.63
C GLY H 24 -11.67 -9.36 37.40
N TRP H 25 -10.76 -9.39 36.43
CA TRP H 25 -11.02 -10.10 35.18
C TRP H 25 -10.91 -11.60 35.34
N TYR H 26 -9.91 -12.07 36.07
CA TYR H 26 -9.71 -13.49 36.30
C TYR H 26 -9.72 -13.77 37.80
N GLY H 27 -10.09 -14.99 38.16
CA GLY H 27 -10.12 -15.35 39.56
C GLY H 27 -10.61 -16.76 39.75
N TYR H 28 -11.03 -17.04 40.99
CA TYR H 28 -11.38 -18.38 41.42
C TYR H 28 -12.77 -18.36 42.06
N HIS H 29 -13.21 -19.55 42.49
CA HIS H 29 -14.45 -19.70 43.24
C HIS H 29 -14.31 -20.94 44.10
N HIS H 30 -14.20 -20.75 45.41
CA HIS H 30 -14.00 -21.85 46.35
C HIS H 30 -15.31 -22.30 46.96
N GLN H 31 -15.39 -23.59 47.28
CA GLN H 31 -16.51 -24.15 48.02
C GLN H 31 -15.96 -25.08 49.08
N ASN H 32 -16.41 -24.92 50.33
CA ASN H 32 -16.06 -25.82 51.41
C ASN H 32 -17.15 -25.73 52.47
N GLU H 33 -16.88 -26.29 53.65
CA GLU H 33 -17.84 -26.27 54.74
C GLU H 33 -18.00 -24.88 55.36
N GLN H 34 -16.99 -24.00 55.21
CA GLN H 34 -17.06 -22.67 55.76
C GLN H 34 -17.85 -21.70 54.90
N GLY H 35 -18.24 -22.09 53.69
CA GLY H 35 -19.03 -21.25 52.82
C GLY H 35 -18.51 -21.33 51.41
N SER H 36 -18.88 -20.33 50.61
CA SER H 36 -18.47 -20.24 49.23
C SER H 36 -18.49 -18.78 48.79
N GLY H 37 -17.87 -18.52 47.64
CA GLY H 37 -17.83 -17.17 47.13
C GLY H 37 -16.95 -17.08 45.91
N TYR H 38 -16.65 -15.85 45.52
CA TYR H 38 -15.78 -15.55 44.39
C TYR H 38 -14.60 -14.72 44.87
N ALA H 39 -13.43 -14.98 44.30
CA ALA H 39 -12.20 -14.28 44.68
C ALA H 39 -11.37 -14.06 43.43
N ALA H 40 -11.25 -12.80 43.01
CA ALA H 40 -10.44 -12.47 41.86
C ALA H 40 -8.95 -12.57 42.21
N ASP H 41 -8.16 -13.02 41.23
CA ASP H 41 -6.70 -13.05 41.39
C ASP H 41 -6.14 -11.71 40.94
N LEU H 42 -5.56 -10.97 41.88
CA LEU H 42 -5.23 -9.57 41.64
C LEU H 42 -3.98 -9.41 40.76
N LYS H 43 -3.02 -10.32 40.86
CA LYS H 43 -1.76 -10.18 40.12
C LYS H 43 -1.99 -10.33 38.62
N SER H 44 -2.68 -11.40 38.21
CA SER H 44 -2.92 -11.64 36.79
C SER H 44 -3.88 -10.62 36.19
N THR H 45 -4.91 -10.23 36.96
CA THR H 45 -5.85 -9.21 36.51
C THR H 45 -5.16 -7.86 36.33
N GLN H 46 -4.31 -7.47 37.28
CA GLN H 46 -3.61 -6.20 37.17
C GLN H 46 -2.57 -6.22 36.06
N ASN H 47 -1.91 -7.36 35.84
CA ASN H 47 -0.97 -7.48 34.73
C ASN H 47 -1.69 -7.41 33.39
N ALA H 48 -2.86 -8.04 33.29
CA ALA H 48 -3.65 -7.96 32.06
C ALA H 48 -4.15 -6.55 31.81
N ILE H 49 -4.57 -5.85 32.86
CA ILE H 49 -5.04 -4.48 32.73
C ILE H 49 -3.89 -3.56 32.29
N ASP H 50 -2.70 -3.73 32.88
CA ASP H 50 -1.55 -2.93 32.49
C ASP H 50 -1.11 -3.21 31.06
N LYS H 51 -1.10 -4.49 30.65
CA LYS H 51 -0.71 -4.84 29.29
C LYS H 51 -1.71 -4.34 28.26
N ILE H 52 -3.01 -4.44 28.56
CA ILE H 52 -4.03 -3.99 27.62
C ILE H 52 -4.11 -2.47 27.57
N THR H 53 -3.89 -1.79 28.70
CA THR H 53 -3.80 -0.33 28.70
C THR H 53 -2.58 0.13 27.91
N ASN H 54 -1.46 -0.59 28.02
CA ASN H 54 -0.29 -0.29 27.19
C ASN H 54 -0.57 -0.55 25.72
N LYS H 55 -1.38 -1.57 25.42
CA LYS H 55 -1.77 -1.87 24.04
C LYS H 55 -2.62 -0.74 23.44
N VAL H 56 -3.61 -0.26 24.20
CA VAL H 56 -4.51 0.79 23.71
C VAL H 56 -3.76 2.11 23.60
N ASN H 57 -2.96 2.46 24.59
CA ASN H 57 -2.14 3.66 24.51
C ASN H 57 -1.04 3.54 23.47
N SER H 58 -0.65 2.31 23.11
CA SER H 58 0.29 2.11 22.01
C SER H 58 -0.37 2.38 20.66
N VAL H 59 -1.58 1.85 20.45
CA VAL H 59 -2.25 2.09 19.18
C VAL H 59 -2.82 3.49 19.07
N ILE H 60 -2.90 4.23 20.18
CA ILE H 60 -3.28 5.63 20.13
C ILE H 60 -2.08 6.54 19.98
N GLU H 61 -1.05 6.35 20.80
CA GLU H 61 0.04 7.32 20.94
C GLU H 61 1.08 7.25 19.83
N LYS H 62 1.08 6.21 19.00
CA LYS H 62 2.03 6.17 17.89
C LYS H 62 1.59 7.02 16.71
N MET H 63 0.36 7.57 16.76
CA MET H 63 -0.14 8.47 15.73
C MET H 63 0.32 9.88 16.05
N ASN H 64 1.31 10.38 15.32
CA ASN H 64 1.83 11.73 15.50
C ASN H 64 1.51 12.52 14.24
N THR H 65 0.40 13.26 14.28
CA THR H 65 -0.07 14.02 13.13
C THR H 65 0.35 15.47 13.31
N GLN H 66 1.02 16.02 12.29
CA GLN H 66 1.51 17.39 12.33
C GLN H 66 0.38 18.36 12.04
N PHE H 67 0.69 19.66 12.17
CA PHE H 67 -0.25 20.71 11.86
C PHE H 67 -0.36 20.85 10.34
N THR H 68 -1.54 20.63 9.80
CA THR H 68 -1.73 20.69 8.36
C THR H 68 -3.17 21.10 8.05
N ALA H 69 -3.35 21.61 6.83
CA ALA H 69 -4.67 21.95 6.32
C ALA H 69 -4.97 21.07 5.13
N VAL H 70 -6.03 20.27 5.22
CA VAL H 70 -6.39 19.35 4.15
C VAL H 70 -6.94 20.11 2.95
N GLY H 71 -7.77 21.12 3.20
CA GLY H 71 -8.48 21.78 2.12
C GLY H 71 -7.59 22.70 1.31
N LYS H 72 -7.66 22.54 -0.02
CA LYS H 72 -7.02 23.45 -0.96
C LYS H 72 -8.09 24.02 -1.89
N GLU H 73 -7.77 25.15 -2.50
CA GLU H 73 -8.72 25.87 -3.35
C GLU H 73 -8.12 26.06 -4.73
N PHE H 74 -8.91 25.74 -5.76
CA PHE H 74 -8.50 25.86 -7.15
C PHE H 74 -9.63 26.49 -7.94
N ASN H 75 -9.27 27.17 -9.03
CA ASN H 75 -10.24 27.85 -9.85
C ASN H 75 -10.78 26.89 -10.91
N HIS H 76 -11.53 27.43 -11.88
CA HIS H 76 -12.15 26.61 -12.91
C HIS H 76 -11.18 26.13 -13.98
N LEU H 77 -10.00 26.75 -14.08
CA LEU H 77 -9.00 26.36 -15.06
C LEU H 77 -7.92 25.48 -14.46
N GLU H 78 -8.08 25.04 -13.22
CA GLU H 78 -7.12 24.16 -12.57
C GLU H 78 -7.80 22.89 -12.13
N LYS H 79 -8.60 22.29 -13.02
CA LYS H 79 -9.34 21.08 -12.71
C LYS H 79 -8.41 19.88 -12.55
N ARG H 80 -7.31 19.83 -13.30
CA ARG H 80 -6.36 18.72 -13.20
C ARG H 80 -5.66 18.69 -11.85
N ILE H 81 -5.27 19.86 -11.33
CA ILE H 81 -4.59 19.94 -10.05
C ILE H 81 -5.56 19.61 -8.92
N GLU H 82 -6.82 20.06 -9.06
CA GLU H 82 -7.87 19.72 -8.11
C GLU H 82 -8.14 18.22 -8.10
N ASN H 83 -8.13 17.59 -9.28
CA ASN H 83 -8.33 16.16 -9.36
C ASN H 83 -7.15 15.39 -8.77
N LEU H 84 -5.94 15.91 -8.95
CA LEU H 84 -4.76 15.30 -8.32
C LEU H 84 -4.82 15.40 -6.79
N ASN H 85 -5.25 16.56 -6.29
CA ASN H 85 -5.40 16.74 -4.84
C ASN H 85 -6.50 15.83 -4.28
N LYS H 86 -7.61 15.68 -5.02
CA LYS H 86 -8.67 14.78 -4.61
C LYS H 86 -8.23 13.32 -4.66
N LYS H 87 -7.39 12.98 -5.64
CA LYS H 87 -6.81 11.64 -5.73
C LYS H 87 -5.90 11.34 -4.55
N VAL H 88 -5.09 12.34 -4.15
CA VAL H 88 -4.23 12.21 -2.97
C VAL H 88 -5.06 12.01 -1.71
N ASP H 89 -6.11 12.82 -1.54
CA ASP H 89 -6.96 12.74 -0.36
C ASP H 89 -7.72 11.41 -0.31
N ASP H 90 -8.22 10.94 -1.45
CA ASP H 90 -8.95 9.67 -1.48
C ASP H 90 -8.02 8.48 -1.30
N GLY H 91 -6.78 8.57 -1.80
CA GLY H 91 -5.81 7.51 -1.54
C GLY H 91 -5.43 7.41 -0.08
N PHE H 92 -5.23 8.56 0.57
CA PHE H 92 -4.97 8.58 2.01
C PHE H 92 -6.17 8.06 2.78
N LEU H 93 -7.38 8.40 2.33
CA LEU H 93 -8.60 7.92 2.97
C LEU H 93 -8.73 6.40 2.86
N ASP H 94 -8.46 5.85 1.68
CA ASP H 94 -8.54 4.40 1.49
C ASP H 94 -7.47 3.67 2.29
N ILE H 95 -6.25 4.21 2.32
CA ILE H 95 -5.16 3.59 3.09
C ILE H 95 -5.49 3.59 4.58
N TRP H 96 -5.94 4.73 5.10
CA TRP H 96 -6.19 4.81 6.52
C TRP H 96 -7.44 4.04 6.93
N THR H 97 -8.45 3.98 6.06
CA THR H 97 -9.63 3.17 6.34
C THR H 97 -9.30 1.69 6.39
N TYR H 98 -8.50 1.21 5.42
CA TYR H 98 -8.13 -0.20 5.37
C TYR H 98 -7.28 -0.59 6.56
N ASN H 99 -6.24 0.20 6.85
CA ASN H 99 -5.35 -0.12 7.96
C ASN H 99 -6.02 0.06 9.31
N ALA H 100 -6.92 1.04 9.45
CA ALA H 100 -7.63 1.24 10.70
C ALA H 100 -8.59 0.10 10.98
N GLU H 101 -9.36 -0.32 9.96
CA GLU H 101 -10.32 -1.40 10.14
C GLU H 101 -9.61 -2.72 10.43
N LEU H 102 -8.57 -3.05 9.64
CA LEU H 102 -7.85 -4.30 9.86
C LEU H 102 -7.05 -4.28 11.15
N LEU H 103 -6.49 -3.13 11.54
CA LEU H 103 -5.79 -3.03 12.82
C LEU H 103 -6.75 -3.28 13.97
N VAL H 104 -7.95 -2.70 13.91
CA VAL H 104 -8.95 -2.94 14.95
C VAL H 104 -9.33 -4.41 15.01
N LEU H 105 -9.50 -5.05 13.84
CA LEU H 105 -9.88 -6.47 13.80
C LEU H 105 -8.79 -7.37 14.38
N LEU H 106 -7.54 -7.21 13.95
CA LEU H 106 -6.46 -8.05 14.49
C LEU H 106 -6.18 -7.75 15.96
N GLU H 107 -6.35 -6.51 16.44
CA GLU H 107 -6.10 -6.31 17.86
C GLU H 107 -7.24 -6.84 18.73
N ASN H 108 -8.49 -6.86 18.26
CA ASN H 108 -9.53 -7.58 19.01
C ASN H 108 -9.26 -9.08 19.02
N GLU H 109 -8.78 -9.62 17.89
CA GLU H 109 -8.42 -11.04 17.83
C GLU H 109 -7.31 -11.38 18.81
N ARG H 110 -6.26 -10.54 18.85
CA ARG H 110 -5.14 -10.80 19.75
C ARG H 110 -5.51 -10.53 21.20
N THR H 111 -6.43 -9.60 21.47
CA THR H 111 -6.88 -9.36 22.84
C THR H 111 -7.67 -10.54 23.38
N LEU H 112 -8.58 -11.11 22.57
CA LEU H 112 -9.32 -12.27 23.03
C LEU H 112 -8.43 -13.51 23.15
N ASP H 113 -7.44 -13.64 22.26
CA ASP H 113 -6.46 -14.71 22.40
C ASP H 113 -5.62 -14.53 23.66
N TYR H 114 -5.28 -13.28 24.00
CA TYR H 114 -4.53 -12.99 25.22
C TYR H 114 -5.33 -13.32 26.47
N HIS H 115 -6.63 -13.02 26.46
CA HIS H 115 -7.47 -13.36 27.61
C HIS H 115 -7.61 -14.87 27.77
N ASP H 116 -7.80 -15.59 26.66
CA ASP H 116 -7.88 -17.05 26.72
C ASP H 116 -6.56 -17.66 27.17
N SER H 117 -5.44 -17.08 26.74
CA SER H 117 -4.13 -17.55 27.17
C SER H 117 -3.91 -17.29 28.66
N ASN H 118 -4.41 -16.16 29.17
CA ASN H 118 -4.29 -15.86 30.59
C ASN H 118 -5.10 -16.84 31.45
N VAL H 119 -6.32 -17.17 31.02
CA VAL H 119 -7.12 -18.14 31.75
C VAL H 119 -6.51 -19.54 31.66
N LYS H 120 -5.94 -19.89 30.49
CA LYS H 120 -5.24 -21.16 30.33
C LYS H 120 -4.01 -21.23 31.23
N ASN H 121 -3.25 -20.13 31.34
CA ASN H 121 -2.06 -20.11 32.17
C ASN H 121 -2.41 -20.19 33.65
N LEU H 122 -3.51 -19.55 34.06
CA LEU H 122 -3.95 -19.64 35.45
C LEU H 122 -4.38 -21.06 35.81
N TYR H 123 -5.14 -21.70 34.91
CA TYR H 123 -5.53 -23.09 35.12
C TYR H 123 -4.33 -24.02 35.13
N GLU H 124 -3.35 -23.77 34.26
CA GLU H 124 -2.14 -24.59 34.23
C GLU H 124 -1.29 -24.40 35.49
N LYS H 125 -1.26 -23.19 36.04
CA LYS H 125 -0.55 -22.95 37.30
C LYS H 125 -1.20 -23.72 38.44
N VAL H 126 -2.52 -23.70 38.52
CA VAL H 126 -3.22 -24.47 39.56
C VAL H 126 -3.06 -25.98 39.34
N ARG H 127 -3.04 -26.41 38.07
CA ARG H 127 -2.88 -27.83 37.77
C ARG H 127 -1.48 -28.34 38.12
N SER H 128 -0.45 -27.54 37.84
CA SER H 128 0.91 -27.93 38.22
C SER H 128 1.11 -27.83 39.73
N GLN H 129 0.32 -26.98 40.40
CA GLN H 129 0.43 -26.86 41.84
C GLN H 129 -0.21 -28.06 42.55
N LEU H 130 -1.39 -28.49 42.10
CA LEU H 130 -2.13 -29.51 42.83
C LEU H 130 -1.60 -30.93 42.62
N LYS H 131 -1.22 -31.26 41.38
CA LYS H 131 -0.77 -32.60 40.94
C LYS H 131 -1.88 -33.60 41.23
N ASN H 132 -1.64 -34.68 41.97
CA ASN H 132 -2.61 -35.74 42.17
C ASN H 132 -3.58 -35.48 43.33
N ASN H 133 -3.41 -34.38 44.06
CA ASN H 133 -4.23 -34.12 45.23
C ASN H 133 -5.62 -33.61 44.89
N ALA H 134 -5.89 -33.25 43.63
CA ALA H 134 -7.18 -32.73 43.23
C ALA H 134 -7.75 -33.55 42.09
N LYS H 135 -9.07 -33.70 42.09
CA LYS H 135 -9.79 -34.41 41.05
C LYS H 135 -10.31 -33.39 40.04
N GLU H 136 -9.75 -33.42 38.83
CA GLU H 136 -10.21 -32.55 37.74
C GLU H 136 -11.56 -33.06 37.26
N ILE H 137 -12.63 -32.35 37.62
CA ILE H 137 -13.99 -32.82 37.37
C ILE H 137 -14.61 -32.14 36.15
N GLY H 138 -13.82 -31.46 35.34
CA GLY H 138 -14.39 -30.73 34.23
C GLY H 138 -14.92 -29.38 34.66
N ASN H 139 -15.55 -28.71 33.70
CA ASN H 139 -15.95 -27.29 33.77
C ASN H 139 -14.73 -26.43 34.11
N GLY H 140 -13.59 -26.82 33.55
CA GLY H 140 -12.33 -26.09 33.68
C GLY H 140 -11.80 -25.93 35.09
N CYS H 141 -11.99 -26.93 35.95
CA CYS H 141 -11.59 -26.78 37.35
C CYS H 141 -11.43 -28.12 38.04
N PHE H 142 -11.25 -28.08 39.37
CA PHE H 142 -10.81 -29.20 40.17
C PHE H 142 -11.73 -29.42 41.36
N GLU H 143 -11.74 -30.65 41.86
CA GLU H 143 -12.33 -30.99 43.15
C GLU H 143 -11.25 -31.57 44.04
N PHE H 144 -11.17 -31.09 45.27
CA PHE H 144 -10.11 -31.50 46.18
C PHE H 144 -10.43 -32.88 46.76
N TYR H 145 -9.42 -33.76 46.76
CA TYR H 145 -9.61 -35.10 47.29
C TYR H 145 -9.68 -35.10 48.81
N HIS H 146 -9.09 -34.11 49.46
CA HIS H 146 -9.03 -34.02 50.92
C HIS H 146 -9.85 -32.83 51.39
N LYS H 147 -9.79 -32.57 52.70
CA LYS H 147 -10.42 -31.39 53.27
C LYS H 147 -9.52 -30.18 53.06
N CYS H 148 -10.08 -29.12 52.51
CA CYS H 148 -9.34 -27.90 52.18
C CYS H 148 -10.17 -26.71 52.65
N ASP H 149 -9.79 -26.14 53.80
CA ASP H 149 -10.50 -25.00 54.37
C ASP H 149 -10.01 -23.71 53.70
N ASN H 150 -10.41 -22.56 54.27
CA ASN H 150 -10.13 -21.27 53.64
C ASN H 150 -8.64 -20.93 53.65
N THR H 151 -7.92 -21.35 54.68
CA THR H 151 -6.47 -21.20 54.69
C THR H 151 -5.83 -22.05 53.60
N CYS H 152 -6.32 -23.27 53.41
CA CYS H 152 -5.84 -24.14 52.34
C CYS H 152 -6.14 -23.57 50.96
N MET H 153 -7.35 -23.05 50.75
CA MET H 153 -7.72 -22.46 49.48
C MET H 153 -6.90 -21.20 49.19
N GLU H 154 -6.66 -20.39 50.22
CA GLU H 154 -5.80 -19.22 50.04
C GLU H 154 -4.36 -19.61 49.77
N SER H 155 -3.90 -20.74 50.34
CA SER H 155 -2.55 -21.23 50.05
C SER H 155 -2.45 -21.71 48.61
N VAL H 156 -3.53 -22.29 48.07
CA VAL H 156 -3.57 -22.60 46.64
C VAL H 156 -3.52 -21.31 45.81
N LYS H 157 -4.29 -20.30 46.22
CA LYS H 157 -4.35 -19.04 45.49
C LYS H 157 -3.05 -18.26 45.54
N ASN H 158 -2.22 -18.47 46.57
CA ASN H 158 -0.86 -17.94 46.59
C ASN H 158 -0.03 -18.52 45.45
N GLY H 159 0.17 -19.83 45.47
CA GLY H 159 1.14 -20.47 44.60
C GLY H 159 2.09 -21.29 45.43
N THR H 160 1.79 -21.41 46.72
CA THR H 160 2.66 -22.08 47.70
C THR H 160 1.95 -23.24 48.39
N TYR H 161 0.99 -23.87 47.70
CA TYR H 161 0.34 -25.07 48.23
C TYR H 161 1.33 -26.22 48.16
N ASP H 162 1.93 -26.54 49.31
CA ASP H 162 2.94 -27.60 49.37
C ASP H 162 2.28 -28.96 49.25
N TYR H 163 2.86 -29.82 48.40
CA TYR H 163 2.21 -31.09 48.05
C TYR H 163 2.13 -32.09 49.20
N PRO H 164 3.23 -32.54 49.82
CA PRO H 164 3.14 -33.77 50.64
C PRO H 164 2.43 -33.62 51.97
N LYS H 165 2.02 -32.41 52.37
CA LYS H 165 1.29 -32.27 53.63
C LYS H 165 -0.15 -32.74 53.53
N TYR H 166 -0.69 -32.85 52.31
CA TYR H 166 -2.04 -33.37 52.10
C TYR H 166 -2.06 -34.62 51.23
N SER H 167 -0.90 -35.12 50.80
CA SER H 167 -0.85 -36.21 49.83
C SER H 167 -1.33 -37.52 50.44
N GLU H 168 -1.02 -37.76 51.71
CA GLU H 168 -1.47 -38.98 52.38
C GLU H 168 -2.98 -38.99 52.58
N GLU H 169 -3.55 -37.83 52.94
CA GLU H 169 -4.99 -37.73 53.09
C GLU H 169 -5.70 -37.86 51.74
N ALA H 170 -5.11 -37.30 50.68
CA ALA H 170 -5.66 -37.44 49.35
C ALA H 170 -5.62 -38.89 48.86
N LYS H 171 -4.53 -39.60 49.16
CA LYS H 171 -4.43 -41.00 48.80
C LYS H 171 -5.38 -41.87 49.62
N LEU H 172 -5.60 -41.52 50.88
CA LEU H 172 -6.53 -42.27 51.72
C LEU H 172 -7.97 -42.05 51.29
N ASN H 173 -8.33 -40.82 50.92
CA ASN H 173 -9.69 -40.53 50.50
C ASN H 173 -9.95 -40.83 49.03
N ARG H 174 -8.89 -41.08 48.24
CA ARG H 174 -9.09 -41.39 46.83
C ARG H 174 -9.64 -42.80 46.64
N GLU H 175 -9.12 -43.76 47.37
CA GLU H 175 -9.56 -45.15 47.26
C GLU H 175 -10.16 -45.65 48.56
#